data_6YMW
#
_entry.id   6YMW
#
_cell.length_a   1.00
_cell.length_b   1.00
_cell.length_c   1.00
_cell.angle_alpha   90.00
_cell.angle_beta   90.00
_cell.angle_gamma   90.00
#
_symmetry.space_group_name_H-M   'P 1'
#
loop_
_entity.id
_entity.type
_entity.pdbx_description
1 polymer 'Mitochondrial transcription factor 1'
2 polymer 'DNA-directed RNA polymerase, mitochondrial'
3 polymer 'Chains: N'
4 polymer 'Chains: T'
5 polymer 'RNA (pppGpG)'
6 non-polymer '[[(2~{R},3~{S},4~{R},5~{R})-5-[2,4-bis(oxidanylidene)pyrimidin-1-yl]-3,4-bis(oxidanyl)oxolan-2-yl]methoxy-sulfanyl-phosphoryl] phosphono hydrogen phosphate'
7 non-polymer 'MAGNESIUM ION'
#
loop_
_entity_poly.entity_id
_entity_poly.type
_entity_poly.pdbx_seq_one_letter_code
_entity_poly.pdbx_strand_id
1 'polypeptide(L)'
;MGGSHHHHHHGMASSVPIPGIKDISKLKFFYGFKYLWNPTVYNKIFDKLDLTKTYKHPEELKVLDLYPGVGIQSAIFYNK
YCPRQYSLLEKRSSLYKFLNAKFEGSPLQILKRDPYDWSTYSNLIDEERIFVPEVQSSDHINDKFLTVANVTGEGSEGLI
MQWLSCIGNKNWLYRFGKVKMLLWMPSTTARKLLARPGMHSRSKCSVVREAFTDTKLIAISDANELKGFDSQCIEEWDPI
LFSAAEIWPTKGKPIALVEMDPIDFDFDVDNWDYVTRHLMILKRTPLNTVMDSLGHGGQQYFNSRITDKDLLKKCPIDLT
NDEFIYLTKLFMEWPFKPDILMDFVDMYQTEHSG
;
B
2 'polypeptide(L)'
;GAMGSGIQRPSAVTSMTRTRDVMQLWSLLEACLQSNLMKRAFSILESLYLVPEHKQRFIEDYNMYLNSFSKNDPNFPILK
MNEKLTNDLETSFKDVNYNDKTLAIMIHHALNFHSTTSSMLLKPIISAYLKMSVNGIREIFSCLDILTISDLNILMNDLK
VITPSQLPNSVRPILESLTLSPTPVNNIENEEGLNKVEAENDSKLHKASNASSDSIKKPSLDPLREVSFHGSTEVLSKDA
EKLIAVDTIGMRVIRHTLLGLSLTPEQKEQISKFKFDANDNVLKMKPTKNDDNNNSINFFEIYNSLPTLEEKKAFESALN
IFNQDRQKVLENRATEAARERWKHDFEEAKARGDISIEKNLNVKLWKWYNEMLPLVKEEINHCRSLLSEKLSDKKGLNKV
DTNRLGYGPYLTLIDPGKMCVITILELLKLNSTGGVIEGMRTARAVISVGKAIEMEFRSEQVLKSESQAFRDVNKKSPEF
KKLVQNAKSVFRSSQIEQSKILWPQSIRARIGSVLISMLIQVAKVSVQGVDPVTKAKVHGEAPAFAHGYQYHNGSKLGVL
KIHKTLIRQLNGERLIASVQPQLLPMLVEPKPWVNWRSGGYHYTQSTLLRTKDSPEQVAYLKAASDNGDIDRVYDGLNVL
GRTPWTVNRKVFDVVSQVWNKGEGFLDIPGAQDEMVLPPAPPKNSDPSILRAWKLQVKTIANKFSSDRSNRCDTNYKLEI
ARAFLGEKLYFPHNLDFRGRAYPLSPHFNHLGNDMSRGLLIFWHGKKLGPSGLKWLKIHLSNLFGFDKLPLKDRVAFTES
HLQDIKDSAENPLTGDRWWTTADKPWQALATCFELNEVMKMDNPEEFISHQPVHQDGTCNGLQHYAALGGDVEGATQVNL
VPSDKPQDVYAHVARLVQKRLEIAAEKGDENAKILKDKITRKVVKQTVMTNVYGVTYVGATFQIAKQLSPIFDDRKESLD
FSKYLTKHVFSAIRELFHSAHLIQDWLGESAKRISKSIRLDVDEKSFKNGNKPDFMSSVIWTTPLGLPIVQPYREESKKQ
VETNLQTVFISDPFAVNPVNARRQKAGLPPNFIHSLDASHMLLSAAECGKQGLDFASVHDSYWTHASDIDTMNVVLREQF
IKLHEVDLVLRLKEEFDQRYKNYVKIGKLKRSTDLAQKIIRIRKDLSRKLGRSTTLADEIYFEKKRQELLNSPLIEDRNV
GEKMVTTVSLFEDITDLDALELENGGDENSGMSVLLPLRLPEIPPKGDFDVTVLRNSQYFFS
;
A
3 'polydeoxyribonucleotide'
;(DC)(DG)(DA)(DA)(DT)(DA)(DA)(DG)(DT)(DA)(DT)(DT)(DG)(DA)(DT)(DA)(DT)(DA)(DA)(DG)
(DT)(DA)(DA)(DT)(DA)(DG)(DA)(DT)(DA)(DA)(DT)(DG)(DC)
;
N
4 'polydeoxyribonucleotide'
;(DG)(DC)(DA)(DT)(DT)(DA)(DT)(DC)(DT)(DA)(DC)(DC)(DG)(DA)(DC)(DA)(DA)(DT)(DA)(DT)
(DC)(DA)(DA)(DT)(DA)(DC)(DT)(DT)(DA)(DT)(DT)(DC)(DG)
;
T
5 'polyribonucleotide' (GTP)G C
#
loop_
_chem_comp.id
_chem_comp.type
_chem_comp.name
_chem_comp.formula
DA DNA linking 2'-DEOXYADENOSINE-5'-MONOPHOSPHATE 'C10 H14 N5 O6 P'
DC DNA linking 2'-DEOXYCYTIDINE-5'-MONOPHOSPHATE 'C9 H14 N3 O7 P'
DG DNA linking 2'-DEOXYGUANOSINE-5'-MONOPHOSPHATE 'C10 H14 N5 O7 P'
DT DNA linking THYMIDINE-5'-MONOPHOSPHATE 'C10 H15 N2 O8 P'
G RNA linking GUANOSINE-5'-MONOPHOSPHATE 'C10 H14 N5 O8 P'
GTP non-polymer GUANOSINE-5'-TRIPHOSPHATE 'C10 H16 N5 O14 P3'
MG non-polymer 'MAGNESIUM ION' 'Mg 2'
P5E non-polymer '[[(2~{R},3~{S},4~{R},5~{R})-5-[2,4-bis(oxidanylidene)pyrimidin-1-yl]-3,4-bis(oxidanyl)oxolan-2-yl]methoxy-sulfanyl-phosphoryl] phosphono hydrogen phosphate' 'C9 H15 N2 O14 P3 S'
#
# COMPACT_ATOMS: atom_id res chain seq x y z
N SER A 15 -54.90 22.58 -6.38
CA SER A 15 -54.26 23.59 -7.22
C SER A 15 -52.84 23.86 -6.73
N VAL A 16 -51.91 22.99 -7.12
CA VAL A 16 -50.52 23.16 -6.69
C VAL A 16 -49.88 24.30 -7.47
N PRO A 17 -49.27 25.28 -6.80
CA PRO A 17 -48.60 26.38 -7.51
C PRO A 17 -47.25 25.93 -8.03
N ILE A 18 -47.05 26.06 -9.34
CA ILE A 18 -45.82 25.59 -9.97
C ILE A 18 -44.76 26.68 -9.87
N PRO A 19 -43.54 26.37 -9.44
CA PRO A 19 -42.48 27.37 -9.39
C PRO A 19 -41.89 27.62 -10.77
N GLY A 20 -41.67 28.90 -11.08
CA GLY A 20 -41.14 29.31 -12.36
C GLY A 20 -39.67 29.62 -12.29
N ILE A 21 -39.19 30.32 -13.33
CA ILE A 21 -37.76 30.67 -13.38
C ILE A 21 -37.42 31.72 -12.34
N LYS A 22 -38.39 32.54 -11.94
CA LYS A 22 -38.13 33.59 -10.97
C LYS A 22 -37.70 33.01 -9.63
N ASP A 23 -38.49 32.07 -9.09
CA ASP A 23 -38.13 31.48 -7.81
C ASP A 23 -36.83 30.68 -7.91
N ILE A 24 -36.74 29.79 -8.89
CA ILE A 24 -35.62 28.86 -8.96
C ILE A 24 -34.36 29.56 -9.42
N SER A 25 -34.47 30.84 -9.75
CA SER A 25 -33.27 31.64 -9.95
C SER A 25 -32.66 32.07 -8.63
N LYS A 26 -33.42 32.04 -7.55
CA LYS A 26 -32.95 32.53 -6.25
C LYS A 26 -32.05 31.52 -5.55
N LEU A 27 -32.27 30.23 -5.75
CA LEU A 27 -31.47 29.21 -5.09
C LEU A 27 -30.03 29.26 -5.59
N LYS A 28 -29.10 29.51 -4.67
CA LYS A 28 -27.70 29.66 -5.04
C LYS A 28 -26.96 28.35 -5.14
N PHE A 29 -27.31 27.36 -4.33
CA PHE A 29 -26.61 26.08 -4.30
C PHE A 29 -27.47 24.99 -4.92
N PHE A 30 -26.83 24.12 -5.71
CA PHE A 30 -27.51 22.97 -6.29
C PHE A 30 -26.72 21.68 -6.16
N TYR A 31 -25.51 21.73 -5.60
CA TYR A 31 -24.69 20.54 -5.38
C TYR A 31 -24.27 19.89 -6.70
N GLY A 32 -24.60 20.51 -7.82
CA GLY A 32 -24.21 20.01 -9.12
C GLY A 32 -25.33 19.44 -9.96
N PHE A 33 -26.56 19.45 -9.48
CA PHE A 33 -27.68 18.87 -10.22
C PHE A 33 -28.29 19.92 -11.15
N LYS A 34 -28.59 19.50 -12.37
CA LYS A 34 -29.24 20.34 -13.36
C LYS A 34 -30.67 19.86 -13.52
N TYR A 35 -31.62 20.77 -13.39
CA TYR A 35 -33.03 20.43 -13.54
C TYR A 35 -33.59 21.13 -14.76
N LEU A 36 -34.87 20.91 -15.02
CA LEU A 36 -35.59 21.57 -16.11
C LEU A 36 -36.73 22.37 -15.51
N TRP A 37 -37.03 23.52 -16.12
CA TRP A 37 -38.05 24.41 -15.59
C TRP A 37 -39.14 24.81 -16.57
N ASN A 38 -38.97 24.58 -17.85
CA ASN A 38 -39.97 25.00 -18.83
C ASN A 38 -41.21 24.13 -18.72
N PRO A 39 -42.38 24.71 -18.45
CA PRO A 39 -43.60 23.87 -18.38
C PRO A 39 -44.02 23.32 -19.73
N THR A 40 -43.69 23.99 -20.83
CA THR A 40 -44.15 23.54 -22.13
C THR A 40 -43.49 22.22 -22.53
N VAL A 41 -42.17 22.11 -22.32
CA VAL A 41 -41.51 20.85 -22.64
C VAL A 41 -41.96 19.75 -21.70
N TYR A 42 -42.25 20.07 -20.43
CA TYR A 42 -42.75 19.05 -19.53
C TYR A 42 -44.14 18.56 -19.94
N ASN A 43 -45.00 19.46 -20.39
CA ASN A 43 -46.29 19.00 -20.89
C ASN A 43 -46.10 18.12 -22.12
N LYS A 44 -45.19 18.54 -23.01
CA LYS A 44 -44.89 17.73 -24.19
C LYS A 44 -44.38 16.35 -23.79
N ILE A 45 -43.53 16.28 -22.76
CA ILE A 45 -42.98 15.00 -22.32
C ILE A 45 -44.06 14.10 -21.76
N PHE A 46 -44.93 14.67 -20.91
CA PHE A 46 -45.97 13.83 -20.33
C PHE A 46 -47.04 13.44 -21.34
N ASP A 47 -47.15 14.16 -22.45
CA ASP A 47 -47.96 13.64 -23.55
C ASP A 47 -47.23 12.54 -24.33
N LYS A 48 -45.92 12.69 -24.52
CA LYS A 48 -45.17 11.67 -25.24
C LYS A 48 -45.14 10.36 -24.48
N LEU A 49 -44.99 10.42 -23.16
CA LEU A 49 -44.95 9.19 -22.36
C LEU A 49 -46.32 8.55 -22.28
N ASP A 50 -47.39 9.36 -22.26
CA ASP A 50 -48.77 8.87 -22.23
C ASP A 50 -48.99 7.97 -21.01
N LEU A 51 -48.67 8.49 -19.83
CA LEU A 51 -48.77 7.70 -18.62
C LEU A 51 -50.17 7.24 -18.31
N THR A 52 -51.18 7.90 -18.85
CA THR A 52 -52.54 7.44 -18.57
C THR A 52 -52.88 6.14 -19.26
N LYS A 53 -51.96 5.43 -19.94
CA LYS A 53 -52.30 4.13 -20.50
C LYS A 53 -52.10 3.00 -19.51
N THR A 54 -51.03 3.03 -18.72
CA THR A 54 -50.79 1.94 -17.78
C THR A 54 -51.47 2.18 -16.44
N TYR A 55 -51.32 3.38 -15.89
CA TYR A 55 -51.91 3.71 -14.60
C TYR A 55 -53.29 4.31 -14.86
N LYS A 56 -54.23 3.42 -15.20
CA LYS A 56 -55.53 3.88 -15.67
C LYS A 56 -56.33 4.55 -14.57
N HIS A 57 -56.06 4.22 -13.32
CA HIS A 57 -56.73 4.91 -12.23
C HIS A 57 -55.63 5.61 -11.46
N PRO A 58 -55.29 6.85 -11.83
CA PRO A 58 -54.30 7.60 -11.05
C PRO A 58 -54.79 7.97 -9.67
N GLU A 59 -56.10 7.96 -9.44
CA GLU A 59 -56.64 8.32 -8.13
C GLU A 59 -56.27 7.31 -7.06
N GLU A 60 -55.50 6.29 -7.42
CA GLU A 60 -55.00 5.29 -6.49
C GLU A 60 -53.49 5.15 -6.58
N LEU A 61 -52.86 5.69 -7.63
CA LEU A 61 -51.43 5.57 -7.82
C LEU A 61 -50.66 6.33 -6.74
N LYS A 62 -49.50 5.80 -6.40
CA LYS A 62 -48.59 6.40 -5.43
C LYS A 62 -47.23 6.57 -6.11
N VAL A 63 -46.75 7.79 -6.17
CA VAL A 63 -45.51 8.12 -6.86
C VAL A 63 -44.43 8.43 -5.84
N LEU A 64 -43.23 7.91 -6.06
CA LEU A 64 -42.09 8.14 -5.19
C LEU A 64 -41.03 8.90 -5.97
N ASP A 65 -40.90 10.19 -5.70
CA ASP A 65 -39.98 11.07 -6.42
C ASP A 65 -38.67 11.18 -5.66
N LEU A 66 -37.61 10.62 -6.23
CA LEU A 66 -36.29 10.74 -5.64
C LEU A 66 -35.57 11.94 -6.25
N TYR A 67 -34.79 12.63 -5.44
CA TYR A 67 -33.99 13.76 -5.88
C TYR A 67 -34.81 14.80 -6.64
N PRO A 68 -35.92 15.29 -6.08
CA PRO A 68 -36.77 16.19 -6.86
C PRO A 68 -36.15 17.54 -7.13
N GLY A 69 -35.36 18.08 -6.19
CA GLY A 69 -34.75 19.38 -6.40
C GLY A 69 -35.73 20.53 -6.43
N VAL A 70 -35.85 21.16 -7.60
CA VAL A 70 -36.65 22.38 -7.70
C VAL A 70 -38.15 22.06 -7.61
N GLY A 71 -38.56 20.86 -8.01
CA GLY A 71 -39.95 20.49 -7.84
C GLY A 71 -40.90 21.09 -8.84
N ILE A 72 -40.52 21.16 -10.11
CA ILE A 72 -41.42 21.61 -11.16
C ILE A 72 -42.09 20.42 -11.84
N GLN A 73 -41.30 19.39 -12.12
CA GLN A 73 -41.85 18.15 -12.65
C GLN A 73 -42.91 17.60 -11.73
N SER A 74 -42.70 17.74 -10.43
CA SER A 74 -43.65 17.25 -9.45
C SER A 74 -44.95 18.03 -9.50
N ALA A 75 -44.86 19.36 -9.53
CA ALA A 75 -46.07 20.16 -9.57
C ALA A 75 -46.88 19.89 -10.84
N ILE A 76 -46.20 19.75 -11.99
CA ILE A 76 -46.93 19.51 -13.22
C ILE A 76 -47.55 18.11 -13.20
N PHE A 77 -46.80 17.12 -12.73
CA PHE A 77 -47.35 15.77 -12.61
C PHE A 77 -48.60 15.77 -11.75
N TYR A 78 -48.56 16.45 -10.60
CA TYR A 78 -49.73 16.45 -9.73
C TYR A 78 -50.89 17.17 -10.37
N ASN A 79 -50.63 18.30 -11.04
CA ASN A 79 -51.75 19.02 -11.64
C ASN A 79 -52.37 18.24 -12.78
N LYS A 80 -51.59 17.39 -13.45
CA LYS A 80 -52.16 16.64 -14.56
C LYS A 80 -52.82 15.33 -14.15
N TYR A 81 -52.27 14.61 -13.17
CA TYR A 81 -52.77 13.28 -12.86
C TYR A 81 -53.41 13.14 -11.50
N CYS A 82 -53.08 13.98 -10.53
CA CYS A 82 -53.57 13.90 -9.16
C CYS A 82 -53.39 12.49 -8.59
N PRO A 83 -52.16 12.04 -8.35
CA PRO A 83 -51.98 10.72 -7.73
C PRO A 83 -52.43 10.73 -6.28
N ARG A 84 -52.34 9.61 -5.58
CA ARG A 84 -52.77 9.60 -4.19
C ARG A 84 -51.69 10.07 -3.24
N GLN A 85 -50.43 9.73 -3.50
CA GLN A 85 -49.34 10.09 -2.62
C GLN A 85 -48.10 10.38 -3.46
N TYR A 86 -47.53 11.55 -3.28
CA TYR A 86 -46.36 11.98 -4.04
C TYR A 86 -45.29 12.36 -3.04
N SER A 87 -44.26 11.53 -2.92
CA SER A 87 -43.22 11.71 -1.89
C SER A 87 -41.95 12.26 -2.52
N LEU A 88 -41.60 13.49 -2.20
CA LEU A 88 -40.38 14.12 -2.69
C LEU A 88 -39.29 13.93 -1.65
N LEU A 89 -38.30 13.10 -1.95
CA LEU A 89 -37.21 12.82 -1.03
C LEU A 89 -36.01 13.69 -1.41
N GLU A 90 -35.96 14.90 -0.86
CA GLU A 90 -34.86 15.82 -1.13
C GLU A 90 -34.22 16.26 0.19
N LYS A 91 -33.02 15.76 0.47
CA LYS A 91 -32.27 16.15 1.66
C LYS A 91 -31.16 17.12 1.29
N ARG A 92 -31.56 18.36 1.02
CA ARG A 92 -30.59 19.42 0.76
C ARG A 92 -31.18 20.73 1.23
N SER A 93 -30.32 21.57 1.83
CA SER A 93 -30.82 22.66 2.66
C SER A 93 -31.67 23.64 1.88
N SER A 94 -31.09 24.26 0.84
CA SER A 94 -31.82 25.27 0.09
C SER A 94 -33.01 24.68 -0.65
N LEU A 95 -32.85 23.48 -1.20
CA LEU A 95 -33.95 22.88 -1.93
C LEU A 95 -35.07 22.45 -0.99
N TYR A 96 -34.74 21.92 0.17
CA TYR A 96 -35.78 21.60 1.14
C TYR A 96 -36.51 22.84 1.60
N LYS A 97 -35.77 23.92 1.86
CA LYS A 97 -36.42 25.18 2.24
C LYS A 97 -37.36 25.64 1.15
N PHE A 98 -36.92 25.55 -0.11
CA PHE A 98 -37.75 25.93 -1.24
C PHE A 98 -39.03 25.11 -1.25
N LEU A 99 -38.91 23.80 -1.10
CA LEU A 99 -40.08 22.93 -1.18
C LEU A 99 -41.05 23.19 -0.04
N ASN A 100 -40.54 23.56 1.14
CA ASN A 100 -41.46 23.83 2.25
C ASN A 100 -42.04 25.23 2.21
N ALA A 101 -41.39 26.15 1.49
CA ALA A 101 -41.98 27.48 1.32
C ALA A 101 -42.92 27.58 0.13
N LYS A 102 -42.82 26.68 -0.84
CA LYS A 102 -43.71 26.72 -2.00
C LYS A 102 -44.83 25.69 -1.95
N PHE A 103 -44.54 24.48 -1.49
CA PHE A 103 -45.53 23.41 -1.43
C PHE A 103 -46.00 23.18 0.00
N GLU A 104 -46.15 24.26 0.77
CA GLU A 104 -46.56 24.15 2.16
C GLU A 104 -48.06 23.91 2.23
N GLY A 105 -48.47 22.91 2.99
CA GLY A 105 -49.85 22.49 3.04
C GLY A 105 -50.34 21.82 1.78
N SER A 106 -49.57 21.88 0.70
CA SER A 106 -50.01 21.30 -0.57
C SER A 106 -50.08 19.79 -0.44
N PRO A 107 -50.99 19.13 -1.17
CA PRO A 107 -51.14 17.69 -1.05
C PRO A 107 -49.90 16.90 -1.43
N LEU A 108 -48.85 17.57 -1.88
CA LEU A 108 -47.57 16.88 -2.03
C LEU A 108 -46.99 16.56 -0.67
N GLN A 109 -46.28 15.44 -0.62
CA GLN A 109 -45.65 14.99 0.62
C GLN A 109 -44.16 15.27 0.49
N ILE A 110 -43.69 16.29 1.19
CA ILE A 110 -42.30 16.71 1.17
C ILE A 110 -41.61 16.10 2.37
N LEU A 111 -40.58 15.28 2.12
CA LEU A 111 -39.83 14.62 3.17
C LEU A 111 -38.38 15.06 3.08
N LYS A 112 -37.78 15.32 4.24
CA LYS A 112 -36.37 15.69 4.31
C LYS A 112 -35.59 14.42 4.62
N ARG A 113 -35.38 13.61 3.58
CA ARG A 113 -34.69 12.34 3.71
C ARG A 113 -33.75 12.17 2.53
N ASP A 114 -32.54 11.73 2.83
CA ASP A 114 -31.57 11.46 1.77
C ASP A 114 -32.01 10.22 1.01
N PRO A 115 -32.27 10.31 -0.29
CA PRO A 115 -32.60 9.11 -1.07
C PRO A 115 -31.39 8.30 -1.49
N TYR A 116 -30.18 8.81 -1.27
CA TYR A 116 -28.99 8.06 -1.69
C TYR A 116 -28.80 6.79 -0.87
N ASP A 117 -28.97 6.88 0.44
CA ASP A 117 -28.67 5.74 1.28
C ASP A 117 -29.77 4.69 1.21
N TRP A 118 -29.34 3.42 1.12
CA TRP A 118 -30.30 2.33 1.05
C TRP A 118 -31.26 2.34 2.23
N SER A 119 -30.75 2.73 3.41
CA SER A 119 -31.56 2.70 4.62
C SER A 119 -32.83 3.53 4.50
N THR A 120 -32.81 4.60 3.71
CA THR A 120 -33.99 5.47 3.61
C THR A 120 -35.22 4.69 3.18
N TYR A 121 -35.08 3.85 2.17
CA TYR A 121 -36.20 3.06 1.68
C TYR A 121 -36.63 2.02 2.70
N SER A 122 -35.68 1.37 3.37
CA SER A 122 -36.04 0.39 4.38
C SER A 122 -36.82 1.06 5.50
N ASN A 123 -36.36 2.22 5.95
CA ASN A 123 -37.04 2.95 7.01
C ASN A 123 -38.42 3.39 6.57
N LEU A 124 -38.53 3.93 5.36
CA LEU A 124 -39.79 4.49 4.91
C LEU A 124 -40.85 3.41 4.68
N ILE A 125 -40.53 2.41 3.87
CA ILE A 125 -41.53 1.40 3.56
C ILE A 125 -41.71 0.41 4.70
N ASP A 126 -40.62 0.01 5.36
CA ASP A 126 -40.64 -1.10 6.31
C ASP A 126 -40.93 -0.63 7.73
N GLU A 127 -40.09 0.26 8.26
CA GLU A 127 -40.15 0.59 9.68
C GLU A 127 -41.29 1.54 9.97
N GLU A 128 -41.24 2.74 9.41
CA GLU A 128 -42.19 3.78 9.77
C GLU A 128 -43.49 3.69 8.99
N ARG A 129 -43.48 3.07 7.81
CA ARG A 129 -44.69 2.85 7.02
C ARG A 129 -45.36 4.17 6.65
N ILE A 130 -44.55 5.17 6.34
CA ILE A 130 -45.08 6.43 5.81
C ILE A 130 -45.50 6.24 4.35
N PHE A 131 -44.65 5.61 3.55
CA PHE A 131 -44.93 5.36 2.16
C PHE A 131 -44.98 3.85 1.96
N VAL A 132 -46.18 3.31 1.77
CA VAL A 132 -46.39 1.89 1.60
C VAL A 132 -47.04 1.64 0.25
N PRO A 133 -46.27 1.20 -0.74
CA PRO A 133 -46.87 0.86 -2.03
C PRO A 133 -47.31 -0.60 -2.07
N GLU A 134 -47.89 -1.02 -3.19
CA GLU A 134 -48.58 -2.30 -3.29
C GLU A 134 -47.78 -3.21 -4.22
N VAL A 135 -47.39 -4.37 -3.70
CA VAL A 135 -46.59 -5.32 -4.46
C VAL A 135 -47.49 -6.11 -5.41
N GLN A 136 -47.06 -6.26 -6.65
CA GLN A 136 -47.84 -6.94 -7.67
C GLN A 136 -46.96 -7.98 -8.37
N SER A 137 -47.57 -8.72 -9.28
CA SER A 137 -46.87 -9.80 -9.95
C SER A 137 -45.77 -9.24 -10.84
N SER A 138 -44.95 -10.14 -11.37
CA SER A 138 -43.83 -9.79 -12.24
C SER A 138 -44.12 -10.16 -13.69
N ASP A 139 -45.36 -9.99 -14.13
CA ASP A 139 -45.70 -10.21 -15.53
C ASP A 139 -46.14 -8.97 -16.27
N HIS A 140 -46.75 -7.99 -15.59
CA HIS A 140 -47.09 -6.73 -16.20
C HIS A 140 -46.42 -5.58 -15.47
N ILE A 141 -46.17 -4.50 -16.20
CA ILE A 141 -45.55 -3.33 -15.60
C ILE A 141 -46.50 -2.75 -14.56
N ASN A 142 -45.98 -2.52 -13.35
CA ASN A 142 -46.83 -2.21 -12.21
C ASN A 142 -47.73 -1.01 -12.48
N ASP A 143 -48.98 -1.11 -12.03
CA ASP A 143 -50.00 -0.11 -12.28
C ASP A 143 -50.27 0.79 -11.09
N LYS A 144 -49.73 0.50 -9.91
CA LYS A 144 -50.01 1.30 -8.73
C LYS A 144 -48.76 1.91 -8.10
N PHE A 145 -47.62 1.83 -8.78
CA PHE A 145 -46.37 2.38 -8.26
C PHE A 145 -45.53 2.92 -9.40
N LEU A 146 -45.24 4.22 -9.36
CA LEU A 146 -44.38 4.87 -10.35
C LEU A 146 -43.27 5.61 -9.62
N THR A 147 -42.03 5.43 -10.08
CA THR A 147 -40.90 6.13 -9.49
C THR A 147 -40.28 7.06 -10.50
N VAL A 148 -39.96 8.28 -10.06
CA VAL A 148 -39.34 9.30 -10.90
C VAL A 148 -38.10 9.79 -10.18
N ALA A 149 -37.02 10.01 -10.92
CA ALA A 149 -35.76 10.39 -10.31
C ALA A 149 -35.00 11.33 -11.22
N ASN A 150 -34.26 12.25 -10.62
CA ASN A 150 -33.39 13.17 -11.34
C ASN A 150 -31.98 13.00 -10.82
N VAL A 151 -31.26 12.02 -11.36
CA VAL A 151 -29.86 11.79 -10.98
C VAL A 151 -29.02 12.41 -12.09
N THR A 152 -28.72 13.70 -11.95
CA THR A 152 -28.08 14.46 -13.02
C THR A 152 -26.69 14.95 -12.68
N GLY A 153 -26.22 14.75 -11.46
CA GLY A 153 -24.86 15.15 -11.12
C GLY A 153 -23.85 14.36 -11.93
N GLU A 154 -22.78 15.04 -12.35
CA GLU A 154 -21.75 14.36 -13.12
C GLU A 154 -20.94 13.41 -12.26
N GLY A 155 -20.96 13.56 -10.94
CA GLY A 155 -20.23 12.66 -10.08
C GLY A 155 -21.11 11.53 -9.58
N SER A 156 -22.41 11.79 -9.45
CA SER A 156 -23.37 10.82 -8.95
C SER A 156 -23.96 10.00 -10.11
N GLU A 157 -23.08 9.33 -10.84
CA GLU A 157 -23.52 8.39 -11.86
C GLU A 157 -23.55 6.96 -11.37
N GLY A 158 -22.64 6.56 -10.49
CA GLY A 158 -22.67 5.22 -9.94
C GLY A 158 -23.97 4.89 -9.26
N LEU A 159 -24.71 5.89 -8.80
CA LEU A 159 -25.99 5.64 -8.17
C LEU A 159 -26.95 5.01 -9.18
N ILE A 160 -26.92 5.50 -10.42
CA ILE A 160 -27.76 4.93 -11.45
C ILE A 160 -27.39 3.47 -11.67
N MET A 161 -26.10 3.16 -11.64
CA MET A 161 -25.70 1.77 -11.82
C MET A 161 -26.23 0.90 -10.68
N GLN A 162 -26.20 1.41 -9.45
CA GLN A 162 -26.76 0.64 -8.35
C GLN A 162 -28.25 0.42 -8.55
N TRP A 163 -28.96 1.45 -9.00
CA TRP A 163 -30.40 1.31 -9.20
C TRP A 163 -30.72 0.35 -10.33
N LEU A 164 -29.85 0.28 -11.34
CA LEU A 164 -30.02 -0.71 -12.39
C LEU A 164 -29.73 -2.12 -11.90
N SER A 165 -28.68 -2.28 -11.10
CA SER A 165 -28.35 -3.59 -10.59
C SER A 165 -29.46 -4.13 -9.71
N CYS A 166 -30.16 -3.25 -9.00
CA CYS A 166 -31.26 -3.70 -8.14
C CYS A 166 -32.33 -4.45 -8.94
N ILE A 167 -32.51 -4.12 -10.22
CA ILE A 167 -33.47 -4.85 -11.03
C ILE A 167 -33.08 -6.31 -11.15
N GLY A 168 -31.78 -6.59 -11.30
CA GLY A 168 -31.33 -7.97 -11.37
C GLY A 168 -31.56 -8.75 -10.10
N ASN A 169 -31.32 -8.12 -8.95
CA ASN A 169 -31.52 -8.83 -7.70
C ASN A 169 -32.96 -8.77 -7.20
N LYS A 170 -33.76 -7.85 -7.73
CA LYS A 170 -35.14 -7.65 -7.27
C LYS A 170 -35.14 -7.34 -5.77
N ASN A 171 -34.44 -6.29 -5.40
CA ASN A 171 -34.26 -6.14 -3.96
C ASN A 171 -34.61 -4.77 -3.40
N TRP A 172 -34.27 -3.68 -4.10
CA TRP A 172 -34.31 -2.38 -3.47
C TRP A 172 -35.67 -1.68 -3.48
N LEU A 173 -36.23 -1.48 -4.66
CA LEU A 173 -37.59 -1.04 -4.82
C LEU A 173 -38.34 -1.90 -5.80
N TYR A 174 -37.66 -2.82 -6.48
CA TYR A 174 -38.24 -3.71 -7.45
C TYR A 174 -38.78 -4.99 -6.83
N ARG A 175 -38.93 -5.02 -5.51
CA ARG A 175 -39.69 -6.11 -4.92
C ARG A 175 -41.17 -5.90 -5.06
N PHE A 176 -41.60 -4.75 -5.57
CA PHE A 176 -42.98 -4.51 -5.93
C PHE A 176 -43.27 -4.84 -7.38
N GLY A 177 -42.43 -5.64 -8.02
CA GLY A 177 -42.68 -6.09 -9.38
C GLY A 177 -41.84 -5.32 -10.39
N LYS A 178 -42.49 -4.85 -11.45
CA LYS A 178 -41.86 -4.03 -12.47
C LYS A 178 -42.35 -2.60 -12.30
N VAL A 179 -41.62 -1.82 -11.51
CA VAL A 179 -41.93 -0.40 -11.36
C VAL A 179 -41.24 0.38 -12.46
N LYS A 180 -41.99 1.27 -13.10
CA LYS A 180 -41.45 2.07 -14.19
C LYS A 180 -40.76 3.30 -13.63
N MET A 181 -39.58 3.60 -14.16
CA MET A 181 -38.78 4.72 -13.68
C MET A 181 -38.67 5.78 -14.76
N LEU A 182 -38.78 7.04 -14.35
CA LEU A 182 -38.60 8.18 -15.24
C LEU A 182 -37.34 8.89 -14.76
N LEU A 183 -36.24 8.66 -15.45
CA LEU A 183 -34.92 9.00 -14.94
C LEU A 183 -34.29 10.08 -15.80
N TRP A 184 -34.00 11.23 -15.19
CA TRP A 184 -33.13 12.21 -15.82
C TRP A 184 -31.69 11.82 -15.53
N MET A 185 -30.82 11.95 -16.52
CA MET A 185 -29.47 11.46 -16.36
C MET A 185 -28.56 12.23 -17.29
N PRO A 186 -27.28 12.32 -16.98
CA PRO A 186 -26.35 13.01 -17.88
C PRO A 186 -26.40 12.39 -19.27
N SER A 187 -26.06 13.18 -20.27
CA SER A 187 -26.10 12.65 -21.62
C SER A 187 -25.04 11.58 -21.84
N THR A 188 -23.94 11.65 -21.10
CA THR A 188 -22.93 10.60 -21.23
C THR A 188 -23.43 9.28 -20.67
N THR A 189 -24.18 9.33 -19.56
CA THR A 189 -24.77 8.11 -19.05
C THR A 189 -25.81 7.55 -20.02
N ALA A 190 -26.65 8.43 -20.57
CA ALA A 190 -27.63 7.95 -21.54
C ALA A 190 -26.98 7.38 -22.79
N ARG A 191 -25.79 7.87 -23.15
CA ARG A 191 -25.10 7.30 -24.30
C ARG A 191 -24.48 5.94 -23.96
N LYS A 192 -23.97 5.79 -22.74
CA LYS A 192 -23.48 4.49 -22.30
C LYS A 192 -24.60 3.46 -22.21
N LEU A 193 -25.69 3.81 -21.55
CA LEU A 193 -26.76 2.85 -21.30
C LEU A 193 -27.46 2.42 -22.57
N LEU A 194 -27.55 3.32 -23.55
CA LEU A 194 -28.37 3.09 -24.74
C LEU A 194 -27.54 2.79 -25.98
N ALA A 195 -26.37 2.20 -25.83
CA ALA A 195 -25.56 1.83 -26.97
C ALA A 195 -25.90 0.42 -27.44
N ARG A 196 -25.99 0.25 -28.75
CA ARG A 196 -26.33 -1.00 -29.41
C ARG A 196 -25.07 -1.73 -29.82
N PRO A 197 -25.13 -3.05 -30.00
CA PRO A 197 -23.89 -3.83 -30.13
C PRO A 197 -23.03 -3.36 -31.30
N GLY A 198 -21.78 -3.09 -31.01
CA GLY A 198 -20.83 -2.67 -32.02
C GLY A 198 -20.55 -1.19 -32.05
N MET A 199 -21.39 -0.37 -31.42
CA MET A 199 -21.09 1.05 -31.37
C MET A 199 -19.85 1.29 -30.52
N HIS A 200 -19.34 2.52 -30.58
CA HIS A 200 -18.11 2.81 -29.84
C HIS A 200 -18.35 2.88 -28.34
N SER A 201 -19.53 3.33 -27.92
CA SER A 201 -19.84 3.53 -26.51
C SER A 201 -20.49 2.31 -25.87
N ARG A 202 -20.25 1.11 -26.40
CA ARG A 202 -20.82 -0.11 -25.87
C ARG A 202 -19.92 -0.66 -24.77
N SER A 203 -20.44 -0.75 -23.55
CA SER A 203 -19.68 -1.30 -22.43
C SER A 203 -20.63 -2.08 -21.54
N LYS A 204 -20.13 -2.54 -20.40
CA LYS A 204 -20.94 -3.44 -19.57
C LYS A 204 -22.19 -2.76 -19.03
N CYS A 205 -22.15 -1.45 -18.85
CA CYS A 205 -23.38 -0.76 -18.43
C CYS A 205 -24.46 -0.95 -19.49
N SER A 206 -24.06 -0.95 -20.76
CA SER A 206 -25.04 -1.13 -21.81
C SER A 206 -25.58 -2.54 -21.83
N VAL A 207 -24.73 -3.52 -21.54
CA VAL A 207 -25.21 -4.91 -21.52
C VAL A 207 -26.15 -5.12 -20.35
N VAL A 208 -25.87 -4.48 -19.21
CA VAL A 208 -26.78 -4.59 -18.06
C VAL A 208 -28.13 -3.98 -18.42
N ARG A 209 -28.10 -2.79 -19.04
CA ARG A 209 -29.34 -2.15 -19.45
C ARG A 209 -30.13 -3.04 -20.40
N GLU A 210 -29.45 -3.65 -21.36
CA GLU A 210 -30.12 -4.49 -22.35
C GLU A 210 -30.67 -5.76 -21.72
N ALA A 211 -29.94 -6.35 -20.78
CA ALA A 211 -30.35 -7.61 -20.20
C ALA A 211 -31.50 -7.46 -19.22
N PHE A 212 -31.55 -6.35 -18.47
CA PHE A 212 -32.58 -6.21 -17.45
C PHE A 212 -33.74 -5.33 -17.87
N THR A 213 -33.49 -4.35 -18.74
CA THR A 213 -34.45 -3.32 -19.07
C THR A 213 -34.56 -3.11 -20.57
N ASP A 214 -35.66 -2.49 -20.99
CA ASP A 214 -35.77 -1.88 -22.30
C ASP A 214 -36.10 -0.41 -22.09
N THR A 215 -35.19 0.48 -22.49
CA THR A 215 -35.24 1.87 -22.06
C THR A 215 -35.27 2.77 -23.28
N LYS A 216 -36.14 3.77 -23.25
CA LYS A 216 -36.32 4.65 -24.39
C LYS A 216 -35.92 6.07 -24.02
N LEU A 217 -35.45 6.82 -25.00
CA LEU A 217 -34.96 8.18 -24.79
C LEU A 217 -36.14 9.13 -24.97
N ILE A 218 -36.66 9.66 -23.88
CA ILE A 218 -37.89 10.43 -23.97
C ILE A 218 -37.61 11.87 -24.37
N ALA A 219 -36.48 12.42 -23.96
CA ALA A 219 -36.16 13.80 -24.27
C ALA A 219 -34.68 14.03 -24.01
N ILE A 220 -34.06 14.87 -24.84
CA ILE A 220 -32.65 15.18 -24.69
C ILE A 220 -32.50 16.70 -24.73
N SER A 221 -31.37 17.18 -24.22
CA SER A 221 -31.13 18.62 -24.07
C SER A 221 -30.14 19.17 -25.07
N ASP A 222 -30.09 18.60 -26.27
CA ASP A 222 -29.08 19.04 -27.23
C ASP A 222 -29.44 18.50 -28.61
N ALA A 223 -29.05 19.26 -29.63
CA ALA A 223 -29.24 18.81 -31.00
C ALA A 223 -28.09 17.95 -31.50
N ASN A 224 -26.87 18.21 -31.05
CA ASN A 224 -25.71 17.48 -31.51
C ASN A 224 -25.38 16.27 -30.64
N GLU A 225 -26.30 15.84 -29.80
CA GLU A 225 -26.06 14.63 -29.01
C GLU A 225 -26.59 13.39 -29.71
N LEU A 226 -27.62 13.54 -30.55
CA LEU A 226 -28.16 12.40 -31.28
C LEU A 226 -27.13 11.69 -32.15
N LYS A 227 -25.92 12.24 -32.27
CA LYS A 227 -24.84 11.60 -33.01
C LYS A 227 -24.17 10.47 -32.23
N GLY A 228 -24.57 10.21 -30.99
CA GLY A 228 -24.00 9.10 -30.24
C GLY A 228 -24.87 7.87 -30.10
N PHE A 229 -26.14 7.96 -30.47
CA PHE A 229 -27.06 6.85 -30.33
C PHE A 229 -27.29 6.18 -31.68
N ASP A 230 -27.82 4.96 -31.63
CA ASP A 230 -28.01 4.17 -32.85
C ASP A 230 -29.07 4.83 -33.73
N SER A 231 -28.78 4.90 -35.02
CA SER A 231 -29.63 5.69 -35.93
C SER A 231 -31.02 5.07 -36.05
N GLN A 232 -31.10 3.76 -36.25
CA GLN A 232 -32.43 3.15 -36.32
C GLN A 232 -33.17 3.30 -35.01
N CYS A 233 -32.46 3.14 -33.89
CA CYS A 233 -33.12 3.32 -32.60
C CYS A 233 -33.50 4.77 -32.35
N ILE A 234 -32.68 5.71 -32.83
CA ILE A 234 -33.04 7.12 -32.70
C ILE A 234 -34.29 7.44 -33.51
N GLU A 235 -34.44 6.79 -34.67
CA GLU A 235 -35.65 6.98 -35.46
C GLU A 235 -36.85 6.35 -34.75
N GLU A 236 -36.64 5.19 -34.12
CA GLU A 236 -37.75 4.49 -33.47
C GLU A 236 -38.26 5.27 -32.27
N TRP A 237 -37.35 5.81 -31.45
CA TRP A 237 -37.77 6.48 -30.23
C TRP A 237 -38.46 7.80 -30.51
N ASP A 238 -37.95 8.58 -31.47
CA ASP A 238 -38.42 9.93 -31.75
C ASP A 238 -38.28 10.77 -30.49
N PRO A 239 -37.06 11.08 -30.07
CA PRO A 239 -36.89 11.79 -28.81
C PRO A 239 -37.19 13.27 -28.95
N ILE A 240 -37.84 13.83 -27.93
CA ILE A 240 -38.06 15.26 -27.87
C ILE A 240 -36.71 15.95 -27.70
N LEU A 241 -36.56 17.11 -28.32
CA LEU A 241 -35.36 17.92 -28.16
C LEU A 241 -35.73 19.26 -27.55
N PHE A 242 -34.74 19.89 -26.91
CA PHE A 242 -34.87 21.27 -26.50
C PHE A 242 -33.47 21.87 -26.44
N SER A 243 -33.42 23.19 -26.37
CA SER A 243 -32.14 23.88 -26.37
C SER A 243 -31.47 23.74 -25.00
N ALA A 244 -30.20 24.12 -24.94
CA ALA A 244 -29.52 24.11 -23.65
C ALA A 244 -29.96 25.25 -22.75
N ALA A 245 -30.85 26.13 -23.23
CA ALA A 245 -31.35 27.25 -22.47
C ALA A 245 -32.59 26.91 -21.67
N GLU A 246 -32.90 25.62 -21.54
CA GLU A 246 -34.09 25.18 -20.84
C GLU A 246 -33.80 24.68 -19.44
N ILE A 247 -32.64 24.06 -19.22
CA ILE A 247 -32.24 23.69 -17.88
C ILE A 247 -31.80 24.94 -17.13
N TRP A 248 -32.09 25.00 -15.83
CA TRP A 248 -31.75 26.26 -15.17
C TRP A 248 -30.27 26.48 -14.86
N PRO A 249 -29.56 25.56 -14.18
CA PRO A 249 -28.10 25.73 -14.08
C PRO A 249 -27.43 25.31 -15.36
N THR A 250 -26.98 26.28 -16.15
CA THR A 250 -26.60 26.05 -17.54
C THR A 250 -25.11 25.78 -17.73
N LYS A 251 -24.46 25.16 -16.74
CA LYS A 251 -23.02 24.93 -16.82
C LYS A 251 -22.67 23.55 -17.36
N GLY A 252 -23.21 22.50 -16.75
CA GLY A 252 -22.82 21.14 -17.09
C GLY A 252 -23.32 20.69 -18.44
N LYS A 253 -22.94 19.45 -18.78
CA LYS A 253 -23.25 18.87 -20.07
C LYS A 253 -24.76 18.69 -20.22
N PRO A 254 -25.24 18.41 -21.43
CA PRO A 254 -26.69 18.24 -21.62
C PRO A 254 -27.19 17.00 -20.89
N ILE A 255 -28.50 16.96 -20.69
CA ILE A 255 -29.13 15.88 -19.96
C ILE A 255 -30.11 15.17 -20.88
N ALA A 256 -30.55 14.00 -20.45
CA ALA A 256 -31.42 13.15 -21.25
C ALA A 256 -32.36 12.40 -20.33
N LEU A 257 -33.65 12.41 -20.63
CA LEU A 257 -34.61 11.67 -19.83
C LEU A 257 -34.81 10.30 -20.43
N VAL A 258 -34.89 9.28 -19.58
CA VAL A 258 -34.91 7.89 -20.01
C VAL A 258 -35.99 7.17 -19.21
N GLU A 259 -36.95 6.57 -19.92
CA GLU A 259 -37.96 5.76 -19.27
C GLU A 259 -37.46 4.32 -19.21
N MET A 260 -37.51 3.73 -18.02
CA MET A 260 -36.85 2.45 -17.74
C MET A 260 -37.84 1.52 -17.06
N ASP A 261 -38.30 0.50 -17.78
CA ASP A 261 -39.19 -0.51 -17.22
C ASP A 261 -38.52 -1.87 -17.23
N PRO A 262 -38.39 -2.55 -16.09
CA PRO A 262 -37.78 -3.89 -16.08
C PRO A 262 -38.57 -4.88 -16.93
N ILE A 263 -37.87 -5.96 -17.32
CA ILE A 263 -38.47 -7.04 -18.07
C ILE A 263 -38.06 -8.37 -17.46
N ASP A 264 -38.43 -9.47 -18.10
CA ASP A 264 -38.13 -10.79 -17.61
C ASP A 264 -36.70 -11.19 -17.96
N PHE A 265 -36.16 -12.13 -17.18
CA PHE A 265 -34.83 -12.65 -17.46
C PHE A 265 -34.68 -13.96 -16.70
N ASP A 266 -33.97 -14.91 -17.32
CA ASP A 266 -33.78 -16.24 -16.75
C ASP A 266 -32.33 -16.69 -16.91
N PHE A 267 -31.39 -15.84 -16.53
CA PHE A 267 -30.00 -16.23 -16.43
C PHE A 267 -29.58 -16.22 -14.97
N ASP A 268 -28.35 -16.63 -14.71
CA ASP A 268 -27.78 -16.55 -13.38
C ASP A 268 -27.04 -15.24 -13.26
N VAL A 269 -27.56 -14.35 -12.40
CA VAL A 269 -27.07 -12.97 -12.41
C VAL A 269 -25.63 -12.87 -11.91
N ASP A 270 -25.22 -13.78 -11.03
CA ASP A 270 -23.85 -13.69 -10.52
C ASP A 270 -22.85 -14.12 -11.58
N ASN A 271 -23.05 -15.29 -12.17
CA ASN A 271 -22.14 -15.74 -13.22
C ASN A 271 -22.20 -14.83 -14.42
N TRP A 272 -23.37 -14.27 -14.72
CA TRP A 272 -23.46 -13.33 -15.82
C TRP A 272 -22.67 -12.07 -15.51
N ASP A 273 -22.71 -11.59 -14.27
CA ASP A 273 -21.89 -10.44 -13.90
C ASP A 273 -20.41 -10.74 -14.08
N TYR A 274 -19.95 -11.88 -13.56
CA TYR A 274 -18.55 -12.24 -13.71
C TYR A 274 -18.15 -12.28 -15.18
N VAL A 275 -18.88 -13.06 -15.98
CA VAL A 275 -18.50 -13.26 -17.37
C VAL A 275 -18.49 -11.92 -18.11
N THR A 276 -19.53 -11.11 -17.94
CA THR A 276 -19.59 -9.85 -18.67
C THR A 276 -18.50 -8.89 -18.23
N ARG A 277 -18.23 -8.81 -16.93
CA ARG A 277 -17.23 -7.87 -16.46
C ARG A 277 -15.84 -8.28 -16.92
N HIS A 278 -15.58 -9.57 -17.00
CA HIS A 278 -14.25 -9.99 -17.38
C HIS A 278 -14.07 -10.12 -18.89
N LEU A 279 -15.16 -10.18 -19.65
CA LEU A 279 -15.02 -10.15 -21.10
C LEU A 279 -14.91 -8.72 -21.59
N MET A 280 -15.71 -7.81 -21.02
CA MET A 280 -15.72 -6.43 -21.46
C MET A 280 -14.55 -5.62 -20.93
N ILE A 281 -13.53 -6.28 -20.38
CA ILE A 281 -12.25 -5.61 -20.14
C ILE A 281 -11.49 -5.47 -21.45
N LEU A 282 -11.25 -6.59 -22.12
CA LEU A 282 -10.65 -6.59 -23.45
C LEU A 282 -11.75 -6.64 -24.51
N LYS A 283 -12.43 -5.52 -24.66
CA LYS A 283 -13.61 -5.49 -25.52
C LYS A 283 -13.28 -5.34 -26.99
N ARG A 284 -12.04 -5.55 -27.41
CA ARG A 284 -11.75 -5.53 -28.84
C ARG A 284 -10.80 -6.62 -29.29
N THR A 285 -10.38 -7.50 -28.42
CA THR A 285 -9.66 -8.69 -28.87
C THR A 285 -10.67 -9.78 -29.23
N PRO A 286 -10.51 -10.47 -30.35
CA PRO A 286 -11.49 -11.49 -30.73
C PRO A 286 -11.58 -12.58 -29.68
N LEU A 287 -12.70 -13.30 -29.72
CA LEU A 287 -12.95 -14.37 -28.75
C LEU A 287 -11.94 -15.49 -28.86
N ASN A 288 -11.04 -15.42 -29.85
CA ASN A 288 -9.97 -16.41 -29.93
C ASN A 288 -9.05 -16.33 -28.73
N THR A 289 -8.93 -15.16 -28.09
CA THR A 289 -7.92 -14.98 -27.07
C THR A 289 -8.43 -14.24 -25.85
N VAL A 290 -9.70 -13.85 -25.79
CA VAL A 290 -10.22 -13.11 -24.64
C VAL A 290 -10.85 -14.01 -23.60
N MET A 291 -11.11 -15.28 -23.91
CA MET A 291 -11.69 -16.21 -22.96
C MET A 291 -10.67 -16.78 -21.99
N ASP A 292 -9.40 -16.45 -22.16
CA ASP A 292 -8.39 -16.90 -21.22
C ASP A 292 -8.32 -16.04 -19.97
N SER A 293 -8.89 -14.84 -20.00
CA SER A 293 -8.98 -14.02 -18.80
C SER A 293 -10.05 -14.50 -17.83
N LEU A 294 -10.85 -15.48 -18.22
CA LEU A 294 -11.94 -15.97 -17.39
C LEU A 294 -11.54 -17.12 -16.48
N GLY A 295 -10.25 -17.41 -16.37
CA GLY A 295 -9.78 -18.42 -15.46
C GLY A 295 -8.63 -19.19 -16.05
N HIS A 296 -8.30 -20.29 -15.41
CA HIS A 296 -7.25 -21.18 -15.91
C HIS A 296 -7.83 -22.09 -16.98
N GLY A 297 -7.14 -22.18 -18.12
CA GLY A 297 -7.56 -23.10 -19.15
C GLY A 297 -8.87 -22.74 -19.79
N GLY A 298 -9.14 -21.46 -19.95
CA GLY A 298 -10.40 -21.04 -20.50
C GLY A 298 -10.49 -21.23 -21.99
N GLN A 299 -9.39 -21.01 -22.69
CA GLN A 299 -9.47 -21.04 -24.15
C GLN A 299 -9.66 -22.45 -24.68
N GLN A 300 -8.91 -23.42 -24.17
CA GLN A 300 -9.10 -24.80 -24.61
C GLN A 300 -10.52 -25.28 -24.36
N TYR A 301 -11.05 -25.04 -23.15
CA TYR A 301 -12.38 -25.52 -22.85
C TYR A 301 -13.43 -24.80 -23.68
N PHE A 302 -13.37 -23.47 -23.71
CA PHE A 302 -14.35 -22.72 -24.47
C PHE A 302 -14.20 -22.91 -25.97
N ASN A 303 -13.10 -23.52 -26.42
CA ASN A 303 -13.01 -23.94 -27.81
C ASN A 303 -13.66 -25.30 -28.01
N SER A 304 -13.43 -26.22 -27.07
CA SER A 304 -14.07 -27.52 -27.15
C SER A 304 -15.59 -27.45 -26.96
N ARG A 305 -16.11 -26.39 -26.36
CA ARG A 305 -17.53 -26.34 -26.08
C ARG A 305 -18.33 -25.48 -27.05
N ILE A 306 -17.82 -24.32 -27.43
CA ILE A 306 -18.51 -23.45 -28.37
C ILE A 306 -18.47 -24.11 -29.76
N THR A 307 -19.64 -24.32 -30.34
CA THR A 307 -19.77 -25.06 -31.58
C THR A 307 -19.88 -24.18 -32.83
N ASP A 308 -20.19 -22.90 -32.68
CA ASP A 308 -20.44 -22.02 -33.82
C ASP A 308 -19.22 -21.13 -34.02
N LYS A 309 -18.32 -21.58 -34.88
CA LYS A 309 -17.03 -20.90 -35.07
C LYS A 309 -17.15 -19.59 -35.80
N ASP A 310 -18.37 -19.12 -36.10
CA ASP A 310 -18.53 -17.72 -36.48
C ASP A 310 -18.53 -16.84 -35.24
N LEU A 311 -19.10 -17.34 -34.14
CA LEU A 311 -19.13 -16.58 -32.90
C LEU A 311 -17.72 -16.33 -32.37
N LEU A 312 -16.78 -17.25 -32.60
CA LEU A 312 -15.44 -17.06 -32.05
C LEU A 312 -14.70 -15.88 -32.66
N LYS A 313 -15.23 -15.23 -33.69
CA LYS A 313 -14.56 -14.09 -34.29
C LYS A 313 -15.20 -12.76 -33.91
N LYS A 314 -16.30 -12.80 -33.18
CA LYS A 314 -16.94 -11.59 -32.67
C LYS A 314 -16.18 -11.10 -31.44
N CYS A 315 -15.57 -9.93 -31.53
CA CYS A 315 -14.96 -9.34 -30.35
C CYS A 315 -16.07 -9.01 -29.34
N PRO A 316 -15.80 -9.14 -28.04
CA PRO A 316 -16.87 -9.10 -27.06
C PRO A 316 -17.59 -7.77 -26.98
N ILE A 317 -17.17 -6.77 -27.76
CA ILE A 317 -18.00 -5.59 -27.92
C ILE A 317 -19.10 -5.85 -28.95
N ASP A 318 -18.90 -6.84 -29.82
CA ASP A 318 -19.86 -7.15 -30.86
C ASP A 318 -20.97 -8.07 -30.38
N LEU A 319 -20.85 -8.62 -29.18
CA LEU A 319 -21.79 -9.62 -28.71
C LEU A 319 -23.05 -8.97 -28.19
N THR A 320 -24.21 -9.48 -28.61
CA THR A 320 -25.46 -9.13 -27.96
C THR A 320 -25.53 -9.80 -26.60
N ASN A 321 -26.58 -9.50 -25.85
CA ASN A 321 -26.68 -10.09 -24.52
C ASN A 321 -26.93 -11.60 -24.59
N ASP A 322 -27.59 -12.07 -25.64
CA ASP A 322 -27.88 -13.50 -25.74
C ASP A 322 -26.60 -14.32 -25.82
N GLU A 323 -25.59 -13.79 -26.51
CA GLU A 323 -24.32 -14.50 -26.54
C GLU A 323 -23.66 -14.51 -25.18
N PHE A 324 -23.84 -13.45 -24.38
CA PHE A 324 -23.29 -13.46 -23.03
C PHE A 324 -24.00 -14.48 -22.16
N ILE A 325 -25.32 -14.62 -22.32
CA ILE A 325 -26.03 -15.65 -21.56
C ILE A 325 -25.56 -17.04 -22.00
N TYR A 326 -25.30 -17.22 -23.30
CA TYR A 326 -24.77 -18.49 -23.76
C TYR A 326 -23.39 -18.76 -23.16
N LEU A 327 -22.53 -17.75 -23.14
CA LEU A 327 -21.19 -17.96 -22.60
C LEU A 327 -21.23 -18.19 -21.11
N THR A 328 -22.13 -17.56 -20.38
CA THR A 328 -22.22 -17.84 -18.96
C THR A 328 -22.83 -19.23 -18.73
N LYS A 329 -23.66 -19.71 -19.65
CA LYS A 329 -24.13 -21.08 -19.53
C LYS A 329 -22.98 -22.06 -19.67
N LEU A 330 -22.11 -21.80 -20.64
CA LEU A 330 -20.91 -22.64 -20.76
C LEU A 330 -19.99 -22.48 -19.56
N PHE A 331 -19.94 -21.28 -18.98
CA PHE A 331 -19.10 -21.05 -17.82
C PHE A 331 -19.62 -21.80 -16.60
N MET A 332 -20.93 -21.84 -16.42
CA MET A 332 -21.50 -22.59 -15.31
C MET A 332 -21.51 -24.08 -15.57
N GLU A 333 -21.32 -24.49 -16.82
CA GLU A 333 -21.17 -25.90 -17.15
C GLU A 333 -19.73 -26.36 -17.01
N TRP A 334 -18.80 -25.44 -16.87
CA TRP A 334 -17.38 -25.75 -16.79
C TRP A 334 -17.06 -26.55 -15.54
N PRO A 335 -16.47 -27.73 -15.66
CA PRO A 335 -16.06 -28.44 -14.43
C PRO A 335 -14.96 -27.74 -13.68
N PHE A 336 -13.99 -27.15 -14.39
CA PHE A 336 -12.84 -26.50 -13.76
C PHE A 336 -13.02 -25.00 -13.67
N LYS A 337 -14.26 -24.54 -13.57
CA LYS A 337 -14.51 -23.11 -13.48
C LYS A 337 -13.85 -22.55 -12.22
N PRO A 338 -13.37 -21.33 -12.24
CA PRO A 338 -12.72 -20.74 -11.07
C PRO A 338 -13.77 -20.27 -10.08
N ASP A 339 -13.31 -19.85 -8.91
CA ASP A 339 -14.22 -19.38 -7.88
C ASP A 339 -14.68 -17.97 -8.21
N ILE A 340 -16.00 -17.82 -8.39
CA ILE A 340 -16.54 -16.52 -8.74
C ILE A 340 -16.51 -15.53 -7.56
N LEU A 341 -16.50 -16.02 -6.32
CA LEU A 341 -16.63 -15.11 -5.18
C LEU A 341 -15.32 -14.46 -4.79
N MET A 342 -14.18 -15.11 -5.02
CA MET A 342 -12.90 -14.47 -4.74
C MET A 342 -12.38 -13.73 -5.96
N ASP A 343 -13.24 -12.93 -6.58
CA ASP A 343 -12.86 -12.03 -7.66
C ASP A 343 -12.72 -10.60 -7.13
N PHE A 344 -11.72 -10.40 -6.28
CA PHE A 344 -11.41 -9.06 -5.80
C PHE A 344 -9.93 -9.00 -5.46
N VAL A 345 -9.47 -7.80 -5.15
CA VAL A 345 -8.11 -7.56 -4.70
C VAL A 345 -8.15 -7.25 -3.22
N ASP A 346 -7.33 -7.97 -2.46
CA ASP A 346 -7.30 -7.79 -1.01
C ASP A 346 -6.54 -6.51 -0.70
N MET A 347 -7.20 -5.38 -0.96
CA MET A 347 -6.58 -4.10 -0.65
C MET A 347 -6.52 -3.84 0.85
N TYR A 348 -7.34 -4.53 1.64
CA TYR A 348 -7.44 -4.27 3.06
C TYR A 348 -6.20 -4.58 3.89
N GLN A 349 -5.73 -5.82 3.90
CA GLN A 349 -4.61 -6.15 4.77
C GLN A 349 -3.73 -7.25 4.19
N THR A 350 -3.40 -7.20 2.91
CA THR A 350 -2.32 -8.05 2.42
C THR A 350 -1.04 -7.30 2.75
N GLU A 351 -0.47 -7.63 3.90
CA GLU A 351 0.65 -6.86 4.44
C GLU A 351 1.98 -7.32 3.87
N HIS A 352 2.17 -8.62 3.69
CA HIS A 352 3.39 -9.18 3.09
C HIS A 352 4.61 -8.79 3.91
N SER A 353 4.64 -9.27 5.15
CA SER A 353 5.69 -8.88 6.09
C SER A 353 7.04 -9.47 5.69
N GLY A 354 7.04 -10.68 5.14
CA GLY A 354 8.29 -11.32 4.74
C GLY A 354 8.42 -11.54 3.25
N ILE B 297 29.81 -29.98 9.86
CA ILE B 297 28.73 -30.41 10.73
C ILE B 297 28.28 -29.27 11.66
N ASN B 298 28.07 -29.57 12.93
CA ASN B 298 27.69 -28.57 13.93
C ASN B 298 28.96 -27.91 14.44
N PHE B 299 29.22 -26.69 13.98
CA PHE B 299 30.42 -25.97 14.38
C PHE B 299 30.26 -25.29 15.74
N PHE B 300 29.07 -24.76 16.02
CA PHE B 300 28.87 -23.99 17.24
C PHE B 300 29.10 -24.80 18.50
N GLU B 301 28.59 -26.03 18.56
CA GLU B 301 28.74 -26.81 19.79
C GLU B 301 30.19 -27.15 20.07
N ILE B 302 30.92 -27.61 19.05
CA ILE B 302 32.32 -27.95 19.25
C ILE B 302 33.12 -26.71 19.59
N TYR B 303 32.82 -25.58 18.95
CA TYR B 303 33.52 -24.34 19.27
C TYR B 303 33.30 -23.95 20.72
N ASN B 304 32.07 -24.07 21.21
CA ASN B 304 31.80 -23.78 22.62
C ASN B 304 32.53 -24.75 23.52
N SER B 305 32.68 -26.00 23.10
CA SER B 305 33.36 -26.99 23.93
C SER B 305 34.80 -26.59 24.24
N LEU B 306 35.39 -25.73 23.41
CA LEU B 306 36.79 -25.36 23.59
C LEU B 306 36.99 -24.61 24.90
N PRO B 307 37.98 -25.01 25.72
CA PRO B 307 38.23 -24.29 26.98
C PRO B 307 38.84 -22.91 26.83
N THR B 308 39.88 -22.76 26.01
CA THR B 308 40.67 -21.54 25.98
C THR B 308 40.33 -20.68 24.77
N LEU B 309 40.46 -19.37 24.94
CA LEU B 309 40.05 -18.43 23.90
C LEU B 309 40.97 -18.50 22.68
N GLU B 310 42.27 -18.68 22.89
CA GLU B 310 43.19 -18.78 21.75
C GLU B 310 42.83 -19.95 20.86
N GLU B 311 42.46 -21.09 21.46
CA GLU B 311 42.01 -22.22 20.68
C GLU B 311 40.76 -21.84 19.89
N LYS B 312 39.89 -21.04 20.51
CA LYS B 312 38.71 -20.55 19.81
C LYS B 312 39.09 -19.71 18.61
N LYS B 313 40.11 -18.86 18.75
CA LYS B 313 40.56 -18.03 17.63
C LYS B 313 41.13 -18.88 16.50
N ALA B 314 41.89 -19.92 16.83
CA ALA B 314 42.41 -20.80 15.79
C ALA B 314 41.26 -21.52 15.07
N PHE B 315 40.30 -22.00 15.84
CA PHE B 315 39.14 -22.67 15.27
C PHE B 315 38.37 -21.73 14.37
N GLU B 316 38.21 -20.48 14.82
CA GLU B 316 37.51 -19.47 14.04
C GLU B 316 38.24 -19.16 12.75
N SER B 317 39.57 -19.08 12.78
CA SER B 317 40.32 -18.81 11.55
C SER B 317 40.15 -19.94 10.54
N ALA B 318 40.23 -21.19 10.99
CA ALA B 318 40.08 -22.30 10.05
C ALA B 318 38.69 -22.34 9.45
N LEU B 319 37.67 -22.17 10.29
CA LEU B 319 36.31 -22.16 9.76
C LEU B 319 36.11 -20.95 8.85
N ASN B 320 36.75 -19.82 9.18
CA ASN B 320 36.61 -18.62 8.37
C ASN B 320 37.14 -18.82 6.95
N ILE B 321 38.33 -19.43 6.81
CA ILE B 321 38.83 -19.66 5.44
C ILE B 321 37.95 -20.66 4.71
N PHE B 322 37.58 -21.77 5.37
CA PHE B 322 36.76 -22.75 4.67
C PHE B 322 35.40 -22.17 4.34
N ASN B 323 34.91 -21.23 5.15
CA ASN B 323 33.63 -20.62 4.87
C ASN B 323 33.78 -19.50 3.86
N GLN B 324 35.00 -19.02 3.64
CA GLN B 324 35.26 -18.10 2.54
C GLN B 324 35.03 -18.82 1.24
N ASP B 325 35.65 -19.99 1.09
CA ASP B 325 35.42 -20.76 -0.13
C ASP B 325 33.96 -21.18 -0.25
N ARG B 326 33.34 -21.60 0.87
CA ARG B 326 31.95 -22.02 0.83
C ARG B 326 31.01 -20.89 0.42
N GLN B 327 31.21 -19.69 0.96
CA GLN B 327 30.39 -18.57 0.54
C GLN B 327 30.63 -18.22 -0.92
N LYS B 328 31.88 -18.31 -1.37
CA LYS B 328 32.16 -17.96 -2.76
C LYS B 328 31.40 -18.88 -3.69
N VAL B 329 31.40 -20.19 -3.42
CA VAL B 329 30.64 -21.10 -4.27
C VAL B 329 29.14 -20.85 -4.13
N LEU B 330 28.69 -20.50 -2.93
CA LEU B 330 27.25 -20.37 -2.67
C LEU B 330 26.58 -19.33 -3.57
N GLU B 331 27.20 -18.17 -3.76
CA GLU B 331 26.55 -17.12 -4.54
C GLU B 331 26.39 -17.49 -6.00
N ASN B 332 27.47 -17.94 -6.64
CA ASN B 332 27.41 -18.21 -8.07
C ASN B 332 26.59 -19.44 -8.41
N ARG B 333 26.74 -20.52 -7.65
CA ARG B 333 26.16 -21.79 -8.01
C ARG B 333 24.79 -22.02 -7.37
N ALA B 334 24.13 -20.97 -6.91
CA ALA B 334 22.83 -21.16 -6.26
C ALA B 334 21.80 -21.69 -7.24
N THR B 335 21.70 -21.07 -8.42
CA THR B 335 20.73 -21.52 -9.41
C THR B 335 21.09 -22.89 -9.94
N GLU B 336 22.38 -23.13 -10.23
CA GLU B 336 22.77 -24.45 -10.73
C GLU B 336 22.49 -25.52 -9.69
N ALA B 337 22.82 -25.25 -8.43
CA ALA B 337 22.57 -26.24 -7.37
C ALA B 337 21.07 -26.51 -7.22
N ALA B 338 20.26 -25.47 -7.25
CA ALA B 338 18.81 -25.66 -7.11
C ALA B 338 18.26 -26.47 -8.28
N ARG B 339 18.68 -26.12 -9.50
CA ARG B 339 18.19 -26.82 -10.68
C ARG B 339 18.62 -28.27 -10.66
N GLU B 340 19.83 -28.53 -10.17
CA GLU B 340 20.29 -29.90 -10.09
C GLU B 340 19.50 -30.66 -9.02
N ARG B 341 19.19 -29.98 -7.92
CA ARG B 341 18.44 -30.63 -6.85
C ARG B 341 17.05 -31.03 -7.33
N TRP B 342 16.34 -30.13 -8.01
CA TRP B 342 15.00 -30.55 -8.44
C TRP B 342 15.05 -31.55 -9.59
N LYS B 343 16.01 -31.45 -10.52
CA LYS B 343 16.07 -32.49 -11.56
C LYS B 343 16.40 -33.85 -10.92
N HIS B 344 17.23 -33.85 -9.89
CA HIS B 344 17.54 -35.10 -9.20
C HIS B 344 16.29 -35.64 -8.52
N ASP B 345 15.57 -34.78 -7.80
CA ASP B 345 14.34 -35.20 -7.16
C ASP B 345 13.35 -35.77 -8.17
N PHE B 346 13.26 -35.15 -9.35
CA PHE B 346 12.37 -35.65 -10.39
C PHE B 346 12.77 -37.06 -10.82
N GLU B 347 14.08 -37.27 -11.05
CA GLU B 347 14.55 -38.58 -11.43
C GLU B 347 14.28 -39.60 -10.33
N GLU B 348 14.52 -39.21 -9.07
CA GLU B 348 14.29 -40.11 -7.95
C GLU B 348 12.81 -40.47 -7.82
N ALA B 349 11.93 -39.49 -7.97
CA ALA B 349 10.50 -39.73 -7.86
C ALA B 349 10.02 -40.65 -8.96
N LYS B 350 10.63 -40.56 -10.15
CA LYS B 350 10.15 -41.33 -11.29
C LYS B 350 10.10 -42.83 -10.98
N ALA B 351 11.12 -43.33 -10.29
CA ALA B 351 11.17 -44.76 -9.96
C ALA B 351 10.03 -45.16 -9.02
N ARG B 352 9.80 -44.37 -7.97
CA ARG B 352 8.78 -44.72 -6.98
C ARG B 352 7.36 -44.71 -7.56
N GLY B 353 6.98 -43.63 -8.23
CA GLY B 353 5.63 -43.49 -8.75
C GLY B 353 5.28 -42.04 -8.91
N ASP B 354 4.17 -41.81 -9.63
CA ASP B 354 3.73 -40.46 -9.98
C ASP B 354 2.45 -40.14 -9.23
N ILE B 355 2.59 -39.46 -8.09
CA ILE B 355 1.46 -38.98 -7.30
C ILE B 355 1.70 -37.48 -7.13
N SER B 356 0.65 -36.77 -6.76
CA SER B 356 0.72 -35.32 -6.59
C SER B 356 1.23 -35.00 -5.19
N ILE B 357 2.55 -34.88 -5.07
CA ILE B 357 3.21 -34.61 -3.79
C ILE B 357 4.42 -33.72 -4.01
N GLU B 358 5.16 -33.43 -2.94
CA GLU B 358 6.31 -32.52 -3.03
C GLU B 358 7.31 -32.97 -4.09
N LYS B 359 7.58 -34.28 -4.17
CA LYS B 359 8.46 -34.75 -5.22
C LYS B 359 7.83 -34.48 -6.58
N ASN B 360 6.50 -34.62 -6.67
CA ASN B 360 5.80 -34.22 -7.88
C ASN B 360 5.95 -32.73 -8.15
N LEU B 361 5.98 -31.92 -7.09
CA LEU B 361 6.21 -30.48 -7.28
C LEU B 361 7.55 -30.24 -7.96
N ASN B 362 8.59 -30.91 -7.48
CA ASN B 362 9.89 -30.80 -8.13
C ASN B 362 9.84 -31.35 -9.54
N VAL B 363 9.09 -32.43 -9.74
CA VAL B 363 8.92 -32.99 -11.08
C VAL B 363 8.29 -31.96 -12.01
N LYS B 364 7.29 -31.26 -11.50
CA LYS B 364 6.62 -30.22 -12.27
C LYS B 364 7.59 -29.11 -12.63
N LEU B 365 8.44 -28.72 -11.68
CA LEU B 365 9.42 -27.69 -11.95
C LEU B 365 10.39 -28.11 -13.04
N TRP B 366 10.86 -29.36 -12.97
CA TRP B 366 11.77 -29.77 -14.03
C TRP B 366 11.05 -29.97 -15.34
N LYS B 367 9.73 -30.17 -15.31
CA LYS B 367 9.01 -30.33 -16.56
C LYS B 367 8.77 -28.97 -17.21
N TRP B 368 8.36 -27.98 -16.41
CA TRP B 368 8.20 -26.63 -16.93
C TRP B 368 9.52 -26.14 -17.51
N TYR B 369 10.62 -26.35 -16.79
CA TYR B 369 11.91 -25.95 -17.32
C TYR B 369 12.23 -26.71 -18.61
N ASN B 370 11.98 -28.01 -18.63
CA ASN B 370 12.37 -28.81 -19.78
C ASN B 370 11.58 -28.43 -21.02
N GLU B 371 10.30 -28.07 -20.87
CA GLU B 371 9.48 -27.68 -22.01
C GLU B 371 9.48 -26.18 -22.26
N MET B 372 10.17 -25.41 -21.44
CA MET B 372 10.34 -23.99 -21.68
C MET B 372 11.69 -23.66 -22.29
N LEU B 373 12.70 -24.50 -22.07
CA LEU B 373 14.00 -24.27 -22.72
C LEU B 373 13.91 -24.27 -24.24
N PRO B 374 13.21 -25.20 -24.90
CA PRO B 374 13.14 -25.11 -26.37
C PRO B 374 12.48 -23.83 -26.87
N LEU B 375 11.41 -23.38 -26.23
CA LEU B 375 10.76 -22.13 -26.66
C LEU B 375 11.72 -20.97 -26.57
N VAL B 376 12.45 -20.86 -25.46
CA VAL B 376 13.32 -19.70 -25.30
C VAL B 376 14.51 -19.82 -26.22
N LYS B 377 14.96 -21.04 -26.51
CA LYS B 377 16.07 -21.17 -27.44
C LYS B 377 15.64 -20.88 -28.87
N GLU B 378 14.37 -21.15 -29.20
CA GLU B 378 13.87 -20.71 -30.50
C GLU B 378 13.76 -19.19 -30.56
N GLU B 379 13.32 -18.56 -29.47
CA GLU B 379 13.31 -17.10 -29.42
C GLU B 379 14.71 -16.54 -29.63
N ILE B 380 15.70 -17.14 -28.96
CA ILE B 380 17.07 -16.70 -29.13
C ILE B 380 17.54 -16.95 -30.55
N ASN B 381 17.17 -18.09 -31.12
CA ASN B 381 17.53 -18.40 -32.50
C ASN B 381 16.98 -17.35 -33.45
N HIS B 382 15.72 -16.95 -33.28
CA HIS B 382 15.18 -15.91 -34.15
C HIS B 382 15.76 -14.55 -33.85
N CYS B 383 16.24 -14.35 -32.62
CA CYS B 383 16.88 -13.11 -32.27
C CYS B 383 18.25 -12.96 -32.92
N ARG B 384 19.05 -14.04 -32.93
CA ARG B 384 20.33 -13.98 -33.62
C ARG B 384 20.16 -14.02 -35.14
N SER B 385 19.15 -14.73 -35.64
CA SER B 385 18.89 -14.73 -37.07
C SER B 385 18.39 -13.38 -37.57
N LEU B 386 17.84 -12.55 -36.70
CA LEU B 386 17.35 -11.25 -37.11
C LEU B 386 18.21 -10.08 -36.64
N LEU B 387 19.16 -10.30 -35.73
CA LEU B 387 20.05 -9.24 -35.30
C LEU B 387 20.99 -8.79 -36.40
N SER B 388 21.05 -9.52 -37.52
CA SER B 388 21.83 -9.11 -38.68
C SER B 388 20.92 -8.34 -39.64
N GLU B 389 20.55 -7.13 -39.21
CA GLU B 389 19.58 -6.32 -39.94
C GLU B 389 20.16 -5.85 -41.28
N LYS B 390 19.27 -5.56 -42.21
CA LYS B 390 19.63 -4.95 -43.48
C LYS B 390 19.01 -3.57 -43.65
N LEU B 391 17.68 -3.46 -43.57
CA LEU B 391 16.96 -2.21 -43.76
C LEU B 391 15.84 -2.14 -42.73
N SER B 392 15.78 -1.04 -41.98
CA SER B 392 14.74 -0.90 -40.96
C SER B 392 13.51 -0.20 -41.51
N ASP B 393 13.00 -0.66 -42.65
CA ASP B 393 11.76 -0.13 -43.21
C ASP B 393 10.69 -1.19 -43.37
N LYS B 394 10.98 -2.28 -44.09
CA LYS B 394 10.00 -3.34 -44.33
C LYS B 394 10.26 -4.48 -43.36
N LYS B 395 9.72 -4.34 -42.16
CA LYS B 395 9.90 -5.30 -41.08
C LYS B 395 8.53 -5.71 -40.55
N GLY B 396 8.48 -6.84 -39.84
CA GLY B 396 7.24 -7.28 -39.23
C GLY B 396 6.74 -6.19 -38.30
N LEU B 397 5.63 -5.56 -38.66
CA LEU B 397 5.20 -4.31 -38.03
C LEU B 397 4.84 -4.48 -36.56
N ASN B 398 4.62 -5.69 -36.09
CA ASN B 398 4.31 -5.91 -34.69
C ASN B 398 5.32 -6.79 -33.99
N LYS B 399 5.59 -7.97 -34.53
CA LYS B 399 6.37 -8.98 -33.82
C LYS B 399 7.86 -8.66 -33.79
N VAL B 400 8.34 -7.87 -34.74
CA VAL B 400 9.78 -7.58 -34.80
C VAL B 400 10.00 -6.07 -34.72
N ASP B 401 9.04 -5.31 -35.22
CA ASP B 401 9.18 -3.86 -35.34
C ASP B 401 9.46 -3.14 -34.02
N THR B 402 8.57 -3.31 -33.05
CA THR B 402 8.80 -2.83 -31.70
C THR B 402 9.22 -3.93 -30.76
N ASN B 403 8.78 -5.16 -31.01
CA ASN B 403 9.05 -6.23 -30.05
C ASN B 403 10.46 -6.80 -30.16
N ARG B 404 10.83 -7.34 -31.32
CA ARG B 404 11.99 -8.22 -31.34
C ARG B 404 13.25 -7.42 -31.61
N LEU B 405 13.16 -6.37 -32.42
CA LEU B 405 14.33 -5.53 -32.64
C LEU B 405 14.69 -4.71 -31.41
N GLY B 406 13.78 -4.57 -30.47
CA GLY B 406 14.03 -3.75 -29.29
C GLY B 406 14.74 -4.51 -28.20
N TYR B 407 14.29 -5.74 -27.91
CA TYR B 407 14.92 -6.52 -26.86
C TYR B 407 15.93 -7.51 -27.43
N GLY B 408 16.15 -7.51 -28.74
CA GLY B 408 17.09 -8.39 -29.38
C GLY B 408 18.47 -8.39 -28.77
N PRO B 409 19.10 -7.22 -28.67
CA PRO B 409 20.46 -7.19 -28.10
C PRO B 409 20.55 -7.66 -26.66
N TYR B 410 19.44 -7.74 -25.93
CA TYR B 410 19.53 -8.10 -24.52
C TYR B 410 19.33 -9.58 -24.26
N LEU B 411 18.69 -10.32 -25.19
CA LEU B 411 18.51 -11.75 -24.99
C LEU B 411 19.76 -12.55 -25.32
N THR B 412 20.63 -12.02 -26.19
CA THR B 412 21.82 -12.77 -26.55
C THR B 412 22.86 -12.77 -25.44
N LEU B 413 22.84 -11.76 -24.57
CA LEU B 413 23.93 -11.55 -23.62
C LEU B 413 23.97 -12.58 -22.49
N ILE B 414 22.95 -13.42 -22.35
CA ILE B 414 22.90 -14.38 -21.26
C ILE B 414 22.32 -15.69 -21.76
N ASP B 415 22.88 -16.80 -21.27
CA ASP B 415 22.51 -18.12 -21.73
C ASP B 415 21.13 -18.52 -21.21
N PRO B 416 20.42 -19.41 -21.93
CA PRO B 416 18.97 -19.51 -21.72
C PRO B 416 18.54 -20.21 -20.44
N GLY B 417 19.24 -21.27 -20.04
CA GLY B 417 18.79 -22.02 -18.88
C GLY B 417 18.74 -21.17 -17.64
N LYS B 418 19.68 -20.24 -17.51
CA LYS B 418 19.66 -19.30 -16.40
C LYS B 418 18.38 -18.47 -16.42
N MET B 419 17.99 -17.99 -17.60
CA MET B 419 16.78 -17.18 -17.68
C MET B 419 15.55 -17.99 -17.31
N CYS B 420 15.47 -19.24 -17.77
CA CYS B 420 14.31 -20.05 -17.45
C CYS B 420 14.19 -20.30 -15.95
N VAL B 421 15.28 -20.76 -15.34
CA VAL B 421 15.20 -21.05 -13.92
C VAL B 421 14.90 -19.79 -13.13
N ILE B 422 15.47 -18.64 -13.55
CA ILE B 422 15.23 -17.41 -12.81
C ILE B 422 13.76 -17.00 -12.92
N THR B 423 13.17 -17.17 -14.09
CA THR B 423 11.77 -16.80 -14.26
C THR B 423 10.88 -17.67 -13.39
N ILE B 424 11.14 -18.98 -13.35
CA ILE B 424 10.33 -19.87 -12.51
C ILE B 424 10.48 -19.49 -11.04
N LEU B 425 11.72 -19.32 -10.57
CA LEU B 425 11.93 -19.03 -9.15
C LEU B 425 11.28 -17.72 -8.77
N GLU B 426 11.51 -16.68 -9.58
CA GLU B 426 11.04 -15.35 -9.28
C GLU B 426 9.52 -15.23 -9.43
N LEU B 427 8.90 -16.08 -10.24
CA LEU B 427 7.44 -16.05 -10.27
C LEU B 427 6.84 -16.79 -9.09
N LEU B 428 7.45 -17.90 -8.66
CA LEU B 428 6.91 -18.55 -7.46
C LEU B 428 7.08 -17.67 -6.23
N LYS B 429 8.19 -16.94 -6.13
CA LYS B 429 8.42 -16.15 -4.93
C LYS B 429 7.39 -15.04 -4.77
N LEU B 430 6.85 -14.53 -5.87
CA LEU B 430 5.88 -13.45 -5.80
C LEU B 430 4.48 -13.96 -5.52
N ASN B 431 4.37 -15.15 -4.95
CA ASN B 431 3.06 -15.77 -4.75
C ASN B 431 2.23 -14.97 -3.76
N SER B 432 1.07 -14.49 -4.23
CA SER B 432 0.09 -13.77 -3.42
C SER B 432 0.68 -12.48 -2.85
N THR B 433 1.12 -11.61 -3.75
CA THR B 433 1.59 -10.28 -3.38
C THR B 433 0.79 -9.25 -4.16
N GLY B 434 1.01 -7.98 -3.81
CA GLY B 434 0.40 -6.88 -4.53
C GLY B 434 -1.10 -6.76 -4.41
N GLY B 435 -1.72 -7.53 -3.53
CA GLY B 435 -3.15 -7.42 -3.33
C GLY B 435 -3.96 -8.51 -4.00
N VAL B 436 -3.35 -9.30 -4.88
CA VAL B 436 -4.06 -10.40 -5.51
C VAL B 436 -4.40 -11.44 -4.46
N ILE B 437 -5.46 -12.19 -4.70
CA ILE B 437 -5.86 -13.22 -3.73
C ILE B 437 -4.87 -14.38 -3.74
N GLU B 438 -4.64 -15.00 -4.89
CA GLU B 438 -3.70 -16.12 -4.95
C GLU B 438 -2.80 -16.00 -6.16
N GLY B 439 -2.34 -14.80 -6.44
CA GLY B 439 -1.42 -14.56 -7.54
C GLY B 439 -0.65 -13.29 -7.29
N MET B 440 -0.11 -12.71 -8.36
CA MET B 440 0.71 -11.52 -8.21
C MET B 440 0.21 -10.41 -9.13
N ARG B 441 0.79 -9.24 -8.97
CA ARG B 441 0.53 -8.15 -9.88
C ARG B 441 1.44 -8.30 -11.09
N THR B 442 0.93 -7.93 -12.26
CA THR B 442 1.70 -8.19 -13.47
C THR B 442 2.89 -7.26 -13.56
N ALA B 443 2.72 -6.00 -13.15
CA ALA B 443 3.82 -5.04 -13.21
C ALA B 443 4.96 -5.50 -12.30
N ARG B 444 4.64 -5.83 -11.05
CA ARG B 444 5.65 -6.30 -10.12
C ARG B 444 6.35 -7.56 -10.63
N ALA B 445 5.59 -8.47 -11.24
CA ALA B 445 6.19 -9.71 -11.71
C ALA B 445 7.11 -9.48 -12.89
N VAL B 446 6.65 -8.70 -13.87
CA VAL B 446 7.45 -8.46 -15.05
C VAL B 446 8.73 -7.71 -14.68
N ILE B 447 8.62 -6.73 -13.81
CA ILE B 447 9.81 -5.94 -13.48
C ILE B 447 10.74 -6.73 -12.59
N SER B 448 10.21 -7.51 -11.65
CA SER B 448 11.09 -8.30 -10.81
C SER B 448 11.84 -9.35 -11.62
N VAL B 449 11.18 -10.02 -12.57
CA VAL B 449 11.91 -11.01 -13.37
C VAL B 449 12.94 -10.34 -14.26
N GLY B 450 12.58 -9.22 -14.90
CA GLY B 450 13.56 -8.54 -15.73
C GLY B 450 14.76 -8.09 -14.92
N LYS B 451 14.51 -7.60 -13.72
CA LYS B 451 15.60 -7.13 -12.86
C LYS B 451 16.44 -8.28 -12.37
N ALA B 452 15.82 -9.43 -12.07
CA ALA B 452 16.60 -10.57 -11.63
C ALA B 452 17.47 -11.11 -12.74
N ILE B 453 16.97 -11.11 -13.98
CA ILE B 453 17.80 -11.55 -15.09
C ILE B 453 18.93 -10.56 -15.33
N GLU B 454 18.64 -9.26 -15.29
CA GLU B 454 19.71 -8.28 -15.47
C GLU B 454 20.78 -8.40 -14.38
N MET B 455 20.35 -8.53 -13.13
CA MET B 455 21.31 -8.63 -12.04
C MET B 455 22.11 -9.92 -12.13
N GLU B 456 21.48 -11.02 -12.55
CA GLU B 456 22.24 -12.25 -12.73
C GLU B 456 23.25 -12.07 -13.85
N PHE B 457 22.86 -11.36 -14.91
CA PHE B 457 23.79 -11.04 -15.98
C PHE B 457 24.98 -10.24 -15.47
N ARG B 458 24.72 -9.28 -14.59
CA ARG B 458 25.79 -8.46 -14.05
C ARG B 458 26.69 -9.24 -13.11
N SER B 459 26.12 -10.21 -12.41
CA SER B 459 26.95 -11.14 -11.63
C SER B 459 27.83 -11.97 -12.55
N GLU B 460 27.27 -12.46 -13.65
CA GLU B 460 28.08 -13.18 -14.63
C GLU B 460 29.22 -12.31 -15.13
N GLN B 461 28.96 -11.03 -15.38
CA GLN B 461 30.01 -10.15 -15.87
C GLN B 461 31.07 -9.92 -14.80
N VAL B 462 30.66 -9.73 -13.55
CA VAL B 462 31.62 -9.55 -12.47
C VAL B 462 32.50 -10.77 -12.33
N LEU B 463 31.89 -11.96 -12.36
CA LEU B 463 32.68 -13.18 -12.24
C LEU B 463 33.65 -13.32 -13.39
N LYS B 464 33.21 -13.03 -14.61
CA LYS B 464 34.11 -13.11 -15.75
C LYS B 464 35.26 -12.11 -15.63
N SER B 465 34.99 -10.92 -15.10
CA SER B 465 36.04 -9.93 -14.98
C SER B 465 37.08 -10.31 -13.94
N GLU B 466 36.64 -10.84 -12.80
CA GLU B 466 37.59 -11.34 -11.81
C GLU B 466 38.30 -12.61 -12.28
N SER B 467 37.65 -13.44 -13.10
CA SER B 467 38.27 -14.69 -13.55
C SER B 467 39.32 -14.47 -14.63
N GLN B 468 39.03 -13.60 -15.60
CA GLN B 468 39.96 -13.43 -16.72
C GLN B 468 41.19 -12.63 -16.36
N ALA B 469 41.10 -11.71 -15.40
CA ALA B 469 42.26 -10.93 -14.98
C ALA B 469 43.19 -11.78 -14.12
N LYS B 500 23.63 -2.83 -21.02
CA LYS B 500 23.70 -1.45 -20.56
C LYS B 500 24.22 -1.39 -19.14
N ILE B 501 24.50 -0.19 -18.66
CA ILE B 501 24.92 -0.03 -17.27
C ILE B 501 23.74 -0.19 -16.32
N LEU B 502 22.63 0.46 -16.63
CA LEU B 502 21.37 0.24 -15.94
C LEU B 502 20.29 0.07 -16.99
N TRP B 503 19.73 -1.13 -17.07
CA TRP B 503 18.71 -1.39 -18.09
C TRP B 503 17.52 -0.45 -17.88
N PRO B 504 17.04 0.20 -18.92
CA PRO B 504 15.87 1.07 -18.77
C PRO B 504 14.67 0.23 -18.35
N GLN B 505 13.67 0.91 -17.78
CA GLN B 505 12.49 0.18 -17.34
C GLN B 505 11.73 -0.44 -18.50
N SER B 506 11.72 0.21 -19.66
CA SER B 506 10.98 -0.33 -20.78
C SER B 506 11.57 -1.66 -21.25
N ILE B 507 12.89 -1.75 -21.32
CA ILE B 507 13.52 -2.98 -21.78
C ILE B 507 13.36 -4.08 -20.73
N ARG B 508 13.47 -3.72 -19.46
CA ARG B 508 13.22 -4.69 -18.40
C ARG B 508 11.81 -5.24 -18.51
N ALA B 509 10.83 -4.36 -18.72
CA ALA B 509 9.45 -4.79 -18.88
C ALA B 509 9.29 -5.74 -20.05
N ARG B 510 9.82 -5.37 -21.22
CA ARG B 510 9.64 -6.23 -22.38
C ARG B 510 10.27 -7.60 -22.15
N ILE B 511 11.48 -7.65 -21.59
CA ILE B 511 12.14 -8.94 -21.37
C ILE B 511 11.37 -9.77 -20.37
N GLY B 512 10.93 -9.17 -19.28
CA GLY B 512 10.19 -9.91 -18.29
C GLY B 512 8.90 -10.45 -18.84
N SER B 513 8.18 -9.63 -19.60
CA SER B 513 6.92 -10.07 -20.16
C SER B 513 7.10 -11.20 -21.14
N VAL B 514 8.14 -11.15 -21.97
CA VAL B 514 8.32 -12.25 -22.92
C VAL B 514 8.61 -13.55 -22.18
N LEU B 515 9.48 -13.51 -21.17
CA LEU B 515 9.79 -14.77 -20.49
C LEU B 515 8.59 -15.30 -19.71
N ILE B 516 7.88 -14.45 -18.96
CA ILE B 516 6.75 -14.99 -18.22
C ILE B 516 5.66 -15.43 -19.19
N SER B 517 5.56 -14.81 -20.37
CA SER B 517 4.64 -15.29 -21.39
C SER B 517 4.97 -16.73 -21.78
N MET B 518 6.24 -17.00 -22.09
CA MET B 518 6.62 -18.36 -22.45
C MET B 518 6.30 -19.34 -21.34
N LEU B 519 6.57 -18.96 -20.09
CA LEU B 519 6.23 -19.85 -18.99
C LEU B 519 4.73 -20.08 -18.91
N ILE B 520 3.93 -19.03 -19.11
CA ILE B 520 2.47 -19.18 -19.15
C ILE B 520 2.08 -20.20 -20.20
N GLN B 521 2.79 -20.18 -21.32
CA GLN B 521 2.43 -21.00 -22.48
C GLN B 521 3.10 -22.37 -22.43
N VAL B 522 3.84 -22.69 -21.37
CA VAL B 522 4.35 -24.03 -21.19
C VAL B 522 3.80 -24.74 -19.95
N ALA B 523 3.53 -23.97 -18.89
CA ALA B 523 3.23 -24.58 -17.60
C ALA B 523 1.85 -25.22 -17.58
N LYS B 524 1.78 -26.53 -17.34
CA LYS B 524 0.53 -27.24 -17.21
C LYS B 524 0.60 -28.20 -16.04
N VAL B 525 -0.42 -28.17 -15.17
CA VAL B 525 -0.48 -28.98 -13.96
C VAL B 525 -1.79 -29.73 -13.94
N SER B 526 -1.73 -31.02 -13.60
CA SER B 526 -2.94 -31.84 -13.53
C SER B 526 -3.87 -31.36 -12.42
N VAL B 527 -5.17 -31.37 -12.70
CA VAL B 527 -6.18 -30.93 -11.74
C VAL B 527 -7.37 -31.89 -11.80
N GLN B 528 -8.15 -31.90 -10.73
CA GLN B 528 -9.35 -32.73 -10.60
C GLN B 528 -10.56 -31.82 -10.40
N GLY B 529 -11.61 -32.08 -11.17
CA GLY B 529 -12.82 -31.28 -11.08
C GLY B 529 -14.06 -32.14 -11.06
N VAL B 530 -15.16 -31.53 -10.62
CA VAL B 530 -16.46 -32.19 -10.55
C VAL B 530 -17.36 -31.59 -11.62
N ASP B 531 -17.86 -32.44 -12.52
CA ASP B 531 -18.76 -31.95 -13.55
C ASP B 531 -20.12 -31.61 -12.93
N PRO B 532 -20.80 -30.58 -13.44
CA PRO B 532 -21.99 -30.09 -12.73
C PRO B 532 -23.22 -30.97 -12.90
N VAL B 533 -23.51 -31.44 -14.12
CA VAL B 533 -24.79 -32.08 -14.38
C VAL B 533 -24.83 -33.50 -13.81
N THR B 534 -23.73 -34.24 -13.92
CA THR B 534 -23.71 -35.63 -13.47
C THR B 534 -23.06 -35.84 -12.12
N LYS B 535 -22.39 -34.81 -11.58
CA LYS B 535 -21.70 -34.91 -10.29
C LYS B 535 -20.69 -36.06 -10.28
N ALA B 536 -19.96 -36.21 -11.38
CA ALA B 536 -18.95 -37.25 -11.52
C ALA B 536 -17.58 -36.59 -11.64
N LYS B 537 -16.67 -36.93 -10.73
CA LYS B 537 -15.38 -36.28 -10.70
C LYS B 537 -14.61 -36.55 -11.99
N VAL B 538 -13.97 -35.49 -12.52
CA VAL B 538 -13.18 -35.59 -13.74
C VAL B 538 -11.83 -34.91 -13.49
N HIS B 539 -10.76 -35.56 -13.95
CA HIS B 539 -9.40 -35.08 -13.77
C HIS B 539 -8.84 -34.57 -15.10
N GLY B 540 -8.14 -33.44 -15.05
CA GLY B 540 -7.57 -32.87 -16.25
C GLY B 540 -6.34 -32.04 -16.01
N GLU B 541 -5.62 -31.74 -17.09
CA GLU B 541 -4.44 -30.89 -17.06
C GLU B 541 -4.81 -29.49 -17.51
N ALA B 542 -4.44 -28.49 -16.73
CA ALA B 542 -4.74 -27.09 -17.00
C ALA B 542 -3.48 -26.26 -16.86
N PRO B 543 -3.48 -25.02 -17.37
CA PRO B 543 -2.27 -24.19 -17.25
C PRO B 543 -2.01 -23.81 -15.80
N ALA B 544 -0.75 -23.91 -15.40
CA ALA B 544 -0.40 -23.61 -14.01
C ALA B 544 -0.49 -22.12 -13.72
N PHE B 545 -0.12 -21.28 -14.67
CA PHE B 545 -0.26 -19.84 -14.55
C PHE B 545 -1.28 -19.36 -15.57
N ALA B 546 -1.96 -18.27 -15.24
CA ALA B 546 -2.92 -17.67 -16.16
C ALA B 546 -2.84 -16.17 -16.02
N HIS B 547 -3.03 -15.47 -17.13
CA HIS B 547 -3.01 -14.01 -17.16
C HIS B 547 -4.42 -13.48 -17.26
N GLY B 548 -4.85 -12.75 -16.24
CA GLY B 548 -6.17 -12.16 -16.25
C GLY B 548 -6.14 -10.72 -15.79
N TYR B 549 -7.30 -10.14 -15.48
CA TYR B 549 -7.39 -8.79 -14.99
C TYR B 549 -8.32 -8.77 -13.80
N GLN B 550 -8.24 -7.69 -13.00
CA GLN B 550 -9.15 -7.56 -11.88
C GLN B 550 -9.44 -6.08 -11.64
N TYR B 551 -10.71 -5.78 -11.41
CA TYR B 551 -11.17 -4.42 -11.16
C TYR B 551 -11.16 -4.07 -9.68
N HIS B 552 -10.44 -3.01 -9.33
CA HIS B 552 -10.58 -2.38 -8.03
C HIS B 552 -10.92 -0.92 -8.21
N ASN B 553 -11.94 -0.45 -7.51
CA ASN B 553 -12.23 0.98 -7.41
C ASN B 553 -12.44 1.59 -8.79
N GLY B 554 -12.80 0.78 -9.77
CA GLY B 554 -12.92 1.21 -11.13
C GLY B 554 -11.67 1.09 -11.98
N SER B 555 -10.49 1.13 -11.37
CA SER B 555 -9.24 1.14 -12.12
C SER B 555 -8.74 -0.28 -12.33
N LYS B 556 -8.82 -0.77 -13.56
CA LYS B 556 -8.53 -2.18 -13.80
C LYS B 556 -7.09 -2.49 -13.43
N LEU B 557 -6.86 -3.71 -12.97
CA LEU B 557 -5.53 -4.19 -12.63
C LEU B 557 -5.24 -5.53 -13.27
N GLY B 558 -4.04 -5.66 -13.83
CA GLY B 558 -3.63 -6.93 -14.41
C GLY B 558 -3.02 -7.85 -13.36
N VAL B 559 -3.35 -9.13 -13.45
CA VAL B 559 -2.91 -10.12 -12.47
C VAL B 559 -2.44 -11.38 -13.19
N LEU B 560 -1.60 -12.13 -12.50
CA LEU B 560 -1.18 -13.47 -12.93
C LEU B 560 -1.63 -14.44 -11.85
N LYS B 561 -2.62 -15.28 -12.16
CA LYS B 561 -3.15 -16.19 -11.17
C LYS B 561 -2.47 -17.55 -11.29
N ILE B 562 -2.21 -18.17 -10.14
CA ILE B 562 -1.58 -19.47 -10.05
C ILE B 562 -2.64 -20.47 -9.63
N HIS B 563 -2.59 -21.67 -10.21
CA HIS B 563 -3.60 -22.68 -9.93
C HIS B 563 -3.64 -22.99 -8.43
N LYS B 564 -4.83 -23.27 -7.92
CA LYS B 564 -4.96 -23.58 -6.50
C LYS B 564 -4.24 -24.88 -6.16
N THR B 565 -4.19 -25.83 -7.10
CA THR B 565 -3.40 -27.03 -6.88
C THR B 565 -1.94 -26.72 -6.58
N LEU B 566 -1.38 -25.67 -7.20
CA LEU B 566 -0.01 -25.31 -6.88
C LEU B 566 0.10 -24.54 -5.57
N ILE B 567 -0.92 -23.76 -5.23
CA ILE B 567 -0.87 -23.06 -3.95
C ILE B 567 -0.89 -24.06 -2.80
N ARG B 568 -1.66 -25.15 -2.97
CA ARG B 568 -1.67 -26.19 -1.94
C ARG B 568 -0.28 -26.75 -1.70
N GLN B 569 0.57 -26.76 -2.73
CA GLN B 569 1.91 -27.31 -2.63
C GLN B 569 2.96 -26.27 -2.28
N LEU B 570 2.63 -24.98 -2.38
CA LEU B 570 3.52 -23.95 -1.89
C LEU B 570 3.43 -23.79 -0.37
N ASN B 571 2.31 -24.19 0.22
CA ASN B 571 2.21 -24.26 1.67
C ASN B 571 2.73 -25.65 1.98
N GLY B 572 4.01 -25.89 1.69
CA GLY B 572 4.61 -27.18 1.96
C GLY B 572 6.03 -27.02 2.49
N GLU B 573 6.49 -28.07 3.16
CA GLU B 573 7.76 -27.98 3.86
C GLU B 573 8.94 -27.87 2.92
N ARG B 574 8.82 -28.39 1.69
CA ARG B 574 9.94 -28.45 0.78
C ARG B 574 10.00 -27.26 -0.18
N LEU B 575 9.28 -26.18 0.13
CA LEU B 575 9.27 -25.01 -0.76
C LEU B 575 10.64 -24.39 -0.92
N ILE B 576 11.45 -24.39 0.14
CA ILE B 576 12.75 -23.71 0.05
C ILE B 576 13.66 -24.37 -1.00
N ALA B 577 13.55 -25.69 -1.18
CA ALA B 577 14.37 -26.36 -2.20
C ALA B 577 14.03 -25.84 -3.59
N SER B 578 12.74 -25.66 -3.87
CA SER B 578 12.34 -25.17 -5.18
C SER B 578 12.79 -23.74 -5.39
N VAL B 579 12.34 -22.83 -4.54
CA VAL B 579 12.66 -21.42 -4.69
C VAL B 579 13.78 -21.06 -3.72
N GLN B 580 15.00 -21.03 -4.22
CA GLN B 580 16.13 -20.82 -3.35
C GLN B 580 16.27 -19.35 -3.00
N PRO B 581 16.68 -19.05 -1.78
CA PRO B 581 17.05 -17.67 -1.43
C PRO B 581 18.50 -17.36 -1.79
N GLN B 582 18.71 -16.40 -2.70
CA GLN B 582 20.09 -16.05 -3.06
C GLN B 582 20.72 -15.15 -2.00
N LEU B 583 20.02 -14.10 -1.57
CA LEU B 583 20.55 -13.16 -0.58
C LEU B 583 20.18 -13.69 0.78
N LEU B 584 21.01 -14.58 1.30
CA LEU B 584 20.86 -15.07 2.66
C LEU B 584 22.11 -14.69 3.46
N PRO B 585 22.04 -14.73 4.78
CA PRO B 585 23.17 -14.31 5.60
C PRO B 585 24.46 -15.03 5.23
N MET B 586 25.50 -14.25 4.94
CA MET B 586 26.76 -14.80 4.51
C MET B 586 27.58 -15.32 5.69
N LEU B 587 28.38 -16.33 5.42
CA LEU B 587 29.17 -17.00 6.44
C LEU B 587 30.57 -16.44 6.57
N VAL B 588 30.89 -15.38 5.83
CA VAL B 588 32.18 -14.71 5.92
C VAL B 588 31.95 -13.30 6.41
N GLU B 589 33.02 -12.66 6.83
CA GLU B 589 32.92 -11.26 7.21
C GLU B 589 32.40 -10.47 6.02
N PRO B 590 31.39 -9.63 6.18
CA PRO B 590 30.94 -8.78 5.09
C PRO B 590 32.12 -8.01 4.53
N LYS B 591 32.05 -7.69 3.24
CA LYS B 591 33.00 -6.76 2.65
C LYS B 591 32.89 -5.43 3.38
N PRO B 592 33.89 -5.04 4.17
CA PRO B 592 33.76 -3.84 4.99
C PRO B 592 33.60 -2.61 4.12
N TRP B 593 32.77 -1.68 4.58
CA TRP B 593 32.35 -0.57 3.74
C TRP B 593 33.50 0.41 3.54
N VAL B 594 33.91 0.58 2.29
CA VAL B 594 34.96 1.53 1.93
C VAL B 594 34.51 2.55 0.91
N ASN B 595 33.36 2.36 0.27
CA ASN B 595 32.82 3.31 -0.68
C ASN B 595 31.33 3.03 -0.82
N TRP B 596 30.59 4.03 -1.30
CA TRP B 596 29.14 3.84 -1.43
C TRP B 596 28.81 2.68 -2.35
N ARG B 597 29.72 2.34 -3.26
CA ARG B 597 29.45 1.32 -4.27
C ARG B 597 29.77 -0.09 -3.80
N SER B 598 30.53 -0.24 -2.73
CA SER B 598 30.99 -1.55 -2.30
C SER B 598 30.78 -1.73 -0.81
N GLY B 599 30.37 -2.93 -0.42
CA GLY B 599 30.23 -3.24 0.99
C GLY B 599 29.33 -4.44 1.22
N GLY B 600 29.63 -5.21 2.26
CA GLY B 600 28.84 -6.38 2.54
C GLY B 600 29.01 -7.49 1.52
N TYR B 601 28.01 -7.66 0.65
CA TYR B 601 27.98 -8.78 -0.27
C TYR B 601 29.14 -8.75 -1.24
N HIS B 602 29.62 -9.94 -1.60
CA HIS B 602 30.80 -10.07 -2.46
C HIS B 602 30.50 -9.64 -3.88
N TYR B 603 29.58 -10.33 -4.55
CA TYR B 603 29.36 -10.08 -5.96
C TYR B 603 28.12 -9.24 -6.21
N THR B 604 27.03 -9.49 -5.52
CA THR B 604 25.86 -8.65 -5.67
C THR B 604 26.16 -7.27 -5.08
N GLN B 605 26.34 -6.28 -5.95
CA GLN B 605 26.63 -4.93 -5.48
C GLN B 605 25.46 -4.38 -4.67
N SER B 606 25.78 -3.75 -3.55
CA SER B 606 24.77 -3.18 -2.67
C SER B 606 25.11 -1.73 -2.36
N THR B 607 24.24 -0.82 -2.76
CA THR B 607 24.47 0.61 -2.55
C THR B 607 24.17 0.98 -1.10
N LEU B 608 24.88 1.99 -0.60
CA LEU B 608 24.74 2.41 0.79
C LEU B 608 23.36 2.99 1.09
N LEU B 609 22.58 3.34 0.08
CA LEU B 609 21.25 3.91 0.29
C LEU B 609 20.19 3.09 -0.44
N ARG B 610 19.11 2.79 0.27
CA ARG B 610 17.90 2.25 -0.37
C ARG B 610 17.19 3.48 -0.91
N THR B 611 17.80 4.06 -1.93
CA THR B 611 17.15 5.13 -2.70
C THR B 611 16.14 4.52 -3.66
N LYS B 612 14.87 4.77 -3.41
CA LYS B 612 13.81 4.09 -4.15
C LYS B 612 13.74 4.40 -5.64
N ASP B 613 13.53 5.66 -6.00
CA ASP B 613 13.38 6.04 -7.41
C ASP B 613 13.94 7.44 -7.66
N SER B 614 15.14 7.73 -7.16
CA SER B 614 15.67 9.07 -7.28
C SER B 614 17.06 9.06 -7.91
N PRO B 615 17.28 9.86 -8.96
CA PRO B 615 18.66 10.15 -9.36
C PRO B 615 19.36 11.11 -8.41
N GLU B 616 18.63 12.09 -7.87
CA GLU B 616 19.24 13.08 -6.99
C GLU B 616 19.80 12.44 -5.73
N GLN B 617 19.09 11.47 -5.16
CA GLN B 617 19.57 10.86 -3.92
C GLN B 617 20.92 10.20 -4.12
N VAL B 618 21.06 9.41 -5.19
CA VAL B 618 22.34 8.77 -5.43
C VAL B 618 23.37 9.81 -5.83
N ALA B 619 22.97 10.87 -6.54
CA ALA B 619 23.94 11.89 -6.93
C ALA B 619 24.56 12.55 -5.70
N TYR B 620 23.72 12.94 -4.74
CA TYR B 620 24.24 13.54 -3.52
C TYR B 620 25.06 12.55 -2.71
N LEU B 621 24.61 11.28 -2.64
CA LEU B 621 25.42 10.30 -1.93
C LEU B 621 26.78 10.13 -2.60
N LYS B 622 26.79 10.11 -3.93
CA LYS B 622 28.04 9.98 -4.65
C LYS B 622 28.97 11.15 -4.36
N ALA B 623 28.42 12.36 -4.35
CA ALA B 623 29.24 13.52 -4.03
C ALA B 623 29.81 13.41 -2.63
N ALA B 624 29.01 12.94 -1.68
CA ALA B 624 29.51 12.76 -0.32
C ALA B 624 30.63 11.74 -0.28
N SER B 625 30.41 10.57 -0.87
CA SER B 625 31.42 9.51 -0.84
C SER B 625 32.71 9.96 -1.50
N ASP B 626 32.61 10.66 -2.63
CA ASP B 626 33.82 11.16 -3.28
C ASP B 626 34.53 12.16 -2.39
N ASN B 627 33.78 13.06 -1.75
CA ASN B 627 34.41 13.96 -0.79
C ASN B 627 34.93 13.17 0.40
N GLY B 628 34.24 12.08 0.76
CA GLY B 628 34.72 11.19 1.80
C GLY B 628 34.41 11.62 3.22
N ASP B 629 33.47 12.55 3.40
CA ASP B 629 33.20 13.11 4.72
C ASP B 629 32.17 12.30 5.51
N ILE B 630 31.77 11.12 5.04
CA ILE B 630 30.80 10.29 5.75
C ILE B 630 31.46 9.12 6.46
N ASP B 631 32.79 9.13 6.60
CA ASP B 631 33.52 7.96 7.10
C ASP B 631 32.89 7.37 8.34
N ARG B 632 32.25 8.18 9.18
CA ARG B 632 31.63 7.65 10.38
C ARG B 632 30.47 6.72 10.06
N VAL B 633 29.74 6.99 8.98
CA VAL B 633 28.69 6.06 8.57
C VAL B 633 29.30 4.72 8.22
N TYR B 634 30.45 4.72 7.54
CA TYR B 634 31.12 3.47 7.24
C TYR B 634 31.53 2.76 8.51
N ASP B 635 32.04 3.51 9.49
CA ASP B 635 32.45 2.88 10.75
C ASP B 635 31.27 2.23 11.45
N GLY B 636 30.12 2.91 11.45
CA GLY B 636 28.94 2.34 12.07
C GLY B 636 28.46 1.09 11.38
N LEU B 637 28.41 1.12 10.04
CA LEU B 637 27.93 -0.06 9.31
C LEU B 637 28.90 -1.22 9.45
N ASN B 638 30.21 -0.93 9.49
CA ASN B 638 31.19 -2.01 9.60
C ASN B 638 31.16 -2.63 10.98
N VAL B 639 30.83 -1.85 12.01
CA VAL B 639 30.68 -2.44 13.33
C VAL B 639 29.38 -3.22 13.44
N LEU B 640 28.32 -2.71 12.82
CA LEU B 640 27.04 -3.41 12.83
C LEU B 640 27.10 -4.74 12.09
N GLY B 641 27.92 -4.83 11.05
CA GLY B 641 27.92 -6.03 10.23
C GLY B 641 28.83 -7.15 10.70
N ARG B 642 29.91 -6.83 11.40
CA ARG B 642 30.91 -7.81 11.75
C ARG B 642 30.58 -8.57 13.02
N THR B 643 29.31 -8.57 13.45
CA THR B 643 28.93 -9.27 14.67
C THR B 643 28.38 -10.64 14.35
N PRO B 644 28.96 -11.71 14.86
CA PRO B 644 28.56 -13.05 14.41
C PRO B 644 27.39 -13.62 15.20
N TRP B 645 26.41 -14.16 14.50
CA TRP B 645 25.27 -14.82 15.12
C TRP B 645 25.39 -16.33 15.00
N THR B 646 24.38 -17.03 15.48
CA THR B 646 24.25 -18.48 15.34
C THR B 646 22.82 -18.85 15.68
N VAL B 647 22.27 -19.81 14.95
CA VAL B 647 20.88 -20.20 15.17
C VAL B 647 20.77 -20.93 16.50
N ASN B 648 19.81 -20.52 17.33
CA ASN B 648 19.61 -21.20 18.61
C ASN B 648 19.07 -22.59 18.35
N ARG B 649 19.77 -23.60 18.86
CA ARG B 649 19.38 -24.97 18.56
C ARG B 649 18.14 -25.38 19.34
N LYS B 650 18.09 -25.06 20.62
CA LYS B 650 16.95 -25.46 21.44
C LYS B 650 15.66 -24.79 20.99
N VAL B 651 15.69 -23.49 20.73
CA VAL B 651 14.49 -22.81 20.26
C VAL B 651 14.09 -23.33 18.90
N PHE B 652 15.06 -23.65 18.05
CA PHE B 652 14.71 -24.24 16.78
C PHE B 652 13.99 -25.56 16.99
N ASP B 653 14.43 -26.35 17.96
CA ASP B 653 13.77 -27.62 18.23
C ASP B 653 12.33 -27.41 18.68
N VAL B 654 12.12 -26.44 19.57
CA VAL B 654 10.76 -26.18 20.06
C VAL B 654 9.85 -25.70 18.93
N VAL B 655 10.32 -24.76 18.11
CA VAL B 655 9.47 -24.27 17.03
C VAL B 655 9.24 -25.37 16.01
N SER B 656 10.21 -26.25 15.78
CA SER B 656 9.99 -27.33 14.82
C SER B 656 8.97 -28.32 15.34
N GLN B 657 9.01 -28.61 16.65
CA GLN B 657 8.01 -29.49 17.23
C GLN B 657 6.62 -28.89 17.09
N VAL B 658 6.49 -27.60 17.43
CA VAL B 658 5.21 -26.93 17.34
C VAL B 658 4.70 -26.86 15.90
N TRP B 659 5.59 -26.59 14.94
CA TRP B 659 5.19 -26.53 13.55
C TRP B 659 4.72 -27.90 13.06
N ASN B 660 5.47 -28.95 13.39
CA ASN B 660 5.08 -30.28 12.95
C ASN B 660 3.78 -30.73 13.61
N LYS B 661 3.52 -30.27 14.83
CA LYS B 661 2.30 -30.68 15.52
C LYS B 661 1.07 -30.28 14.72
N GLY B 662 1.13 -29.14 14.05
CA GLY B 662 0.07 -28.72 13.16
C GLY B 662 -1.01 -27.86 13.78
N GLU B 663 -1.06 -27.77 15.11
CA GLU B 663 -2.08 -26.96 15.73
C GLU B 663 -1.64 -25.49 15.76
N GLY B 664 -2.62 -24.60 15.83
CA GLY B 664 -2.34 -23.18 15.85
C GLY B 664 -1.65 -22.79 17.14
N PHE B 665 -0.42 -22.31 17.04
CA PHE B 665 0.34 -21.88 18.21
C PHE B 665 0.13 -20.37 18.38
N LEU B 666 0.98 -19.74 19.18
CA LEU B 666 0.84 -18.32 19.49
C LEU B 666 0.73 -17.45 18.24
N ASP B 667 1.60 -17.67 17.25
CA ASP B 667 1.53 -16.86 16.05
C ASP B 667 1.43 -17.70 14.78
N ILE B 668 2.06 -18.87 14.77
CA ILE B 668 1.93 -19.77 13.64
C ILE B 668 0.46 -20.14 13.55
N PRO B 669 -0.24 -19.73 12.49
CA PRO B 669 -1.71 -19.83 12.51
C PRO B 669 -2.25 -21.25 12.51
N GLY B 670 -1.56 -22.20 11.91
CA GLY B 670 -2.09 -23.54 11.95
C GLY B 670 -2.74 -23.95 10.65
N ALA B 671 -2.65 -25.24 10.34
CA ALA B 671 -3.09 -25.75 9.05
C ALA B 671 -4.55 -25.41 8.80
N GLN B 672 -4.84 -24.95 7.58
CA GLN B 672 -6.19 -24.60 7.17
C GLN B 672 -6.37 -25.02 5.72
N ASP B 673 -7.47 -25.73 5.42
CA ASP B 673 -7.65 -26.23 4.06
C ASP B 673 -8.24 -25.16 3.14
N GLU B 674 -9.45 -24.72 3.43
CA GLU B 674 -10.10 -23.68 2.63
C GLU B 674 -11.13 -22.97 3.49
N MET B 675 -11.33 -21.69 3.20
CA MET B 675 -12.16 -20.84 4.04
C MET B 675 -13.63 -21.25 3.93
N VAL B 676 -14.38 -21.01 5.00
CA VAL B 676 -15.81 -21.29 5.06
C VAL B 676 -16.55 -19.95 5.10
N LEU B 677 -17.46 -19.77 4.18
CA LEU B 677 -18.18 -18.51 4.26
C LEU B 677 -19.54 -18.70 4.90
N PRO B 678 -20.05 -17.68 5.58
CA PRO B 678 -21.38 -17.78 6.19
C PRO B 678 -22.45 -18.04 5.15
N PRO B 679 -23.66 -18.38 5.57
CA PRO B 679 -24.73 -18.62 4.60
C PRO B 679 -25.01 -17.37 3.77
N ALA B 680 -25.00 -17.54 2.45
CA ALA B 680 -25.23 -16.42 1.57
C ALA B 680 -26.63 -15.87 1.75
N PRO B 681 -26.80 -14.56 1.81
CA PRO B 681 -28.13 -13.98 2.00
C PRO B 681 -28.96 -14.11 0.75
N PRO B 682 -30.28 -14.16 0.88
CA PRO B 682 -31.14 -14.26 -0.31
C PRO B 682 -31.09 -12.95 -1.10
N LYS B 683 -31.25 -13.09 -2.41
CA LYS B 683 -31.12 -11.92 -3.28
C LYS B 683 -32.14 -10.85 -2.93
N ASN B 684 -33.37 -11.25 -2.65
CA ASN B 684 -34.43 -10.28 -2.39
C ASN B 684 -34.19 -9.42 -1.15
N SER B 685 -33.09 -9.62 -0.43
CA SER B 685 -32.87 -8.86 0.78
C SER B 685 -32.39 -7.44 0.45
N ASP B 686 -32.56 -6.57 1.42
CA ASP B 686 -32.21 -5.15 1.26
C ASP B 686 -30.77 -5.03 0.78
N PRO B 687 -30.48 -4.09 -0.10
CA PRO B 687 -29.11 -3.98 -0.66
C PRO B 687 -28.04 -3.90 0.41
N SER B 688 -28.34 -3.23 1.52
CA SER B 688 -27.36 -3.11 2.58
C SER B 688 -26.97 -4.46 3.15
N ILE B 689 -27.93 -5.38 3.27
CA ILE B 689 -27.62 -6.70 3.78
C ILE B 689 -26.65 -7.43 2.85
N LEU B 690 -26.89 -7.36 1.54
CA LEU B 690 -25.97 -7.99 0.60
C LEU B 690 -24.60 -7.34 0.65
N ARG B 691 -24.57 -6.01 0.77
CA ARG B 691 -23.28 -5.32 0.86
C ARG B 691 -22.55 -5.74 2.13
N ALA B 692 -23.27 -5.88 3.23
CA ALA B 692 -22.65 -6.31 4.48
C ALA B 692 -22.08 -7.71 4.34
N TRP B 693 -22.83 -8.62 3.70
CA TRP B 693 -22.31 -9.96 3.48
C TRP B 693 -21.08 -9.94 2.59
N LYS B 694 -21.09 -9.12 1.54
CA LYS B 694 -19.92 -9.05 0.68
C LYS B 694 -18.72 -8.55 1.45
N LEU B 695 -18.91 -7.56 2.32
CA LEU B 695 -17.82 -7.09 3.16
C LEU B 695 -17.32 -8.18 4.09
N GLN B 696 -18.23 -8.96 4.66
CA GLN B 696 -17.81 -10.06 5.50
C GLN B 696 -17.02 -11.09 4.71
N VAL B 697 -17.42 -11.35 3.48
CA VAL B 697 -16.67 -12.28 2.63
C VAL B 697 -15.26 -11.76 2.40
N LYS B 698 -15.14 -10.45 2.17
CA LYS B 698 -13.81 -9.88 2.01
C LYS B 698 -12.99 -10.05 3.28
N THR B 699 -13.62 -9.87 4.44
CA THR B 699 -12.92 -10.02 5.70
C THR B 699 -12.43 -11.45 5.90
N ILE B 700 -13.30 -12.42 5.64
CA ILE B 700 -12.93 -13.82 5.82
C ILE B 700 -11.81 -14.20 4.84
N ALA B 701 -11.92 -13.77 3.59
CA ALA B 701 -10.89 -14.08 2.61
C ALA B 701 -9.56 -13.47 3.01
N ASN B 702 -9.58 -12.23 3.51
CA ASN B 702 -8.35 -11.61 3.94
C ASN B 702 -7.73 -12.36 5.11
N LYS B 703 -8.55 -12.77 6.07
CA LYS B 703 -7.99 -13.50 7.21
C LYS B 703 -7.37 -14.81 6.76
N PHE B 704 -8.04 -15.52 5.86
CA PHE B 704 -7.50 -16.80 5.38
C PHE B 704 -6.19 -16.58 4.62
N SER B 705 -6.15 -15.59 3.73
CA SER B 705 -4.92 -15.35 2.99
C SER B 705 -3.80 -14.89 3.92
N SER B 706 -4.13 -14.14 4.97
CA SER B 706 -3.13 -13.69 5.91
C SER B 706 -2.54 -14.87 6.67
N ASP B 707 -3.41 -15.75 7.17
CA ASP B 707 -2.92 -16.92 7.89
C ASP B 707 -2.09 -17.82 6.98
N ARG B 708 -2.52 -17.99 5.74
CA ARG B 708 -1.75 -18.81 4.80
C ARG B 708 -0.38 -18.20 4.55
N SER B 709 -0.33 -16.88 4.35
CA SER B 709 0.95 -16.22 4.14
C SER B 709 1.85 -16.33 5.36
N ASN B 710 1.28 -16.16 6.56
CA ASN B 710 2.09 -16.29 7.77
C ASN B 710 2.66 -17.69 7.90
N ARG B 711 1.86 -18.72 7.65
CA ARG B 711 2.37 -20.07 7.74
C ARG B 711 3.46 -20.32 6.70
N CYS B 712 3.29 -19.76 5.50
CA CYS B 712 4.32 -19.92 4.47
C CYS B 712 5.61 -19.19 4.85
N ASP B 713 5.49 -17.96 5.36
CA ASP B 713 6.66 -17.22 5.79
C ASP B 713 7.41 -17.97 6.89
N THR B 714 6.67 -18.49 7.87
CA THR B 714 7.29 -19.25 8.93
C THR B 714 7.97 -20.49 8.36
N ASN B 715 7.35 -21.14 7.38
CA ASN B 715 7.99 -22.30 6.77
C ASN B 715 9.30 -21.92 6.12
N TYR B 716 9.33 -20.77 5.44
CA TYR B 716 10.56 -20.32 4.80
C TYR B 716 11.62 -20.02 5.85
N LYS B 717 11.22 -19.37 6.93
CA LYS B 717 12.15 -19.01 7.99
C LYS B 717 12.70 -20.24 8.68
N LEU B 718 11.85 -21.23 8.95
CA LEU B 718 12.32 -22.44 9.59
C LEU B 718 13.19 -23.26 8.67
N GLU B 719 12.97 -23.17 7.36
CA GLU B 719 13.84 -23.89 6.45
C GLU B 719 15.23 -23.25 6.40
N ILE B 720 15.29 -21.92 6.35
CA ILE B 720 16.59 -21.27 6.39
C ILE B 720 17.28 -21.54 7.72
N ALA B 721 16.51 -21.54 8.81
CA ALA B 721 17.09 -21.84 10.11
C ALA B 721 17.62 -23.26 10.15
N ARG B 722 16.90 -24.19 9.55
CA ARG B 722 17.34 -25.58 9.52
C ARG B 722 18.64 -25.68 8.74
N ALA B 723 18.79 -24.87 7.69
CA ALA B 723 20.01 -24.94 6.89
C ALA B 723 21.24 -24.59 7.72
N PHE B 724 21.13 -23.60 8.60
CA PHE B 724 22.27 -23.05 9.34
C PHE B 724 22.35 -23.56 10.76
N LEU B 725 21.85 -24.77 11.04
CA LEU B 725 21.65 -25.20 12.42
C LEU B 725 22.93 -25.08 13.26
N GLY B 726 24.10 -25.17 12.63
CA GLY B 726 25.34 -25.07 13.37
C GLY B 726 26.24 -23.91 12.96
N GLU B 727 26.16 -23.50 11.70
CA GLU B 727 27.14 -22.57 11.15
C GLU B 727 26.87 -21.14 11.63
N LYS B 728 27.95 -20.38 11.79
CA LYS B 728 27.84 -19.00 12.24
C LYS B 728 27.80 -18.05 11.05
N LEU B 729 27.00 -17.00 11.18
CA LEU B 729 26.59 -16.16 10.07
C LEU B 729 26.74 -14.68 10.42
N TYR B 730 27.01 -13.88 9.39
CA TYR B 730 27.12 -12.42 9.52
C TYR B 730 26.10 -11.75 8.61
N PHE B 731 25.55 -10.64 9.07
CA PHE B 731 24.55 -9.91 8.29
C PHE B 731 25.14 -8.60 7.79
N PRO B 732 25.09 -8.32 6.49
CA PRO B 732 25.61 -7.05 5.98
C PRO B 732 24.56 -5.94 6.02
N HIS B 733 24.82 -4.85 6.73
CA HIS B 733 23.80 -3.82 6.89
C HIS B 733 23.86 -2.79 5.78
N ASN B 734 22.70 -2.17 5.54
CA ASN B 734 22.51 -1.11 4.56
C ASN B 734 21.63 -0.05 5.21
N LEU B 735 21.53 1.13 4.60
CA LEU B 735 20.71 2.20 5.14
C LEU B 735 19.58 2.56 4.20
N ASP B 736 18.45 2.96 4.77
CA ASP B 736 17.42 3.61 3.97
C ASP B 736 17.82 5.06 3.80
N PHE B 737 16.96 5.90 3.26
CA PHE B 737 17.46 7.22 2.88
C PHE B 737 17.64 8.16 4.07
N ARG B 738 17.15 7.81 5.26
CA ARG B 738 17.48 8.60 6.43
C ARG B 738 18.80 8.16 7.05
N GLY B 739 19.04 6.85 7.13
CA GLY B 739 20.28 6.39 7.72
C GLY B 739 20.11 5.29 8.73
N ARG B 740 18.87 4.86 8.98
CA ARG B 740 18.64 3.72 9.83
C ARG B 740 19.18 2.46 9.17
N ALA B 741 19.75 1.56 9.96
CA ALA B 741 20.46 0.41 9.41
C ALA B 741 19.52 -0.78 9.28
N TYR B 742 19.36 -1.29 8.05
CA TYR B 742 18.54 -2.45 7.78
C TYR B 742 19.39 -3.53 7.14
N PRO B 743 19.35 -4.77 7.63
CA PRO B 743 20.11 -5.85 7.00
C PRO B 743 19.87 -5.98 5.51
N LEU B 744 20.79 -6.61 4.80
CA LEU B 744 20.60 -6.81 3.38
C LEU B 744 19.78 -8.06 3.08
N SER B 745 19.78 -9.03 3.99
CA SER B 745 19.03 -10.28 3.83
C SER B 745 17.56 -10.09 4.18
N PRO B 746 16.67 -10.04 3.20
CA PRO B 746 15.27 -9.68 3.51
C PRO B 746 14.48 -10.81 4.16
N HIS B 747 14.71 -12.06 3.77
CA HIS B 747 13.87 -13.15 4.26
C HIS B 747 14.06 -13.37 5.76
N PHE B 748 15.29 -13.67 6.18
CA PHE B 748 15.58 -14.09 7.53
C PHE B 748 16.65 -13.19 8.13
N ASN B 749 16.29 -12.46 9.19
CA ASN B 749 17.24 -11.59 9.87
C ASN B 749 16.72 -11.30 11.26
N HIS B 750 17.63 -10.89 12.14
CA HIS B 750 17.29 -10.60 13.52
C HIS B 750 16.33 -9.44 13.68
N LEU B 751 15.90 -8.81 12.59
CA LEU B 751 15.07 -7.62 12.65
C LEU B 751 13.66 -7.92 12.17
N GLY B 752 13.26 -9.19 12.18
CA GLY B 752 11.92 -9.59 11.82
C GLY B 752 11.02 -9.70 13.03
N ASN B 753 10.03 -10.58 12.92
CA ASN B 753 9.09 -10.73 14.02
C ASN B 753 9.76 -11.49 15.15
N ASP B 754 9.00 -11.75 16.22
CA ASP B 754 9.58 -12.30 17.45
C ASP B 754 10.25 -13.64 17.21
N MET B 755 9.67 -14.48 16.35
CA MET B 755 10.26 -15.80 16.11
C MET B 755 11.66 -15.69 15.55
N SER B 756 11.89 -14.75 14.64
CA SER B 756 13.22 -14.60 14.08
C SER B 756 14.22 -14.21 15.15
N ARG B 757 13.83 -13.31 16.04
CA ARG B 757 14.73 -12.91 17.12
C ARG B 757 15.02 -14.07 18.06
N GLY B 758 14.02 -14.89 18.35
CA GLY B 758 14.24 -16.01 19.26
C GLY B 758 15.27 -16.98 18.75
N LEU B 759 15.26 -17.26 17.44
CA LEU B 759 16.17 -18.23 16.86
C LEU B 759 17.63 -17.80 16.98
N LEU B 760 17.91 -16.51 16.81
CA LEU B 760 19.28 -16.03 16.75
C LEU B 760 19.88 -15.75 18.12
N ILE B 761 21.15 -16.10 18.28
CA ILE B 761 21.92 -15.81 19.48
C ILE B 761 23.30 -15.39 19.05
N PHE B 762 24.00 -14.67 19.92
CA PHE B 762 25.32 -14.20 19.60
C PHE B 762 26.31 -15.35 19.59
N TRP B 763 27.07 -15.45 18.50
CA TRP B 763 28.06 -16.50 18.38
C TRP B 763 29.09 -16.42 19.50
N HIS B 764 29.69 -15.23 19.67
CA HIS B 764 30.64 -15.06 20.77
C HIS B 764 29.91 -15.17 22.09
N GLY B 765 30.43 -16.00 22.99
CA GLY B 765 29.89 -16.15 24.33
C GLY B 765 30.84 -15.54 25.34
N LYS B 766 30.28 -14.78 26.27
CA LYS B 766 31.07 -14.11 27.29
C LYS B 766 30.51 -14.40 28.67
N LYS B 767 31.41 -14.56 29.64
CA LYS B 767 31.00 -14.83 31.00
C LYS B 767 30.09 -13.73 31.52
N LEU B 768 29.05 -14.12 32.26
CA LEU B 768 28.08 -13.16 32.75
C LEU B 768 28.63 -12.13 33.73
N GLY B 769 29.21 -12.60 34.81
CA GLY B 769 29.76 -11.74 35.82
C GLY B 769 28.71 -11.17 36.75
N PRO B 770 29.17 -10.32 37.68
CA PRO B 770 28.24 -9.77 38.69
C PRO B 770 27.14 -8.91 38.09
N SER B 771 27.50 -7.97 37.22
CA SER B 771 26.48 -7.17 36.55
C SER B 771 25.70 -8.02 35.58
N GLY B 772 26.39 -8.94 34.90
CA GLY B 772 25.77 -9.70 33.84
C GLY B 772 24.60 -10.55 34.31
N LEU B 773 24.76 -11.23 35.44
CA LEU B 773 23.66 -12.09 35.90
C LEU B 773 22.41 -11.27 36.17
N LYS B 774 22.57 -10.16 36.87
CA LYS B 774 21.42 -9.31 37.18
C LYS B 774 20.81 -8.76 35.90
N TRP B 775 21.65 -8.34 34.95
CA TRP B 775 21.12 -7.80 33.72
C TRP B 775 20.35 -8.86 32.92
N LEU B 776 20.86 -10.09 32.90
CA LEU B 776 20.13 -11.16 32.24
C LEU B 776 18.75 -11.33 32.86
N LYS B 777 18.68 -11.23 34.19
CA LYS B 777 17.38 -11.33 34.86
C LYS B 777 16.49 -10.15 34.49
N ILE B 778 17.07 -8.96 34.41
CA ILE B 778 16.29 -7.78 34.04
C ILE B 778 15.80 -7.89 32.61
N HIS B 779 16.56 -8.54 31.74
CA HIS B 779 16.08 -8.74 30.38
C HIS B 779 14.89 -9.67 30.37
N LEU B 780 14.97 -10.77 31.14
CA LEU B 780 13.83 -11.67 31.19
C LEU B 780 12.60 -10.96 31.71
N SER B 781 12.77 -10.10 32.72
CA SER B 781 11.65 -9.31 33.20
C SER B 781 11.14 -8.37 32.12
N ASN B 782 12.04 -7.79 31.32
CA ASN B 782 11.61 -6.89 30.26
C ASN B 782 10.73 -7.59 29.26
N LEU B 783 11.09 -8.83 28.90
CA LEU B 783 10.30 -9.54 27.90
C LEU B 783 8.87 -9.77 28.38
N PHE B 784 8.69 -10.05 29.66
CA PHE B 784 7.38 -10.36 30.19
C PHE B 784 6.48 -9.17 30.37
N GLY B 785 6.82 -8.02 29.78
CA GLY B 785 5.99 -6.86 29.89
C GLY B 785 6.26 -6.02 31.11
N PHE B 786 7.08 -6.50 32.04
CA PHE B 786 7.46 -5.72 33.22
C PHE B 786 8.75 -4.95 32.95
N ASP B 787 8.68 -4.08 31.95
CA ASP B 787 9.72 -3.09 31.68
C ASP B 787 9.36 -1.73 32.27
N LYS B 788 8.16 -1.60 32.83
CA LYS B 788 7.70 -0.33 33.37
C LYS B 788 8.35 -0.01 34.71
N LEU B 789 8.45 -1.01 35.59
CA LEU B 789 8.88 -0.80 36.96
C LEU B 789 10.39 -0.63 37.07
N PRO B 790 10.88 -0.10 38.20
CA PRO B 790 12.33 0.11 38.36
C PRO B 790 13.11 -1.18 38.29
N LEU B 791 14.44 -1.04 38.22
CA LEU B 791 15.30 -2.20 37.99
C LEU B 791 15.19 -3.20 39.13
N LYS B 792 15.14 -2.71 40.36
CA LYS B 792 15.04 -3.61 41.50
C LYS B 792 13.78 -4.46 41.42
N ASP B 793 12.66 -3.85 41.02
CA ASP B 793 11.42 -4.62 40.89
C ASP B 793 11.56 -5.68 39.80
N ARG B 794 12.27 -5.36 38.72
CA ARG B 794 12.48 -6.37 37.68
C ARG B 794 13.29 -7.55 38.20
N VAL B 795 14.34 -7.26 38.98
CA VAL B 795 15.12 -8.36 39.55
C VAL B 795 14.27 -9.17 40.50
N ALA B 796 13.44 -8.50 41.31
CA ALA B 796 12.57 -9.21 42.24
C ALA B 796 11.58 -10.09 41.49
N PHE B 797 11.02 -9.58 40.39
CA PHE B 797 10.09 -10.37 39.60
C PHE B 797 10.77 -11.61 39.06
N THR B 798 12.00 -11.46 38.56
CA THR B 798 12.70 -12.62 38.04
C THR B 798 12.98 -13.63 39.14
N GLU B 799 13.40 -13.15 40.30
CA GLU B 799 13.70 -14.05 41.42
C GLU B 799 12.46 -14.81 41.89
N SER B 800 11.32 -14.13 41.94
CA SER B 800 10.11 -14.74 42.48
C SER B 800 9.63 -15.92 41.64
N HIS B 801 9.95 -15.95 40.35
CA HIS B 801 9.43 -16.97 39.45
C HIS B 801 10.48 -18.01 39.04
N LEU B 802 11.35 -18.39 39.98
CA LEU B 802 12.39 -19.37 39.68
C LEU B 802 11.79 -20.72 39.30
N GLN B 803 10.74 -21.14 40.01
CA GLN B 803 10.11 -22.42 39.70
C GLN B 803 9.55 -22.40 38.29
N ASP B 804 8.93 -21.29 37.89
CA ASP B 804 8.38 -21.20 36.55
C ASP B 804 9.49 -21.32 35.52
N ILE B 805 10.65 -20.73 35.80
CA ILE B 805 11.78 -20.79 34.88
C ILE B 805 12.25 -22.23 34.71
N LYS B 806 12.40 -22.95 35.82
CA LYS B 806 12.87 -24.33 35.69
C LYS B 806 11.85 -25.19 34.97
N ASP B 807 10.56 -25.02 35.30
CA ASP B 807 9.53 -25.83 34.67
C ASP B 807 9.49 -25.59 33.17
N SER B 808 9.50 -24.32 32.76
CA SER B 808 9.46 -24.01 31.34
C SER B 808 10.70 -24.51 30.63
N ALA B 809 11.87 -24.36 31.24
CA ALA B 809 13.10 -24.79 30.61
C ALA B 809 13.15 -26.30 30.43
N GLU B 810 12.71 -27.06 31.43
CA GLU B 810 12.85 -28.52 31.37
C GLU B 810 12.09 -29.11 30.19
N ASN B 811 10.81 -28.77 30.07
CA ASN B 811 9.99 -29.21 28.94
C ASN B 811 9.23 -28.01 28.41
N PRO B 812 9.58 -27.58 27.20
CA PRO B 812 8.91 -26.44 26.60
C PRO B 812 7.41 -26.66 26.54
N LEU B 813 6.99 -27.76 25.93
CA LEU B 813 5.60 -28.19 25.92
C LEU B 813 5.40 -29.25 27.00
N THR B 814 4.16 -29.72 27.13
CA THR B 814 3.80 -30.70 28.15
C THR B 814 4.21 -30.21 29.53
N GLY B 815 3.91 -28.94 29.81
CA GLY B 815 4.27 -28.33 31.07
C GLY B 815 3.33 -27.19 31.41
N ASP B 816 3.74 -26.33 32.35
CA ASP B 816 2.92 -25.18 32.67
C ASP B 816 2.90 -24.17 31.52
N ARG B 817 3.91 -24.19 30.65
CA ARG B 817 4.00 -23.25 29.53
C ARG B 817 3.94 -21.81 30.03
N TRP B 818 4.85 -21.50 30.97
CA TRP B 818 4.90 -20.15 31.49
C TRP B 818 5.46 -19.17 30.47
N TRP B 819 6.46 -19.58 29.70
CA TRP B 819 7.06 -18.66 28.74
C TRP B 819 6.05 -18.16 27.73
N THR B 820 5.03 -18.95 27.43
CA THR B 820 4.06 -18.55 26.42
C THR B 820 3.30 -17.29 26.84
N THR B 821 2.99 -17.14 28.14
CA THR B 821 2.22 -15.96 28.54
C THR B 821 2.97 -14.66 28.33
N ALA B 822 4.29 -14.71 28.13
CA ALA B 822 5.09 -13.50 28.04
C ALA B 822 4.70 -12.67 26.82
N ASP B 823 5.04 -11.39 26.88
CA ASP B 823 4.77 -10.50 25.75
C ASP B 823 5.51 -10.96 24.51
N LYS B 824 6.80 -11.23 24.64
CA LYS B 824 7.59 -11.75 23.53
C LYS B 824 7.77 -13.25 23.72
N PRO B 825 7.07 -14.09 22.96
CA PRO B 825 6.95 -15.51 23.35
C PRO B 825 8.21 -16.32 23.21
N TRP B 826 8.96 -16.16 22.13
CA TRP B 826 10.11 -17.04 21.88
C TRP B 826 11.36 -16.57 22.61
N GLN B 827 11.67 -15.28 22.53
CA GLN B 827 12.82 -14.76 23.26
C GLN B 827 12.70 -15.10 24.73
N ALA B 828 11.47 -15.09 25.26
CA ALA B 828 11.28 -15.43 26.67
C ALA B 828 11.68 -16.87 26.96
N LEU B 829 11.33 -17.82 26.09
CA LEU B 829 11.77 -19.18 26.33
C LEU B 829 13.28 -19.29 26.21
N ALA B 830 13.88 -18.59 25.24
CA ALA B 830 15.32 -18.69 25.06
C ALA B 830 16.04 -18.19 26.30
N THR B 831 15.63 -17.04 26.80
CA THR B 831 16.25 -16.53 28.02
C THR B 831 15.93 -17.44 29.20
N CYS B 832 14.77 -18.08 29.21
CA CYS B 832 14.48 -19.04 30.26
C CYS B 832 15.47 -20.20 30.23
N PHE B 833 15.81 -20.68 29.04
CA PHE B 833 16.81 -21.75 28.95
C PHE B 833 18.14 -21.26 29.51
N GLU B 834 18.54 -20.04 29.15
CA GLU B 834 19.80 -19.50 29.64
C GLU B 834 19.78 -19.40 31.16
N LEU B 835 18.68 -18.89 31.71
CA LEU B 835 18.59 -18.75 33.15
C LEU B 835 18.60 -20.10 33.84
N ASN B 836 17.94 -21.10 33.26
CA ASN B 836 17.95 -22.43 33.87
C ASN B 836 19.36 -22.98 33.93
N GLU B 837 20.14 -22.79 32.86
CA GLU B 837 21.52 -23.24 32.94
C GLU B 837 22.26 -22.47 34.01
N VAL B 838 21.96 -21.18 34.16
CA VAL B 838 22.63 -20.36 35.17
C VAL B 838 22.29 -20.85 36.58
N MET B 839 21.02 -21.21 36.82
CA MET B 839 20.60 -21.66 38.14
C MET B 839 21.24 -22.96 38.56
N LYS B 840 21.74 -23.75 37.60
CA LYS B 840 22.38 -25.03 37.90
C LYS B 840 23.86 -24.88 38.24
N MET B 841 24.40 -23.67 38.19
CA MET B 841 25.80 -23.44 38.52
C MET B 841 25.92 -22.87 39.93
N ASP B 842 26.96 -23.32 40.64
CA ASP B 842 27.23 -22.80 41.97
C ASP B 842 27.64 -21.33 41.92
N ASN B 843 28.52 -20.97 40.98
CA ASN B 843 28.88 -19.58 40.77
C ASN B 843 28.35 -19.12 39.42
N PRO B 844 27.34 -18.26 39.38
CA PRO B 844 26.78 -17.86 38.09
C PRO B 844 27.76 -17.13 37.20
N GLU B 845 28.65 -16.34 37.78
CA GLU B 845 29.54 -15.52 36.97
C GLU B 845 30.39 -16.34 36.02
N GLU B 846 30.82 -17.54 36.44
CA GLU B 846 31.66 -18.36 35.57
C GLU B 846 30.91 -18.81 34.31
N PHE B 847 29.59 -18.84 34.36
CA PHE B 847 28.80 -19.26 33.20
C PHE B 847 29.02 -18.31 32.04
N ILE B 848 29.03 -18.86 30.83
CA ILE B 848 29.15 -18.06 29.61
C ILE B 848 27.80 -18.03 28.92
N SER B 849 27.35 -16.83 28.55
CA SER B 849 26.01 -16.62 28.02
C SER B 849 26.07 -16.15 26.57
N HIS B 850 25.01 -16.46 25.83
CA HIS B 850 24.89 -16.04 24.45
C HIS B 850 23.73 -15.09 24.18
N GLN B 851 22.71 -15.08 25.03
CA GLN B 851 21.49 -14.37 24.68
C GLN B 851 21.70 -12.88 24.78
N PRO B 852 21.43 -12.13 23.71
CA PRO B 852 21.60 -10.68 23.75
C PRO B 852 20.52 -10.01 24.57
N VAL B 853 20.90 -8.95 25.28
CA VAL B 853 19.99 -8.22 26.15
C VAL B 853 19.59 -6.99 25.35
N HIS B 854 18.32 -6.63 25.41
CA HIS B 854 17.80 -5.50 24.66
C HIS B 854 17.66 -4.25 25.53
N GLN B 855 18.29 -3.17 25.07
CA GLN B 855 18.19 -1.88 25.75
C GLN B 855 17.16 -1.49 24.69
N ASP B 856 15.91 -1.39 25.13
CA ASP B 856 14.86 -0.67 24.42
C ASP B 856 14.72 0.76 24.94
N GLY B 857 14.34 1.66 24.05
CA GLY B 857 14.27 3.08 24.33
C GLY B 857 12.88 3.68 24.42
N THR B 858 12.62 4.37 25.53
CA THR B 858 11.30 4.89 25.85
C THR B 858 11.08 6.19 25.08
N CYS B 859 10.11 6.17 24.16
CA CYS B 859 9.74 7.33 23.33
C CYS B 859 10.98 8.06 22.81
N ASN B 860 11.77 7.33 22.02
CA ASN B 860 13.02 7.88 21.53
C ASN B 860 12.81 9.17 20.75
N GLY B 861 11.76 9.23 19.93
CA GLY B 861 11.49 10.45 19.19
C GLY B 861 11.24 11.61 20.13
N LEU B 862 10.50 11.36 21.20
CA LEU B 862 10.28 12.40 22.19
C LEU B 862 11.59 12.78 22.86
N GLN B 863 12.46 11.81 23.12
CA GLN B 863 13.77 12.13 23.70
C GLN B 863 14.51 13.11 22.81
N HIS B 864 14.45 12.89 21.49
CA HIS B 864 15.16 13.78 20.59
C HIS B 864 14.50 15.15 20.51
N TYR B 865 13.17 15.19 20.48
CA TYR B 865 12.51 16.49 20.48
C TYR B 865 12.83 17.28 21.73
N ALA B 866 12.83 16.62 22.89
CA ALA B 866 13.14 17.30 24.14
C ALA B 866 14.56 17.81 24.14
N ALA B 867 15.50 17.00 23.65
CA ALA B 867 16.88 17.46 23.62
C ALA B 867 17.06 18.63 22.66
N LEU B 868 16.44 18.56 21.48
CA LEU B 868 16.58 19.63 20.49
C LEU B 868 15.98 20.93 21.00
N GLY B 869 14.74 20.87 21.48
CA GLY B 869 14.09 22.07 21.98
C GLY B 869 14.76 22.61 23.23
N GLY B 870 15.30 21.73 24.06
CA GLY B 870 15.88 22.13 25.31
C GLY B 870 14.88 22.18 26.45
N ASP B 871 13.76 21.48 26.34
CA ASP B 871 12.78 21.50 27.41
C ASP B 871 13.38 20.95 28.71
N VAL B 872 12.81 21.38 29.82
CA VAL B 872 13.16 20.85 31.13
C VAL B 872 12.08 19.91 31.65
N GLU B 873 10.83 20.37 31.69
CA GLU B 873 9.74 19.49 32.06
C GLU B 873 9.61 18.35 31.07
N GLY B 874 9.73 18.66 29.77
CA GLY B 874 9.65 17.62 28.76
C GLY B 874 10.78 16.62 28.91
N ALA B 875 12.00 17.11 29.14
CA ALA B 875 13.11 16.19 29.32
C ALA B 875 12.90 15.33 30.56
N THR B 876 12.31 15.91 31.61
CA THR B 876 12.05 15.14 32.81
C THR B 876 11.07 14.02 32.54
N GLN B 877 10.03 14.28 31.76
CA GLN B 877 9.03 13.25 31.50
C GLN B 877 9.62 12.08 30.73
N VAL B 878 10.69 12.30 29.97
CA VAL B 878 11.14 11.32 29.00
C VAL B 878 12.43 10.66 29.48
N ASN B 879 12.61 10.56 30.79
CA ASN B 879 13.74 9.87 31.41
C ASN B 879 15.08 10.51 31.07
N LEU B 880 15.08 11.74 30.56
CA LEU B 880 16.35 12.40 30.27
C LEU B 880 17.11 12.72 31.54
N VAL B 881 16.43 13.33 32.51
CA VAL B 881 17.08 13.77 33.74
C VAL B 881 17.12 12.61 34.73
N PRO B 882 18.16 12.50 35.54
CA PRO B 882 18.31 11.30 36.39
C PRO B 882 17.16 11.18 37.38
N SER B 883 16.62 9.97 37.49
CA SER B 883 15.48 9.70 38.34
C SER B 883 15.63 8.32 38.96
N ASP B 884 14.89 8.09 40.04
CA ASP B 884 14.85 6.77 40.66
C ASP B 884 13.85 5.86 39.96
N LYS B 885 12.72 6.42 39.50
CA LYS B 885 11.73 5.63 38.80
C LYS B 885 11.61 6.09 37.35
N PRO B 886 11.40 5.16 36.42
CA PRO B 886 11.29 5.56 35.01
C PRO B 886 9.93 6.16 34.73
N GLN B 887 9.94 7.30 34.03
CA GLN B 887 8.73 7.96 33.59
C GLN B 887 8.64 7.85 32.08
N ASP B 888 7.57 7.26 31.59
CA ASP B 888 7.31 7.17 30.16
C ASP B 888 6.06 7.99 29.81
N VAL B 889 6.20 8.84 28.81
CA VAL B 889 5.12 9.77 28.45
C VAL B 889 3.85 9.01 28.08
N TYR B 890 4.01 7.94 27.30
CA TYR B 890 2.85 7.15 26.88
C TYR B 890 2.00 6.75 28.07
N ALA B 891 2.62 6.23 29.12
CA ALA B 891 1.84 5.79 30.27
C ALA B 891 1.13 6.96 30.95
N HIS B 892 1.81 8.10 31.07
CA HIS B 892 1.22 9.26 31.72
C HIS B 892 0.01 9.77 30.96
N VAL B 893 0.14 9.91 29.63
CA VAL B 893 -0.99 10.37 28.83
C VAL B 893 -2.09 9.32 28.81
N ALA B 894 -1.74 8.03 28.80
CA ALA B 894 -2.75 6.99 28.84
C ALA B 894 -3.56 7.05 30.12
N ARG B 895 -2.89 7.27 31.25
CA ARG B 895 -3.62 7.44 32.51
C ARG B 895 -4.52 8.67 32.46
N LEU B 896 -3.97 9.79 31.97
CA LEU B 896 -4.77 11.01 31.88
C LEU B 896 -6.04 10.77 31.04
N VAL B 897 -5.87 10.14 29.88
CA VAL B 897 -6.98 9.80 29.02
C VAL B 897 -7.93 8.86 29.72
N GLN B 898 -7.39 7.91 30.50
CA GLN B 898 -8.23 6.98 31.23
C GLN B 898 -9.13 7.70 32.21
N LYS B 899 -8.57 8.66 32.96
CA LYS B 899 -9.37 9.40 33.92
C LYS B 899 -10.46 10.20 33.22
N ARG B 900 -10.10 10.89 32.14
CA ARG B 900 -11.09 11.69 31.43
C ARG B 900 -12.16 10.80 30.81
N LEU B 901 -11.77 9.66 30.24
CA LEU B 901 -12.75 8.76 29.66
C LEU B 901 -13.66 8.18 30.72
N GLU B 902 -13.11 7.89 31.91
CA GLU B 902 -13.94 7.34 32.98
C GLU B 902 -15.02 8.33 33.39
N ILE B 903 -14.63 9.59 33.58
CA ILE B 903 -15.63 10.59 33.93
C ILE B 903 -16.61 10.76 32.77
N ALA B 904 -16.14 10.59 31.53
CA ALA B 904 -17.02 10.74 30.38
C ALA B 904 -18.04 9.62 30.34
N ALA B 905 -17.61 8.39 30.62
CA ALA B 905 -18.52 7.25 30.65
C ALA B 905 -19.56 7.43 31.73
N GLU B 906 -19.14 7.91 32.91
CA GLU B 906 -20.09 8.17 33.98
C GLU B 906 -21.11 9.21 33.54
N LYS B 907 -20.63 10.28 32.87
CA LYS B 907 -21.49 11.34 32.34
C LYS B 907 -22.74 10.79 31.65
N GLY B 908 -22.58 9.77 30.81
CA GLY B 908 -23.74 9.20 30.15
C GLY B 908 -23.57 8.68 28.74
N ASP B 909 -22.40 8.87 28.12
CA ASP B 909 -22.17 8.33 26.80
C ASP B 909 -21.93 6.83 26.87
N GLU B 910 -22.44 6.10 25.88
CA GLU B 910 -22.22 4.65 25.85
C GLU B 910 -20.92 4.28 25.16
N ASN B 911 -20.34 5.19 24.38
CA ASN B 911 -19.10 4.87 23.69
C ASN B 911 -17.97 4.66 24.68
N ALA B 912 -17.96 5.44 25.77
CA ALA B 912 -16.87 5.40 26.73
C ALA B 912 -16.95 4.21 27.69
N LYS B 913 -18.16 3.85 28.13
CA LYS B 913 -18.29 2.79 29.13
C LYS B 913 -17.62 1.49 28.68
N ILE B 914 -17.81 1.11 27.41
CA ILE B 914 -17.17 -0.11 26.92
C ILE B 914 -15.64 0.06 26.89
N LEU B 915 -15.16 1.26 26.60
CA LEU B 915 -13.73 1.50 26.41
C LEU B 915 -13.05 2.16 27.60
N LYS B 916 -13.75 2.34 28.72
CA LYS B 916 -13.21 3.15 29.80
C LYS B 916 -11.93 2.55 30.37
N ASP B 917 -11.89 1.23 30.54
CA ASP B 917 -10.75 0.56 31.15
C ASP B 917 -9.67 0.17 30.14
N LYS B 918 -10.10 -0.37 28.99
CA LYS B 918 -9.16 -1.01 28.06
C LYS B 918 -8.00 -0.09 27.65
N ILE B 919 -8.21 1.22 27.71
CA ILE B 919 -7.16 2.15 27.32
C ILE B 919 -5.94 1.93 28.22
N THR B 920 -4.84 1.49 27.61
CA THR B 920 -3.62 1.19 28.33
C THR B 920 -2.47 1.84 27.58
N ARG B 921 -1.25 1.58 28.06
CA ARG B 921 -0.09 2.22 27.47
C ARG B 921 0.06 1.85 25.99
N LYS B 922 -0.20 0.59 25.65
CA LYS B 922 0.00 0.14 24.28
C LYS B 922 -0.90 0.88 23.31
N VAL B 923 -2.17 1.07 23.65
CA VAL B 923 -3.10 1.71 22.72
C VAL B 923 -2.72 3.17 22.47
N VAL B 924 -2.41 3.91 23.53
CA VAL B 924 -2.08 5.32 23.39
C VAL B 924 -0.72 5.55 22.73
N LYS B 925 0.26 4.67 22.96
CA LYS B 925 1.63 4.95 22.52
C LYS B 925 1.73 5.23 21.03
N GLN B 926 0.94 4.53 20.22
CA GLN B 926 1.09 4.72 18.78
C GLN B 926 0.58 6.09 18.38
N THR B 927 -0.54 6.49 18.97
CA THR B 927 -1.09 7.79 18.62
C THR B 927 -0.20 8.91 19.12
N VAL B 928 0.38 8.79 20.32
CA VAL B 928 1.24 9.85 20.83
C VAL B 928 2.50 10.00 19.98
N MET B 929 3.15 8.88 19.66
CA MET B 929 4.34 8.98 18.83
C MET B 929 3.99 9.63 17.50
N THR B 930 3.04 9.06 16.76
CA THR B 930 2.69 9.66 15.49
C THR B 930 2.30 11.13 15.66
N ASN B 931 1.57 11.46 16.74
CA ASN B 931 1.07 12.82 16.94
C ASN B 931 2.21 13.82 16.97
N VAL B 932 3.31 13.50 17.65
CA VAL B 932 4.39 14.49 17.66
C VAL B 932 4.86 14.70 16.23
N TYR B 933 4.64 13.71 15.35
CA TYR B 933 5.25 13.65 14.02
C TYR B 933 4.34 14.20 12.93
N GLY B 934 3.15 14.69 13.29
CA GLY B 934 2.23 15.23 12.32
C GLY B 934 1.32 14.21 11.68
N VAL B 935 0.51 13.53 12.49
CA VAL B 935 -0.37 12.47 11.98
C VAL B 935 -1.74 13.04 11.67
N THR B 936 -2.23 12.80 10.46
CA THR B 936 -3.58 13.20 10.11
C THR B 936 -4.59 12.33 10.84
N TYR B 937 -5.75 12.90 11.11
CA TYR B 937 -6.70 12.27 12.04
C TYR B 937 -7.11 10.88 11.58
N VAL B 938 -7.26 10.68 10.27
CA VAL B 938 -7.64 9.36 9.76
C VAL B 938 -6.61 8.32 10.19
N GLY B 939 -5.33 8.69 10.11
CA GLY B 939 -4.30 7.77 10.55
C GLY B 939 -4.44 7.42 12.01
N ALA B 940 -4.74 8.41 12.86
CA ALA B 940 -4.89 8.11 14.29
C ALA B 940 -6.06 7.16 14.51
N THR B 941 -7.16 7.38 13.77
CA THR B 941 -8.33 6.52 13.92
C THR B 941 -7.98 5.09 13.56
N PHE B 942 -7.21 4.90 12.49
CA PHE B 942 -6.88 3.54 12.10
C PHE B 942 -5.89 2.91 13.07
N GLN B 943 -4.85 3.67 13.45
CA GLN B 943 -3.84 3.14 14.36
C GLN B 943 -4.50 2.63 15.63
N ILE B 944 -5.39 3.43 16.21
CA ILE B 944 -6.04 3.00 17.44
C ILE B 944 -6.95 1.81 17.17
N ALA B 945 -7.62 1.79 16.01
CA ALA B 945 -8.52 0.67 15.74
C ALA B 945 -7.74 -0.63 15.70
N LYS B 946 -6.60 -0.63 15.03
CA LYS B 946 -5.78 -1.83 14.94
C LYS B 946 -5.22 -2.23 16.30
N GLN B 947 -4.76 -1.26 17.09
CA GLN B 947 -4.21 -1.61 18.39
C GLN B 947 -5.26 -2.18 19.33
N LEU B 948 -6.48 -1.64 19.30
CA LEU B 948 -7.52 -2.10 20.22
C LEU B 948 -8.36 -3.23 19.66
N SER B 949 -8.10 -3.66 18.43
CA SER B 949 -8.87 -4.77 17.87
C SER B 949 -8.66 -6.10 18.59
N PRO B 950 -7.46 -6.48 19.04
CA PRO B 950 -7.31 -7.81 19.66
C PRO B 950 -8.14 -8.00 20.92
N ILE B 951 -8.07 -7.06 21.87
CA ILE B 951 -8.78 -7.23 23.13
C ILE B 951 -10.29 -7.27 22.95
N PHE B 952 -10.79 -6.91 21.77
CA PHE B 952 -12.20 -7.05 21.42
C PHE B 952 -13.08 -6.21 22.33
N ASP B 953 -12.78 -4.91 22.40
CA ASP B 953 -13.62 -3.94 23.08
C ASP B 953 -14.42 -3.08 22.12
N ASP B 954 -14.15 -3.17 20.82
CA ASP B 954 -14.99 -2.60 19.78
C ASP B 954 -14.79 -3.40 18.50
N ARG B 955 -15.54 -3.00 17.47
CA ARG B 955 -15.50 -3.70 16.19
C ARG B 955 -14.13 -3.55 15.56
N LYS B 956 -13.44 -4.67 15.36
CA LYS B 956 -12.16 -4.65 14.68
C LYS B 956 -12.33 -4.26 13.22
N GLU B 957 -13.44 -4.68 12.61
CA GLU B 957 -13.71 -4.31 11.23
C GLU B 957 -14.10 -2.84 11.11
N SER B 958 -14.97 -2.36 12.01
CA SER B 958 -15.52 -1.02 11.89
C SER B 958 -14.58 0.03 12.48
N LEU B 959 -14.68 1.25 11.93
CA LEU B 959 -13.95 2.40 12.42
C LEU B 959 -14.85 3.41 13.13
N ASP B 960 -16.17 3.19 13.11
CA ASP B 960 -17.11 4.14 13.70
C ASP B 960 -16.97 4.21 15.22
N PHE B 961 -16.86 3.06 15.87
CA PHE B 961 -16.70 3.02 17.32
C PHE B 961 -15.42 3.72 17.76
N SER B 962 -14.33 3.51 17.01
CA SER B 962 -13.03 4.09 17.30
C SER B 962 -12.93 5.59 17.01
N LYS B 963 -13.89 6.18 16.31
CA LYS B 963 -13.78 7.60 15.96
C LYS B 963 -13.76 8.51 17.18
N TYR B 964 -14.66 8.29 18.14
CA TYR B 964 -14.68 9.17 19.31
C TYR B 964 -13.41 9.05 20.13
N LEU B 965 -12.89 7.82 20.27
CA LEU B 965 -11.75 7.62 21.15
C LEU B 965 -10.58 8.47 20.71
N THR B 966 -10.33 8.55 19.40
CA THR B 966 -9.22 9.37 18.95
C THR B 966 -9.50 10.84 19.19
N LYS B 967 -10.78 11.24 19.19
CA LYS B 967 -11.09 12.64 19.43
C LYS B 967 -10.62 13.00 20.83
N HIS B 968 -10.96 12.15 21.80
CA HIS B 968 -10.52 12.45 23.16
C HIS B 968 -9.02 12.34 23.30
N VAL B 969 -8.41 11.38 22.61
CA VAL B 969 -6.96 11.24 22.72
C VAL B 969 -6.29 12.54 22.26
N PHE B 970 -6.76 13.10 21.14
CA PHE B 970 -6.22 14.36 20.65
C PHE B 970 -6.49 15.50 21.62
N SER B 971 -7.66 15.49 22.26
CA SER B 971 -8.00 16.56 23.18
C SER B 971 -7.06 16.55 24.39
N ALA B 972 -6.84 15.36 24.95
CA ALA B 972 -5.92 15.25 26.08
C ALA B 972 -4.49 15.58 25.68
N ILE B 973 -4.09 15.16 24.48
CA ILE B 973 -2.69 15.28 24.05
C ILE B 973 -2.32 16.74 23.76
N ARG B 974 -3.22 17.49 23.11
CA ARG B 974 -2.87 18.83 22.65
C ARG B 974 -2.23 19.70 23.73
N GLU B 975 -2.76 19.63 24.95
CA GLU B 975 -2.18 20.43 26.04
C GLU B 975 -0.76 19.98 26.39
N LEU B 976 -0.48 18.69 26.29
CA LEU B 976 0.78 18.15 26.80
C LEU B 976 2.01 18.76 26.14
N PHE B 977 2.00 18.90 24.81
CA PHE B 977 3.22 19.13 24.05
C PHE B 977 3.36 20.59 23.62
N HIS B 978 4.52 21.18 23.89
CA HIS B 978 4.81 22.54 23.48
C HIS B 978 6.06 22.67 22.63
N SER B 979 7.19 22.13 23.08
CA SER B 979 8.43 22.24 22.31
C SER B 979 8.36 21.38 21.06
N ALA B 980 7.84 20.16 21.20
CA ALA B 980 7.71 19.30 20.03
C ALA B 980 6.81 19.94 18.99
N HIS B 981 5.70 20.53 19.42
CA HIS B 981 4.84 21.21 18.47
C HIS B 981 5.53 22.41 17.84
N LEU B 982 6.31 23.16 18.62
CA LEU B 982 7.00 24.31 18.05
C LEU B 982 8.00 23.87 16.98
N ILE B 983 8.81 22.86 17.27
CA ILE B 983 9.81 22.42 16.30
C ILE B 983 9.14 21.80 15.09
N GLN B 984 8.08 21.01 15.29
CA GLN B 984 7.38 20.42 14.17
C GLN B 984 6.75 21.49 13.29
N ASP B 985 6.15 22.51 13.90
CA ASP B 985 5.55 23.59 13.12
C ASP B 985 6.62 24.35 12.35
N TRP B 986 7.75 24.65 12.98
CA TRP B 986 8.80 25.35 12.26
C TRP B 986 9.28 24.53 11.09
N LEU B 987 9.46 23.22 11.29
CA LEU B 987 9.90 22.35 10.21
C LEU B 987 8.88 22.32 9.08
N GLY B 988 7.59 22.24 9.42
CA GLY B 988 6.56 22.25 8.40
C GLY B 988 6.53 23.55 7.60
N GLU B 989 6.64 24.69 8.29
CA GLU B 989 6.65 25.96 7.60
C GLU B 989 7.89 26.08 6.71
N SER B 990 9.04 25.65 7.22
CA SER B 990 10.25 25.69 6.42
C SER B 990 10.12 24.78 5.20
N ALA B 991 9.54 23.60 5.38
CA ALA B 991 9.37 22.67 4.27
C ALA B 991 8.45 23.26 3.21
N LYS B 992 7.35 23.88 3.62
CA LYS B 992 6.45 24.45 2.63
C LYS B 992 7.12 25.57 1.85
N ARG B 993 7.80 26.47 2.58
CA ARG B 993 8.44 27.60 1.90
C ARG B 993 9.55 27.13 0.99
N ILE B 994 10.38 26.19 1.44
CA ILE B 994 11.46 25.68 0.63
C ILE B 994 10.94 24.91 -0.59
N SER B 995 9.86 24.14 -0.43
CA SER B 995 9.31 23.41 -1.56
C SER B 995 8.77 24.35 -2.62
N LYS B 996 8.11 25.43 -2.20
CA LYS B 996 7.54 26.37 -3.16
C LYS B 996 8.56 27.36 -3.71
N SER B 997 9.86 27.14 -3.50
CA SER B 997 10.87 28.08 -3.95
C SER B 997 11.46 27.66 -5.30
N ILE B 998 11.96 28.65 -6.03
CA ILE B 998 12.46 28.50 -7.39
C ILE B 998 13.92 28.91 -7.43
N ARG B 999 14.76 28.10 -8.07
CA ARG B 999 16.19 28.37 -8.11
C ARG B 999 16.50 29.37 -9.21
N LEU B 1000 17.44 30.27 -8.93
CA LEU B 1000 17.84 31.27 -9.91
C LEU B 1000 18.83 30.71 -10.93
N ASP B 1001 19.86 30.00 -10.45
CA ASP B 1001 21.07 29.82 -11.24
C ASP B 1001 20.85 28.84 -12.39
N VAL B 1002 20.36 27.63 -12.11
CA VAL B 1002 20.31 26.58 -13.12
C VAL B 1002 19.45 27.00 -14.31
N ASP B 1003 18.30 27.62 -14.06
CA ASP B 1003 17.36 27.95 -15.12
C ASP B 1003 17.49 29.42 -15.49
N GLU B 1004 17.93 29.69 -16.71
CA GLU B 1004 17.85 31.00 -17.32
C GLU B 1004 16.81 31.06 -18.43
N LYS B 1005 16.06 29.97 -18.61
CA LYS B 1005 14.99 29.90 -19.59
C LYS B 1005 13.69 29.60 -18.87
N SER B 1006 12.64 30.32 -19.22
CA SER B 1006 11.31 29.97 -18.75
C SER B 1006 10.92 28.63 -19.36
N PHE B 1007 10.41 27.73 -18.52
CA PHE B 1007 9.94 26.45 -19.04
C PHE B 1007 8.80 26.62 -20.03
N LYS B 1008 8.14 27.77 -20.01
CA LYS B 1008 7.06 28.14 -20.93
C LYS B 1008 5.81 27.30 -20.75
N ASN B 1009 5.79 26.44 -19.72
CA ASN B 1009 4.56 25.76 -19.36
C ASN B 1009 3.49 26.75 -18.92
N GLY B 1010 3.90 27.80 -18.23
CA GLY B 1010 2.98 28.85 -17.84
C GLY B 1010 3.73 30.03 -17.29
N ASN B 1011 2.98 30.97 -16.74
CA ASN B 1011 3.60 32.09 -16.02
C ASN B 1011 4.34 31.60 -14.79
N LYS B 1012 3.83 30.55 -14.14
CA LYS B 1012 4.42 29.99 -12.93
C LYS B 1012 5.26 28.77 -13.28
N PRO B 1013 6.58 28.81 -13.10
CA PRO B 1013 7.41 27.65 -13.42
C PRO B 1013 7.15 26.50 -12.46
N ASP B 1014 7.75 25.36 -12.77
CA ASP B 1014 7.64 24.21 -11.89
C ASP B 1014 8.63 24.31 -10.74
N PHE B 1015 8.36 23.58 -9.67
CA PHE B 1015 9.16 23.60 -8.46
C PHE B 1015 9.90 22.27 -8.37
N MET B 1016 11.20 22.29 -8.65
CA MET B 1016 12.01 21.07 -8.64
C MET B 1016 13.04 21.06 -7.53
N SER B 1017 12.91 21.94 -6.55
CA SER B 1017 13.83 22.01 -5.43
C SER B 1017 13.29 21.21 -4.26
N SER B 1018 14.12 20.34 -3.70
CA SER B 1018 13.69 19.42 -2.66
C SER B 1018 14.41 19.69 -1.35
N VAL B 1019 13.75 19.34 -0.24
CA VAL B 1019 14.33 19.55 1.08
C VAL B 1019 15.57 18.70 1.22
N ILE B 1020 16.67 19.31 1.65
CA ILE B 1020 17.93 18.58 1.80
C ILE B 1020 18.68 19.13 3.01
N TRP B 1021 19.14 18.22 3.88
CA TRP B 1021 19.97 18.55 5.02
C TRP B 1021 20.98 17.43 5.21
N THR B 1022 21.97 17.67 6.06
CA THR B 1022 23.05 16.71 6.28
C THR B 1022 22.94 16.08 7.67
N THR B 1023 23.26 14.80 7.74
CA THR B 1023 23.29 14.10 9.02
C THR B 1023 24.48 14.57 9.84
N PRO B 1024 24.33 14.72 11.16
CA PRO B 1024 25.48 15.09 12.00
C PRO B 1024 26.72 14.26 11.77
N LEU B 1025 26.59 13.05 11.24
CA LEU B 1025 27.77 12.29 10.83
C LEU B 1025 28.37 12.80 9.53
N GLY B 1026 27.62 13.57 8.75
CA GLY B 1026 28.07 14.04 7.46
C GLY B 1026 27.38 13.39 6.28
N LEU B 1027 26.53 12.41 6.51
CA LEU B 1027 25.78 11.80 5.42
C LEU B 1027 24.74 12.78 4.90
N PRO B 1028 24.57 12.87 3.57
CA PRO B 1028 23.57 13.77 3.01
C PRO B 1028 22.22 13.10 2.87
N ILE B 1029 21.18 13.83 3.20
CA ILE B 1029 19.81 13.33 3.18
C ILE B 1029 18.99 14.23 2.29
N VAL B 1030 18.36 13.64 1.27
CA VAL B 1030 17.58 14.38 0.28
C VAL B 1030 16.22 13.71 0.16
N GLN B 1031 15.18 14.43 0.56
CA GLN B 1031 13.82 13.95 0.56
C GLN B 1031 13.34 13.68 -0.86
N PRO B 1032 13.12 12.43 -1.24
CA PRO B 1032 12.73 12.09 -2.61
C PRO B 1032 11.21 12.01 -2.78
N TYR B 1033 10.51 13.07 -2.40
CA TYR B 1033 9.05 13.10 -2.50
C TYR B 1033 8.67 13.90 -3.74
N ARG B 1034 8.87 13.29 -4.89
CA ARG B 1034 8.52 13.92 -6.16
C ARG B 1034 7.14 13.46 -6.60
N GLU B 1035 6.68 14.06 -7.68
CA GLU B 1035 5.39 13.71 -8.28
C GLU B 1035 5.68 12.81 -9.47
N GLU B 1036 5.61 11.49 -9.25
CA GLU B 1036 6.10 10.55 -10.24
C GLU B 1036 5.22 10.54 -11.47
N SER B 1037 5.85 10.34 -12.61
CA SER B 1037 5.19 10.33 -13.92
C SER B 1037 5.23 8.92 -14.44
N LYS B 1038 4.11 8.22 -14.36
CA LYS B 1038 4.01 6.89 -14.92
C LYS B 1038 3.46 6.96 -16.33
N LYS B 1039 3.76 5.94 -17.12
CA LYS B 1039 3.23 5.85 -18.46
C LYS B 1039 3.08 4.39 -18.82
N GLN B 1040 2.22 4.12 -19.79
CA GLN B 1040 1.94 2.75 -20.21
C GLN B 1040 2.96 2.35 -21.28
N VAL B 1041 3.90 1.53 -20.91
CA VAL B 1041 4.83 0.96 -21.88
C VAL B 1041 4.30 -0.40 -22.29
N GLU B 1042 4.39 -0.70 -23.59
CA GLU B 1042 3.77 -1.90 -24.13
C GLU B 1042 4.70 -3.08 -23.95
N THR B 1043 4.15 -4.21 -23.53
CA THR B 1043 4.88 -5.46 -23.40
C THR B 1043 4.20 -6.53 -24.25
N ASN B 1044 4.71 -7.76 -24.14
CA ASN B 1044 4.08 -8.87 -24.85
C ASN B 1044 2.73 -9.23 -24.25
N LEU B 1045 2.62 -9.16 -22.93
CA LEU B 1045 1.36 -9.48 -22.25
C LEU B 1045 0.38 -8.32 -22.30
N GLN B 1046 0.77 -7.18 -21.72
CA GLN B 1046 -0.12 -6.07 -21.49
C GLN B 1046 0.68 -4.78 -21.54
N THR B 1047 0.01 -3.67 -21.28
CA THR B 1047 0.67 -2.37 -21.15
C THR B 1047 0.75 -2.05 -19.66
N VAL B 1048 1.95 -2.09 -19.11
CA VAL B 1048 2.12 -1.92 -17.68
C VAL B 1048 2.32 -0.45 -17.36
N PHE B 1049 1.67 -0.01 -16.29
CA PHE B 1049 1.71 1.39 -15.84
C PHE B 1049 2.88 1.53 -14.87
N ILE B 1050 4.06 1.75 -15.43
CA ILE B 1050 5.27 1.87 -14.64
C ILE B 1050 5.84 3.29 -14.78
N SER B 1051 6.75 3.62 -13.87
CA SER B 1051 7.38 4.92 -13.83
C SER B 1051 8.88 4.76 -14.11
N ASP B 1052 9.42 5.68 -14.90
CA ASP B 1052 10.82 5.63 -15.27
C ASP B 1052 11.66 6.42 -14.27
N PRO B 1053 12.65 5.79 -13.62
CA PRO B 1053 13.36 6.49 -12.54
C PRO B 1053 14.15 7.71 -12.98
N PHE B 1054 14.49 7.83 -14.27
CA PHE B 1054 15.33 8.95 -14.69
C PHE B 1054 14.57 10.23 -14.97
N ALA B 1055 13.25 10.18 -15.04
CA ALA B 1055 12.47 11.40 -15.27
C ALA B 1055 12.39 12.23 -14.00
N VAL B 1056 13.14 13.33 -13.96
CA VAL B 1056 13.05 14.27 -12.85
C VAL B 1056 11.78 15.09 -13.00
N ASN B 1057 11.09 15.32 -11.87
CA ASN B 1057 9.76 15.89 -11.86
C ASN B 1057 9.66 16.87 -10.70
N PRO B 1058 8.65 17.74 -10.72
CA PRO B 1058 8.42 18.63 -9.58
C PRO B 1058 8.18 17.86 -8.29
N VAL B 1059 8.37 18.55 -7.17
CA VAL B 1059 8.20 17.98 -5.84
C VAL B 1059 6.76 18.10 -5.39
N ASN B 1060 6.30 17.10 -4.65
CA ASN B 1060 4.95 17.12 -4.08
C ASN B 1060 5.01 17.88 -2.77
N ALA B 1061 4.63 19.16 -2.81
CA ALA B 1061 4.79 20.01 -1.63
C ALA B 1061 4.08 19.41 -0.42
N ARG B 1062 2.93 18.79 -0.64
CA ARG B 1062 2.16 18.22 0.46
C ARG B 1062 2.96 17.17 1.20
N ARG B 1063 3.61 16.26 0.47
CA ARG B 1063 4.38 15.22 1.13
C ARG B 1063 5.64 15.77 1.77
N GLN B 1064 6.27 16.78 1.17
CA GLN B 1064 7.42 17.40 1.81
C GLN B 1064 7.06 17.97 3.17
N LYS B 1065 5.96 18.73 3.22
CA LYS B 1065 5.54 19.33 4.48
C LYS B 1065 5.13 18.27 5.49
N ALA B 1066 4.40 17.24 5.05
CA ALA B 1066 4.01 16.20 5.99
C ALA B 1066 5.13 15.27 6.39
N GLY B 1067 6.26 15.29 5.69
CA GLY B 1067 7.31 14.33 5.97
C GLY B 1067 8.60 14.85 6.53
N LEU B 1068 8.84 16.16 6.50
CA LEU B 1068 10.09 16.67 7.08
C LEU B 1068 10.28 16.31 8.55
N PRO B 1069 9.34 16.53 9.46
CA PRO B 1069 9.60 16.27 10.90
C PRO B 1069 9.99 14.82 11.17
N PRO B 1070 9.21 13.83 10.71
CA PRO B 1070 9.62 12.45 11.00
C PRO B 1070 10.95 12.09 10.41
N ASN B 1071 11.27 12.59 9.22
CA ASN B 1071 12.54 12.24 8.63
C ASN B 1071 13.69 12.88 9.39
N PHE B 1072 13.50 14.09 9.88
CA PHE B 1072 14.54 14.72 10.69
C PHE B 1072 14.78 13.94 11.97
N ILE B 1073 13.70 13.58 12.67
CA ILE B 1073 13.87 12.87 13.93
C ILE B 1073 14.47 11.48 13.69
N HIS B 1074 14.03 10.79 12.64
CA HIS B 1074 14.61 9.49 12.33
C HIS B 1074 16.07 9.61 11.95
N SER B 1075 16.44 10.67 11.22
CA SER B 1075 17.85 10.86 10.90
C SER B 1075 18.66 11.05 12.16
N LEU B 1076 18.13 11.80 13.13
CA LEU B 1076 18.85 12.00 14.38
C LEU B 1076 18.95 10.70 15.17
N ASP B 1077 17.88 9.92 15.18
CA ASP B 1077 17.88 8.62 15.85
C ASP B 1077 18.93 7.70 15.24
N ALA B 1078 18.96 7.61 13.92
CA ALA B 1078 19.93 6.75 13.26
C ALA B 1078 21.34 7.26 13.46
N SER B 1079 21.53 8.58 13.49
CA SER B 1079 22.86 9.12 13.73
C SER B 1079 23.35 8.74 15.11
N HIS B 1080 22.49 8.86 16.12
CA HIS B 1080 22.87 8.44 17.46
C HIS B 1080 23.23 6.96 17.46
N MET B 1081 22.48 6.16 16.73
CA MET B 1081 22.79 4.73 16.67
C MET B 1081 24.15 4.48 16.04
N LEU B 1082 24.46 5.19 14.97
CA LEU B 1082 25.71 4.94 14.26
C LEU B 1082 26.91 5.40 15.08
N LEU B 1083 26.76 6.52 15.78
CA LEU B 1083 27.83 6.98 16.66
C LEU B 1083 28.06 5.97 17.78
N SER B 1084 26.99 5.55 18.44
CA SER B 1084 27.15 4.59 19.53
C SER B 1084 27.67 3.25 19.03
N ALA B 1085 27.31 2.86 17.82
CA ALA B 1085 27.81 1.62 17.26
C ALA B 1085 29.29 1.71 16.98
N ALA B 1086 29.74 2.81 16.38
CA ALA B 1086 31.17 2.99 16.16
C ALA B 1086 31.92 2.92 17.48
N GLU B 1087 31.40 3.57 18.51
CA GLU B 1087 32.10 3.57 19.79
C GLU B 1087 32.15 2.18 20.42
N CYS B 1088 31.00 1.48 20.44
CA CYS B 1088 30.97 0.13 21.01
C CYS B 1088 31.89 -0.81 20.24
N GLY B 1089 31.87 -0.75 18.90
CA GLY B 1089 32.78 -1.56 18.13
C GLY B 1089 34.23 -1.20 18.39
N LYS B 1090 34.48 0.06 18.75
CA LYS B 1090 35.85 0.45 19.11
C LYS B 1090 36.24 -0.17 20.43
N GLN B 1091 35.30 -0.28 21.36
CA GLN B 1091 35.62 -0.90 22.64
C GLN B 1091 35.75 -2.41 22.52
N GLY B 1092 35.27 -3.00 21.44
CA GLY B 1092 35.33 -4.42 21.24
C GLY B 1092 34.05 -5.17 21.56
N LEU B 1093 32.92 -4.48 21.69
CA LEU B 1093 31.66 -5.10 22.04
C LEU B 1093 30.85 -5.29 20.77
N ASP B 1094 30.47 -6.53 20.49
CA ASP B 1094 29.52 -6.77 19.42
C ASP B 1094 28.19 -6.10 19.76
N PHE B 1095 27.55 -5.55 18.73
CA PHE B 1095 26.45 -4.62 18.91
C PHE B 1095 25.47 -4.82 17.77
N ALA B 1096 24.21 -5.09 18.09
CA ALA B 1096 23.16 -5.17 17.07
C ALA B 1096 21.98 -4.33 17.53
N SER B 1097 21.42 -3.54 16.63
CA SER B 1097 20.48 -2.49 17.01
C SER B 1097 19.27 -2.50 16.10
N VAL B 1098 18.08 -2.70 16.68
CA VAL B 1098 16.85 -2.53 15.91
C VAL B 1098 16.35 -1.10 16.07
N HIS B 1099 17.06 -0.15 15.47
CA HIS B 1099 16.67 1.24 15.23
C HIS B 1099 16.81 1.92 16.59
N ASP B 1100 16.08 1.45 17.60
CA ASP B 1100 15.97 2.19 18.85
C ASP B 1100 16.07 1.26 20.05
N SER B 1101 16.61 0.06 19.89
CA SER B 1101 16.98 -0.84 20.98
C SER B 1101 18.30 -1.45 20.58
N TYR B 1102 19.27 -1.44 21.48
CA TYR B 1102 20.62 -1.91 21.19
C TYR B 1102 20.80 -3.22 21.95
N TRP B 1103 21.43 -4.19 21.29
CA TRP B 1103 21.70 -5.49 21.87
C TRP B 1103 23.18 -5.76 22.06
N THR B 1104 23.54 -6.33 23.21
CA THR B 1104 24.90 -6.78 23.45
C THR B 1104 24.83 -7.87 24.51
N HIS B 1105 25.95 -8.60 24.66
CA HIS B 1105 26.00 -9.66 25.67
C HIS B 1105 25.64 -9.11 27.03
N ALA B 1106 25.05 -9.97 27.86
CA ALA B 1106 24.66 -9.56 29.20
C ALA B 1106 25.85 -9.10 30.04
N SER B 1107 27.07 -9.40 29.62
CA SER B 1107 28.23 -8.93 30.37
C SER B 1107 28.50 -7.45 30.09
N ASP B 1108 28.76 -7.12 28.83
CA ASP B 1108 29.15 -5.77 28.43
C ASP B 1108 27.97 -4.82 28.35
N ILE B 1109 26.83 -5.19 28.91
CA ILE B 1109 25.67 -4.32 28.87
C ILE B 1109 25.95 -3.03 29.64
N ASP B 1110 26.70 -3.11 30.74
CA ASP B 1110 27.00 -1.91 31.51
C ASP B 1110 27.84 -0.94 30.68
N THR B 1111 28.85 -1.45 29.99
CA THR B 1111 29.68 -0.58 29.16
C THR B 1111 28.85 0.01 28.03
N MET B 1112 27.96 -0.79 27.44
CA MET B 1112 27.11 -0.24 26.40
C MET B 1112 26.21 0.85 26.96
N ASN B 1113 25.72 0.66 28.19
CA ASN B 1113 24.87 1.67 28.81
C ASN B 1113 25.62 2.98 28.95
N VAL B 1114 26.88 2.91 29.35
CA VAL B 1114 27.68 4.13 29.46
C VAL B 1114 27.83 4.77 28.09
N VAL B 1115 28.12 3.97 27.07
CA VAL B 1115 28.42 4.48 25.73
C VAL B 1115 27.21 5.17 25.12
N LEU B 1116 26.01 4.61 25.29
CA LEU B 1116 24.81 5.23 24.72
C LEU B 1116 24.68 6.68 25.16
N ARG B 1117 24.65 6.89 26.47
CA ARG B 1117 24.53 8.23 27.03
C ARG B 1117 25.66 9.13 26.54
N GLU B 1118 26.90 8.64 26.63
CA GLU B 1118 28.03 9.45 26.20
C GLU B 1118 27.85 9.93 24.77
N GLN B 1119 27.49 9.03 23.85
CA GLN B 1119 27.35 9.42 22.45
C GLN B 1119 26.16 10.35 22.23
N PHE B 1120 25.07 10.15 22.97
CA PHE B 1120 23.98 11.12 22.93
C PHE B 1120 24.49 12.51 23.26
N ILE B 1121 25.32 12.61 24.30
CA ILE B 1121 25.95 13.89 24.64
C ILE B 1121 26.76 14.40 23.46
N LYS B 1122 27.63 13.56 22.91
CA LYS B 1122 28.46 13.94 21.76
C LYS B 1122 27.63 14.30 20.53
N LEU B 1123 26.33 13.99 20.52
CA LEU B 1123 25.47 14.34 19.41
C LEU B 1123 24.69 15.63 19.67
N HIS B 1124 24.36 15.93 20.91
CA HIS B 1124 23.51 17.07 21.22
C HIS B 1124 24.26 18.16 21.96
N GLU B 1125 25.59 18.06 22.06
CA GLU B 1125 26.37 19.15 22.65
C GLU B 1125 26.18 20.44 21.87
N VAL B 1126 25.94 20.36 20.56
CA VAL B 1126 25.69 21.52 19.73
C VAL B 1126 24.21 21.56 19.39
N ASP B 1127 23.66 22.76 19.35
CA ASP B 1127 22.26 22.94 18.98
C ASP B 1127 22.07 22.55 17.53
N LEU B 1128 21.22 21.56 17.28
CA LEU B 1128 21.10 21.00 15.94
C LEU B 1128 20.07 21.71 15.08
N VAL B 1129 18.98 22.20 15.66
CA VAL B 1129 17.98 22.89 14.86
C VAL B 1129 18.56 24.19 14.31
N LEU B 1130 19.36 24.90 15.11
CA LEU B 1130 19.98 26.12 14.61
C LEU B 1130 20.95 25.82 13.50
N ARG B 1131 21.76 24.77 13.67
CA ARG B 1131 22.70 24.38 12.62
C ARG B 1131 21.96 24.00 11.35
N LEU B 1132 20.81 23.34 11.50
CA LEU B 1132 19.99 22.98 10.34
C LEU B 1132 19.46 24.24 9.65
N LYS B 1133 18.98 25.21 10.42
CA LYS B 1133 18.48 26.44 9.81
C LYS B 1133 19.59 27.20 9.10
N GLU B 1134 20.79 27.22 9.69
CA GLU B 1134 21.91 27.87 9.03
C GLU B 1134 22.27 27.16 7.73
N GLU B 1135 22.25 25.82 7.75
CA GLU B 1135 22.54 25.05 6.55
C GLU B 1135 21.48 25.32 5.47
N PHE B 1136 20.22 25.43 5.88
CA PHE B 1136 19.15 25.79 4.95
C PHE B 1136 19.37 27.19 4.36
N ASP B 1137 19.72 28.16 5.20
CA ASP B 1137 19.97 29.50 4.69
C ASP B 1137 21.15 29.52 3.74
N GLN B 1138 22.13 28.64 3.96
CA GLN B 1138 23.28 28.62 3.06
C GLN B 1138 22.92 27.98 1.73
N ARG B 1139 22.22 26.85 1.78
CA ARG B 1139 21.89 26.12 0.56
C ARG B 1139 20.84 26.85 -0.26
N TYR B 1140 19.96 27.60 0.39
CA TYR B 1140 18.79 28.19 -0.26
C TYR B 1140 18.79 29.70 -0.15
N LYS B 1141 19.98 30.32 -0.22
CA LYS B 1141 20.02 31.78 -0.17
C LYS B 1141 19.61 32.38 -1.51
N ASN B 1142 20.18 31.89 -2.60
CA ASN B 1142 19.88 32.41 -3.93
C ASN B 1142 18.67 31.71 -4.54
N TYR B 1143 17.58 31.65 -3.80
CA TYR B 1143 16.30 31.21 -4.31
C TYR B 1143 15.33 32.38 -4.25
N VAL B 1144 14.25 32.28 -5.00
CA VAL B 1144 13.25 33.34 -5.07
C VAL B 1144 11.88 32.68 -4.91
N LYS B 1145 11.37 32.64 -3.70
CA LYS B 1145 10.05 32.07 -3.47
C LYS B 1145 9.00 32.90 -4.19
N ILE B 1146 8.09 32.22 -4.88
CA ILE B 1146 7.00 32.93 -5.55
C ILE B 1146 6.10 33.56 -4.51
N GLY B 1147 5.89 34.87 -4.63
CA GLY B 1147 5.13 35.63 -3.66
C GLY B 1147 3.76 35.98 -4.20
N LYS B 1148 2.73 35.69 -3.42
CA LYS B 1148 1.37 36.02 -3.77
C LYS B 1148 1.05 37.42 -3.23
N LEU B 1149 -0.22 37.81 -3.31
CA LEU B 1149 -0.64 39.11 -2.81
C LEU B 1149 -0.10 39.34 -1.40
N LYS B 1150 0.40 40.55 -1.17
CA LYS B 1150 1.11 40.86 0.07
C LYS B 1150 0.20 40.82 1.28
N ARG B 1151 0.74 40.39 2.42
CA ARG B 1151 0.13 40.55 3.73
C ARG B 1151 0.83 41.57 4.59
N SER B 1152 2.16 41.58 4.59
CA SER B 1152 2.97 42.53 5.34
C SER B 1152 4.41 42.42 4.85
N THR B 1153 5.29 43.21 5.45
CA THR B 1153 6.71 43.18 5.18
C THR B 1153 7.47 42.67 6.40
N ASP B 1154 8.61 42.03 6.14
CA ASP B 1154 9.47 41.50 7.18
C ASP B 1154 10.78 42.26 7.30
N LEU B 1155 11.51 42.41 6.19
CA LEU B 1155 12.77 43.13 6.15
C LEU B 1155 12.79 44.07 4.94
N ALA B 1156 13.95 44.62 4.61
CA ALA B 1156 14.03 45.69 3.61
C ALA B 1156 15.01 45.35 2.50
N GLN B 1157 15.26 44.07 2.23
CA GLN B 1157 16.06 43.67 1.09
C GLN B 1157 15.22 43.07 -0.03
N LYS B 1158 13.90 42.93 0.18
CA LYS B 1158 13.02 42.45 -0.86
C LYS B 1158 12.96 43.42 -2.03
N ILE B 1159 12.96 44.72 -1.73
CA ILE B 1159 12.81 45.74 -2.77
C ILE B 1159 14.00 45.73 -3.72
N ILE B 1160 15.21 45.47 -3.19
CA ILE B 1160 16.37 45.45 -4.06
C ILE B 1160 16.38 44.19 -4.90
N ARG B 1161 15.67 43.15 -4.50
CA ARG B 1161 15.64 41.90 -5.24
C ARG B 1161 15.08 42.10 -6.64
N ILE B 1162 13.97 42.74 -6.81
CA ILE B 1162 13.34 42.90 -8.12
C ILE B 1162 14.19 43.72 -9.08
N ARG B 1163 14.84 44.78 -8.58
CA ARG B 1163 15.54 45.70 -9.46
C ARG B 1163 16.80 45.07 -10.04
N LYS B 1164 17.74 44.71 -9.16
CA LYS B 1164 19.06 44.23 -9.59
C LYS B 1164 19.71 45.22 -10.56
N ASP B 1165 19.71 46.49 -10.17
CA ASP B 1165 20.34 47.54 -10.96
C ASP B 1165 21.64 48.05 -10.34
N LEU B 1166 21.98 47.63 -9.13
CA LEU B 1166 23.26 48.00 -8.55
C LEU B 1166 24.40 47.42 -9.38
N SER B 1167 25.35 48.27 -9.76
CA SER B 1167 26.42 47.84 -10.63
C SER B 1167 27.32 46.82 -9.93
N ARG B 1168 27.82 45.87 -10.71
CA ARG B 1168 28.78 44.85 -10.26
C ARG B 1168 29.98 44.94 -11.20
N LYS B 1169 30.92 45.81 -10.83
CA LYS B 1169 32.07 46.12 -11.68
C LYS B 1169 33.32 45.48 -11.10
N LEU B 1170 34.23 45.06 -11.99
CA LEU B 1170 35.55 44.55 -11.63
C LEU B 1170 35.48 43.31 -10.74
N GLY B 1171 34.88 42.23 -11.23
CA GLY B 1171 34.93 40.99 -10.50
C GLY B 1171 33.64 40.20 -10.40
N ARG B 1172 33.66 39.17 -9.56
CA ARG B 1172 32.53 38.30 -9.27
C ARG B 1172 31.51 39.09 -8.44
N SER B 1173 30.57 38.37 -7.82
CA SER B 1173 29.31 38.90 -7.31
C SER B 1173 28.39 39.17 -8.48
N THR B 1174 28.40 38.25 -9.44
CA THR B 1174 27.56 38.28 -10.64
C THR B 1174 26.08 38.25 -10.29
N THR B 1175 25.77 38.19 -8.98
CA THR B 1175 24.45 37.77 -8.51
C THR B 1175 23.34 38.55 -9.19
N LEU B 1176 23.54 39.85 -9.38
CA LEU B 1176 22.53 40.66 -10.04
C LEU B 1176 22.34 40.25 -11.50
N ALA B 1177 23.43 39.90 -12.20
CA ALA B 1177 23.34 39.60 -13.63
C ALA B 1177 22.47 38.37 -13.89
N ASP B 1178 22.67 37.29 -13.14
CA ASP B 1178 21.89 36.08 -13.37
C ASP B 1178 20.42 36.33 -12.99
N GLU B 1179 20.21 37.04 -11.88
CA GLU B 1179 18.88 37.29 -11.33
C GLU B 1179 18.03 38.18 -12.25
N ILE B 1180 18.63 39.21 -12.85
CA ILE B 1180 17.85 40.13 -13.67
C ILE B 1180 17.20 39.40 -14.84
N TYR B 1181 17.94 38.47 -15.47
CA TYR B 1181 17.36 37.73 -16.57
C TYR B 1181 16.18 36.87 -16.12
N PHE B 1182 16.23 36.35 -14.89
CA PHE B 1182 15.09 35.59 -14.38
C PHE B 1182 13.84 36.47 -14.31
N GLU B 1183 14.01 37.74 -13.96
CA GLU B 1183 12.88 38.66 -13.94
C GLU B 1183 12.26 38.78 -15.32
N LYS B 1184 13.08 38.80 -16.36
CA LYS B 1184 12.58 38.81 -17.73
C LYS B 1184 11.66 37.61 -17.99
N LYS B 1185 11.85 36.53 -17.24
CA LYS B 1185 11.02 35.33 -17.36
C LYS B 1185 9.74 35.42 -16.53
N ARG B 1186 9.53 36.52 -15.80
CA ARG B 1186 8.31 36.71 -15.03
C ARG B 1186 7.22 37.42 -15.80
N GLN B 1187 7.20 37.26 -17.13
CA GLN B 1187 6.19 37.90 -17.97
C GLN B 1187 6.19 39.41 -17.74
N GLU B 1188 7.35 40.01 -17.99
CA GLU B 1188 7.50 41.44 -17.81
C GLU B 1188 6.61 42.19 -18.81
N LEU B 1189 6.34 43.45 -18.50
CA LEU B 1189 5.59 44.32 -19.39
C LEU B 1189 6.56 44.96 -20.38
N LEU B 1190 6.87 44.23 -21.45
CA LEU B 1190 7.89 44.64 -22.41
C LEU B 1190 7.80 43.72 -23.61
N ASN B 1191 8.73 43.90 -24.55
CA ASN B 1191 8.85 43.02 -25.70
C ASN B 1191 9.67 41.78 -25.36
N GLU B 1212 10.90 47.91 -21.61
CA GLU B 1212 11.83 46.85 -21.97
C GLU B 1212 12.85 46.61 -20.86
N ASP B 1213 13.46 47.69 -20.38
CA ASP B 1213 14.48 47.64 -19.36
C ASP B 1213 14.03 48.24 -18.04
N ILE B 1214 13.41 49.42 -18.07
CA ILE B 1214 12.91 50.10 -16.89
C ILE B 1214 11.43 49.76 -16.66
N THR B 1215 10.93 48.73 -17.33
CA THR B 1215 9.49 48.45 -17.33
C THR B 1215 9.02 47.75 -16.06
N ASP B 1216 9.49 46.52 -15.81
CA ASP B 1216 9.00 45.77 -14.67
C ASP B 1216 9.36 46.43 -13.34
N LEU B 1217 10.52 47.09 -13.27
CA LEU B 1217 10.91 47.73 -12.02
C LEU B 1217 9.87 48.76 -11.62
N ASP B 1218 9.39 49.54 -12.59
CA ASP B 1218 8.33 50.50 -12.31
C ASP B 1218 7.05 49.80 -11.91
N ALA B 1219 6.77 48.64 -12.49
CA ALA B 1219 5.53 47.94 -12.19
C ALA B 1219 5.42 47.59 -10.71
N LEU B 1220 6.52 47.13 -10.11
CA LEU B 1220 6.50 46.74 -8.70
C LEU B 1220 6.48 47.91 -7.73
N GLU B 1221 6.78 49.13 -8.17
CA GLU B 1221 6.83 50.26 -7.23
C GLU B 1221 5.49 50.46 -6.54
N LEU B 1222 4.39 50.21 -7.25
CA LEU B 1222 3.07 50.39 -6.67
C LEU B 1222 2.82 49.42 -5.52
N GLU B 1223 3.31 48.18 -5.62
CA GLU B 1223 3.02 47.17 -4.61
C GLU B 1223 3.55 47.59 -3.24
N ASN B 1224 4.81 48.04 -3.18
CA ASN B 1224 5.36 48.47 -1.90
C ASN B 1224 4.68 49.75 -1.42
N GLY B 1225 4.52 50.73 -2.31
CA GLY B 1225 3.89 51.98 -1.96
C GLY B 1225 2.48 51.82 -1.42
N ASN B 1229 0.86 48.73 -1.67
CA ASN B 1229 -0.47 49.26 -1.97
C ASN B 1229 -1.33 48.21 -2.67
N SER B 1230 -0.92 47.81 -3.87
CA SER B 1230 -1.70 46.89 -4.71
C SER B 1230 -0.96 45.59 -4.88
N GLY B 1231 -1.66 44.48 -4.62
CA GLY B 1231 -1.01 43.18 -4.63
C GLY B 1231 -0.66 42.70 -6.03
N MET B 1232 0.44 41.95 -6.11
CA MET B 1232 0.90 41.30 -7.34
C MET B 1232 1.38 39.90 -6.96
N SER B 1233 1.64 39.07 -7.97
CA SER B 1233 2.28 37.77 -7.74
C SER B 1233 3.77 38.06 -7.86
N VAL B 1234 4.38 38.43 -6.73
CA VAL B 1234 5.73 38.98 -6.69
C VAL B 1234 6.80 37.91 -6.66
N LEU B 1235 8.06 38.33 -6.85
CA LEU B 1235 9.25 37.48 -6.73
C LEU B 1235 10.06 37.98 -5.55
N LEU B 1236 9.73 37.50 -4.35
CA LEU B 1236 10.47 37.88 -3.16
C LEU B 1236 11.52 36.82 -2.82
N PRO B 1237 12.62 37.20 -2.17
CA PRO B 1237 13.65 36.21 -1.83
C PRO B 1237 13.10 35.32 -0.73
N LEU B 1238 13.25 34.01 -0.90
CA LEU B 1238 12.89 33.02 0.10
C LEU B 1238 13.57 33.42 1.40
N ARG B 1239 12.78 33.49 2.47
CA ARG B 1239 13.29 33.76 3.81
C ARG B 1239 12.74 32.71 4.77
N LEU B 1240 13.63 31.91 5.35
CA LEU B 1240 13.23 30.88 6.28
C LEU B 1240 12.78 31.50 7.60
N PRO B 1241 11.90 30.82 8.34
CA PRO B 1241 11.38 31.39 9.58
C PRO B 1241 12.47 31.55 10.63
N GLU B 1242 12.09 32.15 11.75
CA GLU B 1242 12.95 32.26 12.91
C GLU B 1242 12.75 31.05 13.82
N ILE B 1243 13.85 30.40 14.18
CA ILE B 1243 13.79 29.16 14.95
C ILE B 1243 13.18 29.46 16.31
N PRO B 1244 12.50 28.49 16.94
CA PRO B 1244 11.90 28.75 18.25
C PRO B 1244 12.98 29.01 19.29
N PRO B 1245 12.62 29.69 20.38
CA PRO B 1245 13.60 29.89 21.47
C PRO B 1245 13.91 28.58 22.16
N LYS B 1246 15.18 28.23 22.18
CA LYS B 1246 15.63 26.97 22.78
C LYS B 1246 15.76 27.16 24.29
N GLY B 1247 14.87 26.53 25.05
CA GLY B 1247 14.89 26.68 26.49
C GLY B 1247 16.18 26.17 27.09
N ASP B 1248 16.54 26.75 28.23
CA ASP B 1248 17.80 26.42 28.89
C ASP B 1248 17.66 25.11 29.66
N PHE B 1249 18.44 24.11 29.25
CA PHE B 1249 18.45 22.81 29.90
C PHE B 1249 19.74 22.11 29.52
N ASP B 1250 20.57 21.79 30.50
CA ASP B 1250 21.79 21.07 30.21
C ASP B 1250 21.47 19.65 29.78
N VAL B 1251 21.80 19.31 28.54
CA VAL B 1251 21.64 17.94 28.10
C VAL B 1251 22.59 17.01 28.84
N THR B 1252 23.68 17.55 29.38
CA THR B 1252 24.71 16.77 30.06
C THR B 1252 24.23 16.17 31.38
N VAL B 1253 23.01 16.48 31.82
CA VAL B 1253 22.47 15.85 33.02
C VAL B 1253 21.95 14.44 32.80
N LEU B 1254 21.97 13.92 31.57
CA LEU B 1254 21.50 12.56 31.37
C LEU B 1254 22.55 11.51 31.70
N ARG B 1255 23.81 11.92 31.82
CA ARG B 1255 24.89 10.96 32.02
C ARG B 1255 24.69 10.09 33.25
N ASN B 1256 23.84 10.50 34.18
CA ASN B 1256 23.63 9.79 35.44
C ASN B 1256 22.21 9.27 35.57
N SER B 1257 21.51 9.07 34.46
CA SER B 1257 20.17 8.51 34.45
C SER B 1257 20.25 7.09 33.91
N GLN B 1258 19.97 6.11 34.75
CA GLN B 1258 20.05 4.72 34.35
C GLN B 1258 18.79 4.22 33.69
N TYR B 1259 17.71 5.00 33.69
CA TYR B 1259 16.46 4.62 33.05
C TYR B 1259 16.30 5.22 31.66
N PHE B 1260 17.32 5.94 31.17
CA PHE B 1260 17.27 6.51 29.83
C PHE B 1260 17.08 5.42 28.78
N PHE B 1261 17.92 4.39 28.82
CA PHE B 1261 17.84 3.22 27.94
C PHE B 1261 17.81 1.98 28.82
N SER B 1262 16.63 1.45 29.05
CA SER B 1262 16.51 0.18 29.77
C SER B 1262 15.14 -0.43 29.57
PG GTP E 1 2.67 -3.24 14.31
O1G GTP E 1 1.37 -3.78 14.85
O2G GTP E 1 3.56 -2.69 15.39
O3G GTP E 1 2.47 -2.27 13.17
O3B GTP E 1 3.44 -4.51 13.69
PB GTP E 1 2.92 -5.79 12.89
O1B GTP E 1 1.82 -6.43 13.70
O2B GTP E 1 2.65 -5.39 11.48
O3A GTP E 1 4.20 -6.73 12.94
PA GTP E 1 5.17 -7.99 12.69
O1A GTP E 1 4.54 -8.20 11.35
O2A GTP E 1 5.15 -9.08 13.69
O5' GTP E 1 6.71 -7.59 12.49
C5' GTP E 1 7.22 -6.93 13.89
C4' GTP E 1 8.52 -6.33 13.46
O4' GTP E 1 8.50 -6.06 12.04
C3' GTP E 1 8.85 -4.99 14.09
O3' GTP E 1 9.47 -5.12 15.36
C2' GTP E 1 9.76 -4.34 13.07
O2' GTP E 1 11.08 -4.84 13.18
C1' GTP E 1 9.17 -4.85 11.75
N9 GTP E 1 8.19 -3.92 11.17
C8 GTP E 1 6.85 -4.15 11.04
N7 GTP E 1 6.20 -3.18 10.48
C5 GTP E 1 7.19 -2.25 10.21
C6 GTP E 1 7.08 -0.99 9.61
O6 GTP E 1 6.07 -0.43 9.17
N1 GTP E 1 8.32 -0.36 9.53
C2 GTP E 1 9.50 -0.88 9.97
N2 GTP E 1 10.59 -0.11 9.80
N3 GTP E 1 9.61 -2.07 10.54
C4 GTP E 1 8.42 -2.68 10.62
PA P5E F . 9.10 2.09 18.98
O2A P5E F . 10.21 1.79 19.91
O3A P5E F . 7.96 2.94 19.80
O5' P5E F . 9.69 3.02 17.76
PB P5E F . 8.38 3.98 21.00
O1B P5E F . 7.96 5.34 20.66
O2B P5E F . 9.85 3.93 21.16
O3B P5E F . 7.70 3.50 22.43
PG P5E F . 8.62 2.88 23.65
O1G P5E F . 9.28 4.01 24.40
O2G P5E F . 7.76 2.10 24.60
O3G P5E F . 9.63 2.01 23.08
C5' P5E F . 10.82 3.75 18.04
C4' P5E F . 11.18 4.73 16.86
O4' P5E F . 10.31 4.40 15.58
C1' P5E F . 9.49 5.64 15.34
C2' P5E F . 9.47 6.27 16.51
O2' P5E F . 9.40 7.68 16.29
C3' P5E F . 10.89 5.95 17.17
O3' P5E F . 11.88 6.84 16.60
N1 P5E F . 8.13 5.26 14.90
C6 P5E F . 7.54 4.20 15.47
C2 P5E F . 7.49 5.95 13.93
O2 P5E F . 8.02 6.88 13.43
N3 P5E F . 6.25 5.58 13.54
C4 P5E F . 5.67 4.55 14.10
O4 P5E F . 4.62 4.24 13.76
C5 P5E F . 6.33 3.84 15.09
S1A P5E F . 8.36 0.90 18.42
MG MG G . 11.31 2.26 21.72
#